data_3RDE
#
_entry.id   3RDE
#
_cell.length_a   83.450
_cell.length_b   181.540
_cell.length_c   91.610
_cell.angle_alpha   90.00
_cell.angle_beta   92.86
_cell.angle_gamma   90.00
#
_symmetry.space_group_name_H-M   'P 1 21 1'
#
loop_
_entity.id
_entity.type
_entity.pdbx_description
1 polymer 'Arachidonate 12-lipoxygenase, 12S-type'
2 non-polymer 'POTASSIUM ION'
3 non-polymer 'FE (II) ION'
4 non-polymer '3-{4-[(tridec-2-yn-1-yloxy)methyl]phenyl}propanoic acid'
5 water water
#
_entity_poly.entity_id   1
_entity_poly.type   'polypeptide(L)'
_entity_poly.pdbx_seq_one_letter_code
;MGSSHHHHHHSSGLVPRGSHMGTARTVVDDPQGLFKKHREEELAERRKLYRWGNWKDGLILNIASTGIHDLPVDERFLED
KRIDFEASLAKGLADLAVKDSLNVLMSWNSLDSFNRIFWSGQSKLAERVRDSWKEDALFGYQFLNGTNPMLLRHSVELPA
RLKFPPGMEELQAQLEKELQGGTLFEADFSLLDGIKANVILSSQQYLAVPLVMLKLQPDGKLLPMVIQLQLPREGSPLPP
LFLPTDPPMVWLLAKCWVRSSDFQLHELHSHLLRGHLMAEVIAVATMRCLPSIHPIFKLLIPHFRYTMEINVRARNGLVS
DLGIFDQVVSTGGGGHVELLRRAAALLTYSSFCPPDDLADRGLLGVESSFYAQDALRLWEVISRYVEGIVSLHYKTDESV
KEDFELQAWCREFTEIGLLGAQDRGFPVSLQSKEQLCHFVTMCIFTCTGQHSSNHLGQLDWYTWVPNAPCTMRLPPPTTK
DATLETVMATLPNFHQASLQMSITWQLGRCQPTMVALGQHEEEYFSGPGPKAVLTKFREELAALDKDIEVRNAKLALPYE
YLRPSRVENSVAI
;
_entity_poly.pdbx_strand_id   A,B,C,D
#
# COMPACT_ATOMS: atom_id res chain seq x y z
N GLY A 22 -41.14 18.52 -15.96
CA GLY A 22 -42.64 18.67 -16.15
C GLY A 22 -43.54 17.50 -15.80
N THR A 23 -44.86 17.75 -15.78
CA THR A 23 -45.82 16.67 -15.68
C THR A 23 -45.61 15.71 -16.87
N ALA A 24 -45.60 14.40 -16.58
CA ALA A 24 -45.46 13.42 -17.63
C ALA A 24 -46.73 13.41 -18.52
N ARG A 25 -46.60 13.11 -19.81
CA ARG A 25 -47.79 12.97 -20.65
C ARG A 25 -47.66 11.88 -21.71
N THR A 26 -48.58 10.91 -21.72
CA THR A 26 -48.60 9.95 -22.79
C THR A 26 -49.27 10.55 -24.00
N VAL A 27 -49.18 9.87 -25.14
CA VAL A 27 -49.87 10.35 -26.34
C VAL A 27 -51.41 10.28 -26.12
N VAL A 28 -51.88 9.38 -25.27
CA VAL A 28 -53.31 9.29 -24.99
C VAL A 28 -53.76 10.58 -24.22
N ASP A 29 -52.90 11.12 -23.40
CA ASP A 29 -53.14 12.34 -22.58
C ASP A 29 -53.19 13.60 -23.44
N ASP A 30 -52.84 13.49 -24.70
CA ASP A 30 -52.54 14.62 -25.56
C ASP A 30 -53.26 14.52 -26.91
N PRO A 31 -54.60 14.44 -26.87
CA PRO A 31 -55.33 14.24 -28.11
C PRO A 31 -55.21 15.42 -29.06
N GLN A 32 -54.88 16.64 -28.57
CA GLN A 32 -54.76 17.76 -29.50
C GLN A 32 -53.33 17.93 -30.06
N GLY A 33 -52.40 17.07 -29.64
CA GLY A 33 -51.05 17.13 -30.14
C GLY A 33 -50.27 18.34 -29.74
N LEU A 34 -50.50 18.82 -28.52
CA LEU A 34 -49.75 19.94 -28.00
C LEU A 34 -48.24 19.56 -27.81
N PHE A 35 -47.93 18.27 -27.55
CA PHE A 35 -46.55 17.83 -27.32
C PHE A 35 -46.06 16.91 -28.45
N LYS A 36 -46.83 16.78 -29.53
CA LYS A 36 -46.52 15.84 -30.61
C LYS A 36 -45.27 16.16 -31.39
N LYS A 37 -45.17 17.41 -31.84
CA LYS A 37 -43.98 17.76 -32.55
C LYS A 37 -42.69 17.54 -31.71
N HIS A 38 -42.65 18.03 -30.48
CA HIS A 38 -41.46 17.90 -29.63
C HIS A 38 -41.13 16.41 -29.35
N ARG A 39 -42.10 15.58 -29.02
CA ARG A 39 -41.80 14.17 -28.74
C ARG A 39 -41.37 13.41 -29.99
N GLU A 40 -41.92 13.77 -31.14
CA GLU A 40 -41.58 13.10 -32.38
C GLU A 40 -40.15 13.47 -32.82
N GLU A 41 -39.81 14.73 -32.71
CA GLU A 41 -38.47 15.21 -32.92
C GLU A 41 -37.40 14.59 -31.98
N GLU A 42 -37.74 14.50 -30.69
CA GLU A 42 -36.85 13.79 -29.76
C GLU A 42 -36.66 12.31 -30.15
N LEU A 43 -37.74 11.57 -30.48
CA LEU A 43 -37.59 10.18 -30.83
C LEU A 43 -36.78 9.99 -32.13
N ALA A 44 -36.92 10.89 -33.07
CA ALA A 44 -36.17 10.78 -34.32
C ALA A 44 -34.70 10.96 -34.00
N GLU A 45 -34.36 11.90 -33.13
CA GLU A 45 -32.94 12.06 -32.70
C GLU A 45 -32.43 10.87 -31.85
N ARG A 46 -33.29 10.36 -30.95
CA ARG A 46 -32.93 9.17 -30.18
C ARG A 46 -32.54 8.00 -31.08
N ARG A 47 -33.27 7.84 -32.16
CA ARG A 47 -33.15 6.65 -33.00
C ARG A 47 -31.92 6.76 -33.89
N LYS A 48 -31.38 7.96 -34.06
CA LYS A 48 -30.05 8.16 -34.68
C LYS A 48 -28.88 7.97 -33.78
N LEU A 49 -29.02 8.38 -32.51
CA LEU A 49 -27.99 8.30 -31.50
C LEU A 49 -27.92 6.86 -30.91
N TYR A 50 -29.06 6.26 -30.63
CA TYR A 50 -29.16 4.91 -30.04
C TYR A 50 -29.61 3.94 -31.06
N ARG A 51 -28.68 3.34 -31.78
CA ARG A 51 -28.97 2.35 -32.76
C ARG A 51 -28.61 0.95 -32.26
N TRP A 52 -29.27 -0.06 -32.80
CA TRP A 52 -28.94 -1.38 -32.48
C TRP A 52 -27.62 -1.81 -33.20
N GLY A 53 -26.69 -2.37 -32.43
CA GLY A 53 -25.58 -3.14 -33.01
C GLY A 53 -25.69 -4.61 -32.66
N ASN A 54 -24.76 -5.37 -33.22
CA ASN A 54 -24.80 -6.81 -33.04
C ASN A 54 -23.34 -7.31 -32.95
N TRP A 55 -22.87 -7.40 -31.72
CA TRP A 55 -21.47 -7.67 -31.46
C TRP A 55 -21.14 -9.11 -32.01
N LYS A 56 -22.02 -10.05 -31.74
CA LYS A 56 -21.82 -11.41 -32.23
C LYS A 56 -23.09 -12.00 -32.77
N ASP A 57 -23.00 -12.68 -33.92
CA ASP A 57 -24.20 -13.39 -34.44
C ASP A 57 -24.85 -14.33 -33.44
N GLY A 58 -26.18 -14.19 -33.26
CA GLY A 58 -26.95 -15.00 -32.31
C GLY A 58 -27.14 -14.43 -30.91
N LEU A 59 -26.37 -13.38 -30.59
CA LEU A 59 -26.52 -12.74 -29.34
C LEU A 59 -27.66 -11.70 -29.46
N ILE A 60 -28.39 -11.53 -28.37
CA ILE A 60 -29.29 -10.36 -28.25
C ILE A 60 -28.50 -9.09 -28.62
N LEU A 61 -29.21 -8.11 -29.15
CA LEU A 61 -28.57 -6.91 -29.69
C LEU A 61 -28.13 -5.97 -28.60
N ASN A 62 -27.23 -5.05 -28.96
CA ASN A 62 -26.59 -4.16 -28.05
C ASN A 62 -26.61 -2.77 -28.66
N ILE A 63 -26.05 -1.80 -27.99
CA ILE A 63 -25.90 -0.48 -28.52
C ILE A 63 -24.82 -0.53 -29.60
N ALA A 64 -25.09 0.15 -30.70
CA ALA A 64 -24.13 0.28 -31.79
C ALA A 64 -23.09 1.33 -31.43
N SER A 65 -21.86 0.87 -31.20
CA SER A 65 -20.79 1.74 -30.75
C SER A 65 -19.48 1.01 -30.82
N THR A 66 -18.53 1.50 -31.56
CA THR A 66 -17.31 0.72 -31.74
C THR A 66 -16.50 0.65 -30.47
N GLY A 67 -16.46 1.72 -29.75
CA GLY A 67 -15.90 1.75 -28.41
C GLY A 67 -16.48 2.90 -27.64
N ILE A 68 -15.92 3.12 -26.46
CA ILE A 68 -16.51 4.08 -25.47
C ILE A 68 -16.49 5.53 -26.00
N HIS A 69 -15.49 5.84 -26.85
CA HIS A 69 -15.45 7.19 -27.48
C HIS A 69 -16.58 7.46 -28.43
N ASP A 70 -17.23 6.42 -28.93
CA ASP A 70 -18.37 6.53 -29.86
C ASP A 70 -19.75 6.67 -29.21
N LEU A 71 -19.85 6.58 -27.91
CA LEU A 71 -21.13 6.49 -27.22
C LEU A 71 -21.74 7.85 -27.15
N PRO A 72 -23.07 7.91 -27.19
CA PRO A 72 -23.64 9.26 -26.88
C PRO A 72 -23.14 9.87 -25.60
N VAL A 73 -23.00 11.20 -25.59
CA VAL A 73 -22.37 11.87 -24.48
C VAL A 73 -23.02 11.64 -23.15
N ASP A 74 -24.34 11.50 -23.10
CA ASP A 74 -25.03 11.40 -21.83
C ASP A 74 -24.84 9.95 -21.28
N GLU A 75 -24.25 9.04 -22.04
CA GLU A 75 -24.01 7.66 -21.53
C GLU A 75 -22.62 7.50 -20.94
N ARG A 76 -21.76 8.51 -21.06
CA ARG A 76 -20.37 8.41 -20.64
C ARG A 76 -20.23 8.44 -19.12
N PHE A 77 -19.25 7.70 -18.60
CA PHE A 77 -18.89 7.77 -17.20
C PHE A 77 -18.61 9.25 -16.85
N LEU A 78 -19.09 9.71 -15.72
CA LEU A 78 -18.59 10.95 -15.14
C LEU A 78 -17.17 10.71 -14.65
N GLU A 79 -16.46 11.80 -14.44
CA GLU A 79 -15.09 11.73 -13.96
C GLU A 79 -14.84 10.83 -12.77
N ASP A 80 -15.65 10.94 -11.73
CA ASP A 80 -15.45 10.15 -10.58
C ASP A 80 -15.42 8.60 -10.89
N LYS A 81 -16.40 8.17 -11.67
CA LYS A 81 -16.52 6.76 -12.06
C LYS A 81 -15.40 6.34 -12.99
N ARG A 82 -15.05 7.18 -13.94
CA ARG A 82 -13.96 6.89 -14.82
C ARG A 82 -12.61 6.73 -14.06
N ILE A 83 -12.34 7.64 -13.14
CA ILE A 83 -11.13 7.58 -12.34
C ILE A 83 -11.14 6.29 -11.47
N ASP A 84 -12.29 6.01 -10.82
CA ASP A 84 -12.42 4.87 -10.01
C ASP A 84 -12.19 3.58 -10.79
N PHE A 85 -12.83 3.47 -11.93
CA PHE A 85 -12.79 2.21 -12.66
C PHE A 85 -11.37 1.98 -13.17
N GLU A 86 -10.76 3.01 -13.75
CA GLU A 86 -9.39 2.91 -14.24
C GLU A 86 -8.31 2.65 -13.19
N ALA A 87 -8.41 3.36 -12.05
CA ALA A 87 -7.40 3.29 -10.98
C ALA A 87 -7.52 1.94 -10.34
N SER A 88 -8.76 1.45 -10.24
CA SER A 88 -8.89 0.16 -9.57
C SER A 88 -8.27 -0.95 -10.48
N LEU A 89 -8.44 -0.88 -11.79
CA LEU A 89 -7.67 -1.78 -12.69
C LEU A 89 -6.17 -1.61 -12.47
N ALA A 90 -5.68 -0.36 -12.46
CA ALA A 90 -4.26 -0.19 -12.27
C ALA A 90 -3.79 -0.84 -10.97
N LYS A 91 -4.54 -0.72 -9.89
CA LYS A 91 -4.07 -1.25 -8.62
C LYS A 91 -4.08 -2.81 -8.76
N GLY A 92 -5.09 -3.36 -9.43
CA GLY A 92 -5.22 -4.84 -9.54
C GLY A 92 -4.08 -5.40 -10.36
N LEU A 93 -3.73 -4.68 -11.44
CA LEU A 93 -2.59 -5.07 -12.25
C LEU A 93 -1.22 -4.90 -11.59
N ALA A 94 -1.02 -3.85 -10.81
CA ALA A 94 0.23 -3.68 -9.97
C ALA A 94 0.36 -4.80 -8.93
N ASP A 95 -0.75 -5.21 -8.31
CA ASP A 95 -0.72 -6.32 -7.39
C ASP A 95 -0.37 -7.63 -8.13
N LEU A 96 -0.97 -7.86 -9.25
CA LEU A 96 -0.66 -9.02 -10.05
C LEU A 96 0.81 -9.06 -10.42
N ALA A 97 1.36 -7.93 -10.86
CA ALA A 97 2.85 -7.86 -11.10
C ALA A 97 3.68 -8.28 -9.91
N VAL A 98 3.39 -7.80 -8.69
CA VAL A 98 4.16 -8.17 -7.52
C VAL A 98 3.99 -9.68 -7.30
N LYS A 99 2.74 -10.16 -7.34
CA LYS A 99 2.49 -11.59 -7.08
C LYS A 99 3.23 -12.48 -8.04
N ASP A 100 3.15 -12.18 -9.30
CA ASP A 100 3.84 -12.94 -10.30
C ASP A 100 5.38 -12.89 -10.16
N SER A 101 5.89 -11.74 -9.73
CA SER A 101 7.35 -11.59 -9.62
C SER A 101 7.92 -12.47 -8.50
N LEU A 102 7.17 -12.70 -7.43
CA LEU A 102 7.60 -13.55 -6.34
C LEU A 102 7.34 -15.02 -6.72
N ASN A 103 6.14 -15.32 -7.23
CA ASN A 103 5.82 -16.72 -7.54
C ASN A 103 6.64 -17.45 -8.59
N VAL A 104 7.20 -16.75 -9.54
CA VAL A 104 8.09 -17.40 -10.49
C VAL A 104 9.34 -17.92 -9.78
N LEU A 105 9.69 -17.41 -8.60
CA LEU A 105 10.94 -17.82 -7.89
C LEU A 105 10.71 -19.02 -6.95
N MET A 106 9.48 -19.53 -6.91
CA MET A 106 9.11 -20.48 -5.91
C MET A 106 8.33 -21.68 -6.46
N SER A 107 8.18 -22.68 -5.61
CA SER A 107 7.46 -23.90 -5.98
C SER A 107 5.97 -23.60 -5.90
N TRP A 108 5.19 -24.38 -6.61
CA TRP A 108 3.71 -24.25 -6.60
C TRP A 108 3.17 -25.67 -6.51
N ASN A 109 3.23 -26.26 -5.33
CA ASN A 109 2.99 -27.72 -5.20
C ASN A 109 2.06 -28.09 -4.03
N SER A 110 1.38 -27.09 -3.48
CA SER A 110 0.50 -27.29 -2.35
C SER A 110 -0.68 -26.34 -2.48
N LEU A 111 -1.83 -26.73 -1.97
CA LEU A 111 -3.03 -25.85 -1.86
C LEU A 111 -2.65 -24.68 -0.97
N ASP A 112 -1.61 -24.86 -0.16
CA ASP A 112 -1.14 -23.79 0.64
C ASP A 112 -0.45 -22.75 -0.23
N SER A 113 -0.02 -23.07 -1.46
CA SER A 113 0.54 -22.03 -2.35
C SER A 113 -0.43 -20.87 -2.71
N PHE A 114 -1.74 -21.15 -2.71
CA PHE A 114 -2.71 -20.15 -2.98
C PHE A 114 -2.75 -19.12 -1.82
N ASN A 115 -2.30 -19.47 -0.61
CA ASN A 115 -2.18 -18.47 0.43
C ASN A 115 -1.30 -17.30 0.00
N ARG A 116 -0.30 -17.56 -0.81
CA ARG A 116 0.71 -16.56 -1.13
C ARG A 116 0.13 -15.48 -1.92
N ILE A 117 -0.91 -15.77 -2.70
CA ILE A 117 -1.61 -14.74 -3.49
C ILE A 117 -2.83 -14.10 -2.77
N PHE A 118 -3.21 -14.64 -1.60
CA PHE A 118 -4.39 -14.17 -0.87
C PHE A 118 -3.97 -13.09 0.08
N TRP A 119 -3.80 -11.92 -0.49
CA TRP A 119 -3.28 -10.80 0.29
C TRP A 119 -4.31 -10.23 1.24
N SER A 120 -3.85 -9.35 2.10
CA SER A 120 -4.70 -8.72 3.07
C SER A 120 -5.70 -7.89 2.35
N GLY A 121 -6.71 -7.47 3.07
CA GLY A 121 -7.78 -6.66 2.49
C GLY A 121 -8.94 -7.46 1.96
N GLN A 122 -8.95 -8.77 2.25
CA GLN A 122 -10.09 -9.61 1.83
C GLN A 122 -11.29 -9.36 2.75
N SER A 123 -12.49 -9.63 2.23
CA SER A 123 -13.68 -9.53 3.04
C SER A 123 -13.68 -10.63 4.11
N LYS A 124 -14.42 -10.38 5.19
CA LYS A 124 -14.63 -11.39 6.23
C LYS A 124 -15.16 -12.71 5.70
N LEU A 125 -16.09 -12.64 4.75
CA LEU A 125 -16.63 -13.88 4.18
C LEU A 125 -15.56 -14.61 3.33
N ALA A 126 -14.71 -13.87 2.62
CA ALA A 126 -13.67 -14.52 1.81
C ALA A 126 -12.67 -15.25 2.78
N GLU A 127 -12.39 -14.62 3.92
CA GLU A 127 -11.52 -15.26 4.96
C GLU A 127 -12.17 -16.55 5.43
N ARG A 128 -13.49 -16.56 5.57
CA ARG A 128 -14.20 -17.80 5.90
C ARG A 128 -14.14 -18.82 4.82
N VAL A 129 -14.27 -18.38 3.56
CA VAL A 129 -14.13 -19.30 2.47
C VAL A 129 -12.72 -19.90 2.43
N ARG A 130 -11.69 -19.07 2.56
CA ARG A 130 -10.34 -19.62 2.57
C ARG A 130 -10.20 -20.75 3.65
N ASP A 131 -10.77 -20.50 4.81
CA ASP A 131 -10.76 -21.53 5.90
C ASP A 131 -11.57 -22.80 5.62
N SER A 132 -12.72 -22.63 5.02
CA SER A 132 -13.73 -23.69 4.95
C SER A 132 -14.09 -24.25 3.61
N TRP A 133 -13.46 -23.79 2.56
CA TRP A 133 -13.84 -24.17 1.25
C TRP A 133 -13.89 -25.65 0.97
N LYS A 134 -13.17 -26.46 1.71
CA LYS A 134 -13.17 -27.87 1.44
C LYS A 134 -14.34 -28.62 2.08
N GLU A 135 -15.12 -27.92 2.88
CA GLU A 135 -16.31 -28.51 3.57
C GLU A 135 -17.44 -28.74 2.62
N ASP A 136 -17.97 -29.97 2.58
CA ASP A 136 -19.09 -30.31 1.65
C ASP A 136 -20.32 -29.37 1.86
N ALA A 137 -20.59 -28.98 3.10
CA ALA A 137 -21.72 -28.11 3.41
C ALA A 137 -21.52 -26.67 2.82
N LEU A 138 -20.27 -26.21 2.77
CA LEU A 138 -19.95 -24.91 2.13
C LEU A 138 -20.03 -25.00 0.67
N PHE A 139 -19.63 -26.12 0.04
CA PHE A 139 -19.86 -26.39 -1.40
C PHE A 139 -21.34 -26.33 -1.77
N GLY A 140 -22.18 -27.03 -0.99
CA GLY A 140 -23.60 -27.09 -1.30
C GLY A 140 -24.25 -25.74 -0.99
N TYR A 141 -23.84 -25.04 0.08
CA TYR A 141 -24.41 -23.77 0.46
C TYR A 141 -24.43 -22.75 -0.65
N GLN A 142 -23.37 -22.74 -1.45
CA GLN A 142 -23.27 -21.79 -2.57
C GLN A 142 -24.33 -21.99 -3.63
N PHE A 143 -24.86 -23.18 -3.82
CA PHE A 143 -26.02 -23.27 -4.74
C PHE A 143 -27.29 -22.52 -4.35
N LEU A 144 -27.50 -22.26 -3.07
CA LEU A 144 -28.61 -21.48 -2.57
C LEU A 144 -28.28 -20.01 -2.46
N ASN A 145 -27.14 -19.71 -1.86
CA ASN A 145 -26.90 -18.39 -1.28
C ASN A 145 -25.46 -17.86 -1.66
N GLY A 146 -24.83 -18.46 -2.66
CA GLY A 146 -23.43 -18.08 -3.09
C GLY A 146 -23.55 -17.11 -4.25
N THR A 147 -22.58 -17.14 -5.13
CA THR A 147 -22.45 -16.14 -6.17
C THR A 147 -23.44 -16.38 -7.27
N ASN A 148 -23.84 -17.63 -7.50
CA ASN A 148 -24.71 -18.03 -8.58
C ASN A 148 -25.99 -18.80 -8.09
N PRO A 149 -27.02 -18.05 -7.62
CA PRO A 149 -28.23 -18.72 -7.13
C PRO A 149 -29.18 -19.19 -8.23
N MET A 150 -28.79 -19.25 -9.50
CA MET A 150 -29.73 -19.28 -10.60
C MET A 150 -29.82 -20.66 -11.22
N LEU A 151 -28.95 -21.59 -10.81
CA LEU A 151 -28.80 -22.86 -11.45
C LEU A 151 -29.58 -24.00 -10.76
N LEU A 152 -29.57 -24.01 -9.44
CA LEU A 152 -30.17 -25.12 -8.68
C LEU A 152 -31.66 -25.27 -8.99
N ARG A 153 -32.09 -26.53 -9.11
CA ARG A 153 -33.47 -26.87 -9.35
C ARG A 153 -33.84 -28.05 -8.39
N HIS A 154 -35.03 -27.98 -7.85
CA HIS A 154 -35.67 -29.12 -7.20
C HIS A 154 -35.88 -30.27 -8.15
N SER A 155 -35.52 -31.49 -7.73
CA SER A 155 -35.61 -32.67 -8.59
C SER A 155 -36.92 -33.39 -8.30
N VAL A 156 -37.63 -33.74 -9.35
CA VAL A 156 -38.87 -34.58 -9.19
C VAL A 156 -38.67 -35.97 -9.79
N GLU A 157 -37.60 -36.17 -10.54
CA GLU A 157 -37.14 -37.48 -10.99
C GLU A 157 -35.59 -37.39 -11.07
N LEU A 158 -34.90 -38.53 -11.14
CA LEU A 158 -33.45 -38.50 -11.47
C LEU A 158 -33.25 -38.08 -12.93
N PRO A 159 -32.28 -37.19 -13.21
CA PRO A 159 -32.01 -36.88 -14.58
C PRO A 159 -31.67 -38.11 -15.42
N ALA A 160 -32.06 -38.09 -16.69
CA ALA A 160 -31.83 -39.16 -17.65
C ALA A 160 -30.33 -39.39 -17.83
N ARG A 161 -29.51 -38.34 -17.66
CA ARG A 161 -28.05 -38.53 -17.74
C ARG A 161 -27.38 -39.26 -16.59
N LEU A 162 -28.02 -39.41 -15.44
CA LEU A 162 -27.41 -40.02 -14.30
C LEU A 162 -27.56 -41.55 -14.40
N LYS A 163 -26.51 -42.19 -14.91
CA LYS A 163 -26.50 -43.62 -15.20
C LYS A 163 -25.48 -44.22 -14.27
N PHE A 164 -25.86 -45.37 -13.69
CA PHE A 164 -25.15 -45.91 -12.53
C PHE A 164 -24.23 -47.02 -12.94
N PRO A 165 -22.93 -46.91 -12.58
CA PRO A 165 -22.12 -48.10 -12.82
C PRO A 165 -22.50 -49.19 -11.81
N PRO A 166 -22.04 -50.44 -12.05
CA PRO A 166 -22.33 -51.48 -11.07
C PRO A 166 -21.81 -51.16 -9.67
N GLY A 167 -22.45 -51.73 -8.67
CA GLY A 167 -21.98 -51.61 -7.28
C GLY A 167 -22.50 -50.40 -6.52
N MET A 168 -23.37 -49.62 -7.13
CA MET A 168 -23.79 -48.34 -6.54
C MET A 168 -25.22 -48.43 -6.03
N GLU A 169 -25.59 -49.59 -5.47
CA GLU A 169 -26.95 -49.77 -5.04
C GLU A 169 -27.30 -48.89 -3.86
N GLU A 170 -26.36 -48.67 -2.96
CA GLU A 170 -26.63 -47.85 -1.81
C GLU A 170 -26.89 -46.37 -2.23
N LEU A 171 -26.06 -45.85 -3.13
CA LEU A 171 -26.27 -44.48 -3.73
C LEU A 171 -27.72 -44.41 -4.26
N GLN A 172 -28.06 -45.39 -5.09
CA GLN A 172 -29.38 -45.43 -5.69
C GLN A 172 -30.48 -45.40 -4.64
N ALA A 173 -30.30 -46.04 -3.50
CA ALA A 173 -31.28 -46.02 -2.44
C ALA A 173 -31.28 -44.69 -1.70
N GLN A 174 -30.14 -44.03 -1.54
CA GLN A 174 -30.16 -42.75 -0.85
C GLN A 174 -30.85 -41.70 -1.74
N LEU A 175 -30.59 -41.73 -3.04
CA LEU A 175 -31.24 -40.82 -4.03
C LEU A 175 -32.77 -41.02 -4.06
N GLU A 176 -33.19 -42.28 -4.14
CA GLU A 176 -34.64 -42.61 -3.95
C GLU A 176 -35.22 -42.08 -2.63
N LYS A 177 -34.60 -42.28 -1.45
CA LYS A 177 -35.15 -41.74 -0.23
C LYS A 177 -35.34 -40.23 -0.28
N GLU A 178 -34.33 -39.52 -0.75
CA GLU A 178 -34.46 -38.04 -0.86
C GLU A 178 -35.56 -37.62 -1.85
N LEU A 179 -35.61 -38.30 -2.99
CA LEU A 179 -36.64 -38.03 -4.00
C LEU A 179 -38.07 -38.26 -3.44
N GLN A 180 -38.27 -39.37 -2.75
CA GLN A 180 -39.58 -39.67 -2.09
C GLN A 180 -39.88 -38.63 -1.02
N GLY A 181 -38.86 -38.11 -0.35
CA GLY A 181 -39.10 -37.11 0.69
C GLY A 181 -39.17 -35.69 0.20
N GLY A 182 -38.95 -35.47 -1.08
CA GLY A 182 -39.05 -34.11 -1.55
C GLY A 182 -37.79 -33.28 -1.27
N THR A 183 -36.70 -33.94 -0.94
CA THR A 183 -35.52 -33.17 -0.52
C THR A 183 -34.31 -33.27 -1.47
N LEU A 184 -34.51 -33.80 -2.66
CA LEU A 184 -33.49 -33.93 -3.67
C LEU A 184 -33.46 -32.74 -4.63
N PHE A 185 -32.25 -32.21 -4.83
CA PHE A 185 -32.02 -31.03 -5.72
C PHE A 185 -30.90 -31.35 -6.64
N GLU A 186 -30.76 -30.59 -7.72
CA GLU A 186 -29.76 -30.87 -8.73
C GLU A 186 -29.18 -29.57 -9.27
N ALA A 187 -27.90 -29.61 -9.62
CA ALA A 187 -27.28 -28.60 -10.46
C ALA A 187 -26.68 -29.30 -11.66
N ASP A 188 -27.22 -29.01 -12.84
CA ASP A 188 -26.88 -29.64 -14.09
C ASP A 188 -26.25 -28.63 -15.06
N PHE A 189 -25.02 -28.87 -15.40
CA PHE A 189 -24.23 -27.95 -16.21
C PHE A 189 -24.23 -28.24 -17.66
N SER A 190 -25.31 -28.89 -18.20
CA SER A 190 -25.35 -29.31 -19.57
C SER A 190 -25.21 -28.20 -20.64
N LEU A 191 -25.39 -26.96 -20.27
CA LEU A 191 -25.04 -25.88 -21.19
C LEU A 191 -23.58 -25.85 -21.70
N LEU A 192 -22.66 -26.52 -20.96
CA LEU A 192 -21.27 -26.58 -21.32
C LEU A 192 -20.99 -27.69 -22.36
N ASP A 193 -22.03 -28.48 -22.68
CA ASP A 193 -21.88 -29.60 -23.63
C ASP A 193 -21.51 -29.08 -25.02
N GLY A 194 -20.39 -29.53 -25.53
CA GLY A 194 -19.95 -29.17 -26.87
C GLY A 194 -19.22 -27.83 -27.00
N ILE A 195 -19.00 -27.16 -25.87
CA ILE A 195 -18.29 -25.84 -25.88
C ILE A 195 -16.78 -26.08 -25.98
N LYS A 196 -16.12 -25.40 -26.90
CA LYS A 196 -14.69 -25.54 -27.09
C LYS A 196 -13.90 -24.81 -25.98
N ALA A 197 -12.89 -25.51 -25.41
CA ALA A 197 -12.04 -24.91 -24.41
C ALA A 197 -10.89 -24.06 -24.96
N ASN A 198 -10.44 -23.14 -24.16
CA ASN A 198 -9.39 -22.20 -24.53
C ASN A 198 -8.02 -22.95 -24.70
N VAL A 199 -7.07 -22.29 -25.38
CA VAL A 199 -5.63 -22.65 -25.38
C VAL A 199 -4.88 -21.40 -24.99
N ILE A 200 -4.07 -21.46 -23.93
CA ILE A 200 -3.44 -20.26 -23.36
C ILE A 200 -1.93 -20.43 -23.51
N LEU A 201 -1.27 -19.54 -24.25
CA LEU A 201 0.20 -19.62 -24.40
C LEU A 201 0.65 -21.05 -24.80
N SER A 202 -0.12 -21.62 -25.72
CA SER A 202 -0.07 -22.97 -26.29
C SER A 202 -0.46 -24.16 -25.38
N SER A 203 -0.88 -23.90 -24.11
CA SER A 203 -1.28 -24.95 -23.22
C SER A 203 -2.79 -25.11 -23.29
N GLN A 204 -3.19 -26.37 -23.42
CA GLN A 204 -4.61 -26.65 -23.57
C GLN A 204 -5.31 -26.39 -22.25
N GLN A 205 -6.48 -25.75 -22.31
CA GLN A 205 -7.35 -25.72 -21.14
C GLN A 205 -8.49 -26.74 -21.33
N TYR A 206 -9.15 -27.04 -20.24
CA TYR A 206 -10.25 -28.03 -20.21
C TYR A 206 -11.51 -27.61 -19.46
N LEU A 207 -12.61 -28.16 -19.97
CA LEU A 207 -13.94 -27.98 -19.45
C LEU A 207 -14.55 -29.37 -19.13
N ALA A 208 -15.39 -29.41 -18.11
CA ALA A 208 -16.26 -30.54 -17.76
C ALA A 208 -17.71 -30.15 -18.09
N VAL A 209 -18.62 -31.12 -17.96
CA VAL A 209 -20.08 -30.90 -18.18
C VAL A 209 -20.80 -31.53 -17.00
N PRO A 210 -20.61 -31.01 -15.80
CA PRO A 210 -21.06 -31.81 -14.65
C PRO A 210 -22.57 -31.87 -14.29
N LEU A 211 -22.86 -32.77 -13.36
CA LEU A 211 -24.10 -32.87 -12.63
C LEU A 211 -23.88 -33.14 -11.20
N VAL A 212 -24.49 -32.39 -10.29
CA VAL A 212 -24.39 -32.61 -8.88
C VAL A 212 -25.80 -32.82 -8.30
N MET A 213 -26.00 -33.93 -7.57
CA MET A 213 -27.23 -34.18 -6.80
C MET A 213 -26.95 -33.84 -5.36
N LEU A 214 -27.85 -33.11 -4.73
CA LEU A 214 -27.73 -32.69 -3.40
C LEU A 214 -28.95 -32.96 -2.60
N LYS A 215 -28.73 -33.20 -1.31
CA LYS A 215 -29.80 -33.29 -0.36
C LYS A 215 -29.99 -32.13 0.57
N LEU A 216 -31.25 -31.71 0.68
CA LEU A 216 -31.58 -30.68 1.65
C LEU A 216 -31.93 -31.34 3.00
N GLN A 217 -31.18 -31.01 4.02
CA GLN A 217 -31.41 -31.57 5.36
C GLN A 217 -32.44 -30.75 6.15
N PRO A 218 -33.09 -31.37 7.17
CA PRO A 218 -33.99 -30.62 8.01
C PRO A 218 -33.41 -29.36 8.70
N ASP A 219 -32.13 -29.38 9.04
CA ASP A 219 -31.47 -28.18 9.59
C ASP A 219 -31.10 -27.08 8.54
N GLY A 220 -31.41 -27.31 7.27
CA GLY A 220 -31.19 -26.32 6.21
C GLY A 220 -29.94 -26.49 5.37
N LYS A 221 -29.03 -27.36 5.82
CA LYS A 221 -27.83 -27.67 5.04
C LYS A 221 -28.16 -28.36 3.74
N LEU A 222 -27.38 -28.07 2.69
CA LEU A 222 -27.57 -28.65 1.40
C LEU A 222 -26.29 -29.37 1.07
N LEU A 223 -26.34 -30.69 1.08
CA LEU A 223 -25.14 -31.59 0.90
C LEU A 223 -25.05 -32.33 -0.42
N PRO A 224 -23.87 -32.35 -1.04
CA PRO A 224 -23.65 -33.04 -2.28
C PRO A 224 -23.64 -34.56 -2.05
N MET A 225 -24.30 -35.30 -2.93
CA MET A 225 -24.47 -36.72 -2.69
C MET A 225 -23.67 -37.43 -3.65
N VAL A 226 -23.61 -36.87 -4.87
CA VAL A 226 -22.87 -37.44 -5.96
C VAL A 226 -22.53 -36.42 -7.04
N ILE A 227 -21.39 -36.60 -7.72
CA ILE A 227 -20.98 -35.77 -8.86
C ILE A 227 -20.60 -36.59 -10.02
N GLN A 228 -21.16 -36.33 -11.18
CA GLN A 228 -20.76 -36.87 -12.44
C GLN A 228 -20.17 -35.70 -13.26
N LEU A 229 -19.00 -35.88 -13.85
CA LEU A 229 -18.32 -34.78 -14.54
C LEU A 229 -18.59 -34.61 -16.00
N GLN A 230 -19.13 -35.64 -16.67
CA GLN A 230 -19.22 -35.68 -18.06
C GLN A 230 -20.55 -36.38 -18.41
N LEU A 231 -21.07 -36.13 -19.59
CA LEU A 231 -22.27 -36.81 -20.09
C LEU A 231 -21.94 -38.23 -20.59
N PRO A 232 -22.80 -39.22 -20.27
CA PRO A 232 -22.56 -40.55 -20.87
C PRO A 232 -22.62 -40.51 -22.38
N ARG A 233 -21.81 -41.36 -22.96
CA ARG A 233 -21.70 -41.56 -24.39
C ARG A 233 -22.04 -43.00 -24.75
N GLU A 234 -23.00 -43.17 -25.63
CA GLU A 234 -23.51 -44.49 -26.02
C GLU A 234 -22.41 -45.49 -26.29
N GLY A 235 -21.36 -45.08 -26.97
CA GLY A 235 -20.38 -46.08 -27.33
C GLY A 235 -19.21 -46.19 -26.40
N SER A 236 -19.46 -45.96 -25.13
CA SER A 236 -18.38 -45.78 -24.23
C SER A 236 -18.77 -46.20 -22.85
N PRO A 237 -17.80 -46.52 -22.04
CA PRO A 237 -18.12 -46.87 -20.64
C PRO A 237 -18.68 -45.67 -19.89
N LEU A 238 -19.37 -45.93 -18.79
CA LEU A 238 -20.04 -44.87 -18.10
C LEU A 238 -19.04 -43.93 -17.45
N PRO A 239 -19.39 -42.62 -17.38
CA PRO A 239 -18.57 -41.78 -16.53
C PRO A 239 -18.57 -42.26 -15.13
N PRO A 240 -17.46 -42.10 -14.41
CA PRO A 240 -17.55 -42.41 -12.99
C PRO A 240 -18.45 -41.44 -12.17
N LEU A 241 -18.96 -41.94 -11.06
CA LEU A 241 -19.70 -41.17 -10.09
C LEU A 241 -18.88 -41.01 -8.86
N PHE A 242 -18.44 -39.75 -8.60
CA PHE A 242 -17.71 -39.37 -7.41
C PHE A 242 -18.59 -39.15 -6.28
N LEU A 243 -18.14 -39.55 -5.10
CA LEU A 243 -18.90 -39.54 -3.85
C LEU A 243 -18.09 -38.96 -2.78
N PRO A 244 -18.72 -38.43 -1.70
CA PRO A 244 -18.08 -37.84 -0.55
C PRO A 244 -17.24 -38.85 0.28
N THR A 245 -17.48 -40.14 0.02
CA THR A 245 -16.65 -41.25 0.62
C THR A 245 -15.46 -41.68 -0.24
N ASP A 246 -15.24 -41.08 -1.42
CA ASP A 246 -14.07 -41.35 -2.20
C ASP A 246 -12.81 -40.85 -1.44
N PRO A 247 -11.64 -41.22 -1.89
CA PRO A 247 -10.42 -40.67 -1.25
C PRO A 247 -10.43 -39.14 -1.26
N PRO A 248 -9.86 -38.51 -0.24
CA PRO A 248 -10.04 -37.09 -0.09
C PRO A 248 -9.72 -36.25 -1.36
N MET A 249 -8.60 -36.52 -2.04
CA MET A 249 -8.22 -35.75 -3.25
C MET A 249 -9.12 -36.03 -4.41
N VAL A 250 -9.58 -37.27 -4.55
CA VAL A 250 -10.55 -37.61 -5.58
C VAL A 250 -11.86 -36.82 -5.47
N TRP A 251 -12.42 -36.75 -4.28
CA TRP A 251 -13.70 -36.03 -4.10
C TRP A 251 -13.44 -34.52 -4.20
N LEU A 252 -12.33 -34.07 -3.62
CA LEU A 252 -11.91 -32.64 -3.75
C LEU A 252 -11.78 -32.23 -5.18
N LEU A 253 -11.11 -33.00 -6.03
CA LEU A 253 -10.95 -32.66 -7.41
C LEU A 253 -12.31 -32.59 -8.13
N ALA A 254 -13.16 -33.58 -7.87
CA ALA A 254 -14.52 -33.55 -8.44
C ALA A 254 -15.26 -32.22 -8.07
N LYS A 255 -15.25 -31.86 -6.80
CA LYS A 255 -15.83 -30.58 -6.34
C LYS A 255 -15.21 -29.39 -7.04
N CYS A 256 -13.86 -29.33 -7.13
CA CYS A 256 -13.20 -28.22 -7.88
C CYS A 256 -13.70 -28.10 -9.29
N TRP A 257 -13.90 -29.24 -9.95
CA TRP A 257 -14.39 -29.21 -11.29
C TRP A 257 -15.85 -28.66 -11.40
N VAL A 258 -16.67 -28.96 -10.41
CA VAL A 258 -18.03 -28.35 -10.39
C VAL A 258 -17.90 -26.84 -10.14
N ARG A 259 -17.08 -26.45 -9.21
CA ARG A 259 -16.82 -25.04 -8.96
C ARG A 259 -16.29 -24.27 -10.20
N SER A 260 -15.34 -24.84 -10.94
CA SER A 260 -14.84 -24.22 -12.17
C SER A 260 -15.95 -24.13 -13.19
N SER A 261 -16.79 -25.18 -13.30
CA SER A 261 -17.92 -25.14 -14.22
C SER A 261 -18.99 -24.06 -13.84
N ASP A 262 -19.26 -23.93 -12.55
CA ASP A 262 -20.15 -22.88 -12.02
C ASP A 262 -19.56 -21.49 -12.29
N PHE A 263 -18.26 -21.29 -12.18
CA PHE A 263 -17.68 -20.02 -12.58
C PHE A 263 -18.08 -19.69 -14.04
N GLN A 264 -17.95 -20.66 -14.99
CA GLN A 264 -18.20 -20.41 -16.38
C GLN A 264 -19.68 -20.02 -16.58
N LEU A 265 -20.59 -20.84 -16.04
CA LEU A 265 -22.04 -20.60 -16.35
C LEU A 265 -22.54 -19.36 -15.54
N HIS A 266 -22.06 -19.18 -14.29
CA HIS A 266 -22.37 -17.98 -13.56
C HIS A 266 -21.94 -16.75 -14.34
N GLU A 267 -20.65 -16.64 -14.67
CA GLU A 267 -20.20 -15.34 -15.22
C GLU A 267 -20.80 -15.07 -16.57
N LEU A 268 -20.94 -16.11 -17.44
CA LEU A 268 -21.51 -15.92 -18.76
C LEU A 268 -23.03 -15.80 -18.87
N HIS A 269 -23.70 -16.70 -18.21
CA HIS A 269 -25.17 -16.83 -18.31
C HIS A 269 -25.85 -16.01 -17.23
N SER A 270 -25.54 -16.24 -15.96
CA SER A 270 -26.27 -15.62 -14.87
C SER A 270 -25.95 -14.13 -14.76
N HIS A 271 -24.65 -13.83 -15.06
CA HIS A 271 -24.11 -12.52 -14.76
C HIS A 271 -24.05 -11.64 -16.04
N LEU A 272 -23.25 -12.00 -17.05
CA LEU A 272 -23.11 -11.27 -18.28
C LEU A 272 -24.43 -11.23 -19.06
N LEU A 273 -24.98 -12.40 -19.40
CA LEU A 273 -26.15 -12.38 -20.26
C LEU A 273 -27.38 -11.85 -19.52
N ARG A 274 -27.73 -12.46 -18.42
CA ARG A 274 -28.96 -12.17 -17.73
C ARG A 274 -28.98 -10.82 -17.00
N GLY A 275 -27.82 -10.35 -16.60
CA GLY A 275 -27.69 -9.09 -15.82
C GLY A 275 -27.37 -8.00 -16.85
N HIS A 276 -26.13 -8.01 -17.27
CA HIS A 276 -25.59 -6.98 -18.10
C HIS A 276 -26.28 -6.84 -19.48
N LEU A 277 -26.30 -7.91 -20.28
CA LEU A 277 -26.76 -7.80 -21.61
C LEU A 277 -28.30 -7.59 -21.72
N MET A 278 -29.06 -8.23 -20.82
CA MET A 278 -30.49 -8.03 -20.83
C MET A 278 -30.78 -6.55 -20.40
N ALA A 279 -30.06 -6.02 -19.43
CA ALA A 279 -30.32 -4.64 -18.99
C ALA A 279 -30.03 -3.66 -20.12
N GLU A 280 -29.02 -3.97 -20.93
CA GLU A 280 -28.69 -3.13 -22.07
C GLU A 280 -29.78 -3.18 -23.15
N VAL A 281 -30.37 -4.35 -23.38
CA VAL A 281 -31.47 -4.45 -24.35
C VAL A 281 -32.65 -3.58 -23.86
N ILE A 282 -32.96 -3.68 -22.58
CA ILE A 282 -33.99 -2.86 -21.99
C ILE A 282 -33.71 -1.36 -22.22
N ALA A 283 -32.47 -0.99 -21.93
CA ALA A 283 -32.06 0.41 -22.05
C ALA A 283 -32.12 0.96 -23.43
N VAL A 284 -31.56 0.24 -24.40
CA VAL A 284 -31.62 0.66 -25.76
C VAL A 284 -33.07 0.73 -26.29
N ALA A 285 -33.90 -0.25 -26.03
CA ALA A 285 -35.24 -0.28 -26.60
C ALA A 285 -35.99 0.95 -26.01
N THR A 286 -35.73 1.21 -24.74
CA THR A 286 -36.39 2.34 -24.03
C THR A 286 -35.91 3.67 -24.63
N MET A 287 -34.59 3.83 -24.81
CA MET A 287 -34.11 5.05 -25.41
C MET A 287 -34.72 5.24 -26.79
N ARG A 288 -34.93 4.18 -27.52
CA ARG A 288 -35.37 4.28 -28.89
C ARG A 288 -36.88 4.58 -29.00
N CYS A 289 -37.68 4.30 -27.99
CA CYS A 289 -39.10 4.32 -28.19
C CYS A 289 -39.87 5.23 -27.22
N LEU A 290 -39.31 5.57 -26.07
CA LEU A 290 -40.09 6.29 -25.02
C LEU A 290 -39.46 7.66 -24.82
N PRO A 291 -40.17 8.71 -25.25
CA PRO A 291 -39.62 10.06 -25.12
C PRO A 291 -39.52 10.54 -23.66
N SER A 292 -38.71 11.59 -23.39
CA SER A 292 -38.45 12.02 -22.02
C SER A 292 -39.68 12.53 -21.29
N ILE A 293 -40.69 13.01 -22.02
CA ILE A 293 -42.01 13.37 -21.38
C ILE A 293 -42.85 12.17 -20.86
N HIS A 294 -42.53 10.97 -21.31
CA HIS A 294 -43.29 9.78 -20.98
C HIS A 294 -43.10 9.31 -19.58
N PRO A 295 -44.19 9.00 -18.88
CA PRO A 295 -44.06 8.56 -17.49
C PRO A 295 -43.20 7.29 -17.32
N ILE A 296 -43.27 6.38 -18.26
CA ILE A 296 -42.51 5.11 -18.08
C ILE A 296 -41.06 5.36 -18.41
N PHE A 297 -40.72 6.26 -19.35
CA PHE A 297 -39.31 6.71 -19.50
C PHE A 297 -38.77 7.26 -18.17
N LYS A 298 -39.55 8.20 -17.58
CA LYS A 298 -39.11 8.82 -16.37
C LYS A 298 -38.92 7.79 -15.24
N LEU A 299 -39.74 6.78 -15.21
CA LEU A 299 -39.66 5.75 -14.17
C LEU A 299 -38.43 4.86 -14.39
N LEU A 300 -38.08 4.62 -15.63
CA LEU A 300 -37.00 3.68 -15.93
C LEU A 300 -35.58 4.27 -15.95
N ILE A 301 -35.47 5.49 -16.48
CA ILE A 301 -34.20 6.14 -16.75
C ILE A 301 -33.10 5.82 -15.75
N PRO A 302 -33.31 6.19 -14.50
CA PRO A 302 -32.22 6.11 -13.51
C PRO A 302 -31.60 4.71 -13.44
N HIS A 303 -32.39 3.73 -13.82
CA HIS A 303 -31.99 2.34 -13.72
C HIS A 303 -31.14 1.88 -14.89
N PHE A 304 -30.88 2.77 -15.86
CA PHE A 304 -29.95 2.50 -16.97
C PHE A 304 -28.53 3.06 -16.81
N ARG A 305 -28.29 3.81 -15.75
CA ARG A 305 -27.03 4.56 -15.54
CA ARG A 305 -27.06 4.58 -15.61
C ARG A 305 -25.80 3.71 -15.73
N TYR A 306 -24.99 4.07 -16.71
CA TYR A 306 -23.66 3.50 -16.96
C TYR A 306 -23.68 2.09 -17.57
N THR A 307 -24.86 1.57 -17.89
CA THR A 307 -24.98 0.20 -18.45
C THR A 307 -24.34 0.06 -19.82
N MET A 308 -24.59 1.01 -20.69
CA MET A 308 -24.00 0.93 -22.01
C MET A 308 -22.48 1.09 -21.98
N GLU A 309 -21.95 1.98 -21.15
CA GLU A 309 -20.47 2.10 -21.16
C GLU A 309 -19.82 0.92 -20.50
N ILE A 310 -20.36 0.41 -19.41
CA ILE A 310 -19.68 -0.74 -18.79
C ILE A 310 -19.67 -1.92 -19.80
N ASN A 311 -20.77 -2.12 -20.51
CA ASN A 311 -20.87 -3.24 -21.44
C ASN A 311 -19.95 -3.05 -22.64
N VAL A 312 -19.83 -1.83 -23.16
CA VAL A 312 -18.91 -1.54 -24.23
C VAL A 312 -17.50 -1.82 -23.76
N ARG A 313 -17.18 -1.43 -22.56
CA ARG A 313 -15.87 -1.74 -21.99
C ARG A 313 -15.65 -3.28 -21.87
N ALA A 314 -16.72 -4.00 -21.57
CA ALA A 314 -16.63 -5.43 -21.41
C ALA A 314 -16.41 -6.07 -22.77
N ARG A 315 -17.14 -5.61 -23.76
CA ARG A 315 -16.92 -6.18 -25.11
C ARG A 315 -15.56 -5.87 -25.74
N ASN A 316 -14.97 -4.76 -25.35
CA ASN A 316 -13.61 -4.37 -25.76
C ASN A 316 -12.42 -4.82 -24.92
N GLY A 317 -12.60 -5.48 -23.79
CA GLY A 317 -11.46 -5.84 -22.93
C GLY A 317 -11.68 -7.09 -22.07
N LEU A 318 -12.96 -7.46 -21.80
CA LEU A 318 -13.25 -8.57 -20.95
C LEU A 318 -13.45 -9.84 -21.77
N VAL A 319 -14.43 -9.81 -22.68
CA VAL A 319 -14.82 -10.93 -23.51
C VAL A 319 -14.36 -10.78 -24.98
N SER A 320 -13.55 -9.74 -25.25
CA SER A 320 -13.03 -9.40 -26.58
C SER A 320 -11.92 -10.35 -26.97
N ASP A 321 -11.59 -10.37 -28.26
CA ASP A 321 -10.37 -11.13 -28.70
C ASP A 321 -9.18 -10.62 -27.99
N LEU A 322 -8.40 -11.54 -27.38
CA LEU A 322 -7.21 -11.25 -26.57
C LEU A 322 -7.49 -10.62 -25.23
N GLY A 323 -8.78 -10.54 -24.84
CA GLY A 323 -9.21 -9.99 -23.58
C GLY A 323 -9.05 -10.96 -22.42
N ILE A 324 -9.67 -10.59 -21.32
CA ILE A 324 -9.41 -11.28 -20.04
C ILE A 324 -9.80 -12.72 -20.19
N PHE A 325 -10.95 -13.01 -20.80
CA PHE A 325 -11.40 -14.40 -20.90
C PHE A 325 -10.40 -15.15 -21.76
N ASP A 326 -9.98 -14.51 -22.84
CA ASP A 326 -9.03 -15.23 -23.73
C ASP A 326 -7.71 -15.48 -22.97
N GLN A 327 -7.32 -14.59 -22.09
CA GLN A 327 -6.07 -14.73 -21.37
C GLN A 327 -6.01 -15.83 -20.31
N VAL A 328 -7.10 -16.03 -19.53
CA VAL A 328 -7.06 -16.88 -18.30
C VAL A 328 -8.23 -17.84 -18.09
N VAL A 329 -9.29 -17.75 -18.90
CA VAL A 329 -10.56 -18.46 -18.61
C VAL A 329 -10.75 -19.68 -19.53
N SER A 330 -11.16 -20.83 -18.95
CA SER A 330 -11.30 -22.00 -19.82
C SER A 330 -12.28 -21.91 -21.02
N THR A 331 -13.35 -21.14 -20.93
CA THR A 331 -14.23 -20.95 -22.07
C THR A 331 -13.73 -19.82 -23.03
N GLY A 332 -12.67 -19.13 -22.64
CA GLY A 332 -12.11 -18.08 -23.43
C GLY A 332 -11.68 -18.65 -24.77
N GLY A 333 -11.48 -17.75 -25.71
CA GLY A 333 -11.08 -18.07 -27.06
C GLY A 333 -12.24 -18.37 -28.01
N GLY A 334 -13.49 -18.22 -27.60
CA GLY A 334 -14.58 -18.35 -28.54
C GLY A 334 -15.72 -19.19 -28.03
N GLY A 335 -15.42 -20.21 -27.21
CA GLY A 335 -16.40 -21.04 -26.61
C GLY A 335 -17.35 -20.21 -25.77
N HIS A 336 -16.83 -19.17 -25.13
CA HIS A 336 -17.65 -18.25 -24.29
C HIS A 336 -18.76 -17.59 -25.14
N VAL A 337 -18.45 -17.24 -26.37
CA VAL A 337 -19.41 -16.59 -27.28
C VAL A 337 -20.44 -17.62 -27.73
N GLU A 338 -19.98 -18.82 -28.02
CA GLU A 338 -20.91 -19.90 -28.35
C GLU A 338 -21.90 -20.18 -27.22
N LEU A 339 -21.46 -20.22 -25.97
CA LEU A 339 -22.30 -20.42 -24.83
C LEU A 339 -23.31 -19.25 -24.74
N LEU A 340 -22.84 -18.04 -24.94
CA LEU A 340 -23.75 -16.82 -24.90
C LEU A 340 -24.84 -16.95 -25.92
N ARG A 341 -24.50 -17.39 -27.15
CA ARG A 341 -25.54 -17.52 -28.20
C ARG A 341 -26.55 -18.62 -27.94
N ARG A 342 -26.08 -19.73 -27.44
CA ARG A 342 -26.98 -20.82 -27.01
C ARG A 342 -27.89 -20.40 -25.82
N ALA A 343 -27.33 -19.70 -24.83
CA ALA A 343 -28.12 -19.27 -23.68
C ALA A 343 -29.15 -18.18 -24.14
N ALA A 344 -28.75 -17.31 -25.04
CA ALA A 344 -29.60 -16.22 -25.53
C ALA A 344 -30.89 -16.75 -26.20
N ALA A 345 -30.74 -17.80 -27.02
CA ALA A 345 -31.85 -18.49 -27.61
C ALA A 345 -32.83 -19.16 -26.61
N LEU A 346 -32.40 -19.46 -25.41
CA LEU A 346 -33.25 -20.07 -24.46
C LEU A 346 -33.90 -19.17 -23.39
N LEU A 347 -33.52 -17.90 -23.30
CA LEU A 347 -34.11 -17.01 -22.29
C LEU A 347 -35.68 -16.96 -22.35
N THR A 348 -36.27 -17.05 -21.18
CA THR A 348 -37.70 -16.90 -21.01
C THR A 348 -38.00 -15.72 -20.11
N TYR A 349 -39.15 -15.12 -20.36
CA TYR A 349 -39.63 -14.02 -19.55
C TYR A 349 -39.82 -14.41 -18.07
N SER A 350 -40.47 -15.54 -17.82
CA SER A 350 -40.72 -15.97 -16.48
C SER A 350 -39.39 -16.12 -15.68
N SER A 351 -38.32 -16.54 -16.33
CA SER A 351 -37.01 -16.71 -15.63
C SER A 351 -36.47 -15.40 -15.07
N PHE A 352 -37.02 -14.27 -15.51
CA PHE A 352 -36.55 -12.90 -15.04
C PHE A 352 -37.48 -12.43 -13.93
N CYS A 353 -38.49 -13.21 -13.56
CA CYS A 353 -39.46 -12.77 -12.55
C CYS A 353 -39.39 -13.76 -11.36
N PRO A 354 -38.80 -13.33 -10.19
CA PRO A 354 -38.62 -14.25 -9.07
C PRO A 354 -39.86 -15.08 -8.69
N PRO A 355 -41.08 -14.49 -8.71
CA PRO A 355 -42.26 -15.36 -8.35
C PRO A 355 -42.37 -16.56 -9.26
N ASP A 356 -42.03 -16.42 -10.53
CA ASP A 356 -42.14 -17.52 -11.52
C ASP A 356 -40.87 -18.40 -11.54
N ASP A 357 -39.71 -17.76 -11.56
CA ASP A 357 -38.42 -18.51 -11.55
C ASP A 357 -38.34 -19.41 -10.33
N LEU A 358 -38.70 -18.88 -9.17
CA LEU A 358 -38.53 -19.61 -7.95
C LEU A 358 -39.53 -20.74 -7.78
N ALA A 359 -40.75 -20.51 -8.28
CA ALA A 359 -41.77 -21.55 -8.29
C ALA A 359 -41.33 -22.60 -9.26
N ASP A 360 -40.82 -22.23 -10.42
CA ASP A 360 -40.43 -23.18 -11.43
C ASP A 360 -39.24 -24.06 -11.03
N ARG A 361 -38.30 -23.48 -10.31
CA ARG A 361 -37.16 -24.23 -9.76
C ARG A 361 -37.40 -24.91 -8.45
N GLY A 362 -38.58 -24.69 -7.86
CA GLY A 362 -38.90 -25.28 -6.57
C GLY A 362 -38.20 -24.77 -5.37
N LEU A 363 -37.80 -23.51 -5.39
CA LEU A 363 -37.16 -22.91 -4.28
C LEU A 363 -38.11 -22.17 -3.37
N LEU A 364 -39.35 -21.97 -3.79
CA LEU A 364 -40.27 -21.28 -2.89
C LEU A 364 -40.46 -22.16 -1.67
N GLY A 365 -40.36 -21.61 -0.50
CA GLY A 365 -40.64 -22.38 0.69
C GLY A 365 -39.42 -23.10 1.26
N VAL A 366 -38.24 -22.88 0.66
CA VAL A 366 -37.04 -23.52 1.18
C VAL A 366 -36.53 -22.50 2.11
N GLU A 367 -36.61 -22.77 3.40
CA GLU A 367 -36.25 -21.80 4.41
C GLU A 367 -34.76 -21.44 4.46
N SER A 368 -33.91 -22.36 3.96
CA SER A 368 -32.46 -22.13 3.83
C SER A 368 -32.04 -21.22 2.62
N SER A 369 -33.00 -20.89 1.72
CA SER A 369 -32.72 -20.04 0.55
C SER A 369 -33.02 -18.60 0.96
N PHE A 370 -31.98 -17.89 1.35
CA PHE A 370 -32.10 -16.47 1.62
C PHE A 370 -32.18 -15.68 0.37
N TYR A 371 -31.58 -16.19 -0.71
CA TYR A 371 -31.77 -15.59 -2.02
C TYR A 371 -33.29 -15.55 -2.35
N ALA A 372 -33.97 -16.69 -2.21
CA ALA A 372 -35.41 -16.74 -2.56
C ALA A 372 -36.23 -15.78 -1.71
N GLN A 373 -36.00 -15.80 -0.39
CA GLN A 373 -36.74 -14.96 0.53
C GLN A 373 -36.54 -13.45 0.23
N ASP A 374 -35.31 -13.10 -0.08
CA ASP A 374 -34.97 -11.65 -0.32
C ASP A 374 -35.38 -11.26 -1.73
N ALA A 375 -35.27 -12.16 -2.72
CA ALA A 375 -35.61 -11.84 -4.09
C ALA A 375 -37.12 -11.54 -4.18
N LEU A 376 -37.89 -12.41 -3.53
CA LEU A 376 -39.31 -12.26 -3.56
C LEU A 376 -39.76 -11.01 -2.88
N ARG A 377 -39.18 -10.68 -1.72
CA ARG A 377 -39.52 -9.44 -1.01
C ARG A 377 -39.12 -8.15 -1.77
N LEU A 378 -37.94 -8.17 -2.37
CA LEU A 378 -37.47 -7.05 -3.16
C LEU A 378 -38.38 -6.84 -4.41
N TRP A 379 -38.72 -7.92 -5.12
CA TRP A 379 -39.66 -7.93 -6.21
C TRP A 379 -40.98 -7.30 -5.76
N GLU A 380 -41.51 -7.71 -4.64
CA GLU A 380 -42.80 -7.05 -4.11
C GLU A 380 -42.66 -5.57 -3.85
N VAL A 381 -41.52 -5.09 -3.27
CA VAL A 381 -41.38 -3.71 -2.92
C VAL A 381 -41.27 -2.87 -4.19
N ILE A 382 -40.45 -3.34 -5.10
CA ILE A 382 -40.44 -2.70 -6.43
C ILE A 382 -41.85 -2.71 -7.12
N SER A 383 -42.55 -3.87 -7.12
CA SER A 383 -43.90 -4.04 -7.71
C SER A 383 -44.85 -2.90 -7.19
N ARG A 384 -44.75 -2.59 -5.91
CA ARG A 384 -45.62 -1.60 -5.31
C ARG A 384 -45.28 -0.18 -5.77
N TYR A 385 -43.98 0.11 -5.94
CA TYR A 385 -43.51 1.35 -6.42
C TYR A 385 -43.96 1.55 -7.86
N VAL A 386 -43.76 0.52 -8.68
CA VAL A 386 -44.21 0.59 -10.07
C VAL A 386 -45.74 0.79 -10.18
N GLU A 387 -46.52 0.03 -9.43
CA GLU A 387 -47.94 0.16 -9.45
C GLU A 387 -48.35 1.58 -9.03
N GLY A 388 -47.69 2.13 -8.03
CA GLY A 388 -47.89 3.54 -7.66
C GLY A 388 -47.77 4.54 -8.76
N ILE A 389 -46.66 4.50 -9.48
CA ILE A 389 -46.39 5.39 -10.57
C ILE A 389 -47.28 5.10 -11.73
N VAL A 390 -47.53 3.82 -12.06
CA VAL A 390 -48.38 3.50 -13.16
C VAL A 390 -49.83 4.07 -12.87
N SER A 391 -50.35 3.88 -11.65
CA SER A 391 -51.74 4.34 -11.35
C SER A 391 -51.91 5.84 -11.33
N LEU A 392 -50.82 6.58 -11.13
CA LEU A 392 -50.82 8.03 -11.23
C LEU A 392 -51.00 8.47 -12.67
N HIS A 393 -50.56 7.65 -13.65
CA HIS A 393 -50.56 8.08 -14.99
C HIS A 393 -51.47 7.34 -15.94
N TYR A 394 -51.99 6.17 -15.55
CA TYR A 394 -52.87 5.36 -16.35
C TYR A 394 -54.08 4.97 -15.50
N LYS A 395 -55.21 5.64 -15.78
CA LYS A 395 -56.40 5.33 -15.00
C LYS A 395 -57.14 4.11 -15.41
N THR A 396 -56.99 3.66 -16.65
CA THR A 396 -57.73 2.51 -17.16
C THR A 396 -56.83 1.59 -17.96
N ASP A 397 -57.26 0.34 -18.18
CA ASP A 397 -56.58 -0.51 -19.12
C ASP A 397 -56.60 0.07 -20.55
N GLU A 398 -57.69 0.76 -20.94
CA GLU A 398 -57.73 1.33 -22.26
C GLU A 398 -56.62 2.38 -22.53
N SER A 399 -56.23 3.11 -21.50
CA SER A 399 -55.21 4.16 -21.57
C SER A 399 -53.82 3.54 -21.74
N VAL A 400 -53.67 2.29 -21.32
CA VAL A 400 -52.45 1.51 -21.68
C VAL A 400 -52.52 1.04 -23.15
N LYS A 401 -53.60 0.35 -23.55
CA LYS A 401 -53.76 -0.16 -24.90
C LYS A 401 -53.59 0.88 -25.96
N GLU A 402 -54.08 2.12 -25.71
CA GLU A 402 -53.99 3.17 -26.75
C GLU A 402 -52.69 3.88 -26.74
N ASP A 403 -51.80 3.54 -25.79
CA ASP A 403 -50.51 4.26 -25.73
C ASP A 403 -49.63 3.57 -26.77
N PHE A 404 -49.58 4.13 -27.99
CA PHE A 404 -48.82 3.48 -29.09
C PHE A 404 -47.30 3.51 -28.92
N GLU A 405 -46.79 4.39 -28.09
CA GLU A 405 -45.36 4.41 -27.73
C GLU A 405 -44.99 3.22 -26.89
N LEU A 406 -45.85 2.89 -25.91
CA LEU A 406 -45.68 1.70 -25.16
C LEU A 406 -45.73 0.49 -25.98
N GLN A 407 -46.65 0.43 -26.95
CA GLN A 407 -46.82 -0.74 -27.77
C GLN A 407 -45.62 -0.89 -28.68
N ALA A 408 -45.11 0.21 -29.22
CA ALA A 408 -43.89 0.17 -30.09
C ALA A 408 -42.65 -0.31 -29.26
N TRP A 409 -42.65 0.13 -28.01
CA TRP A 409 -41.63 -0.21 -27.05
C TRP A 409 -41.50 -1.70 -26.79
N CYS A 410 -42.56 -2.35 -26.32
CA CYS A 410 -42.41 -3.78 -26.09
CA CYS A 410 -42.76 -3.79 -26.25
C CYS A 410 -42.04 -4.49 -27.40
N ARG A 411 -42.60 -4.12 -28.54
CA ARG A 411 -42.31 -4.81 -29.80
C ARG A 411 -40.86 -4.68 -30.19
N GLU A 412 -40.32 -3.49 -30.09
CA GLU A 412 -38.95 -3.31 -30.39
C GLU A 412 -38.04 -4.12 -29.43
N PHE A 413 -38.43 -4.20 -28.18
CA PHE A 413 -37.69 -4.96 -27.22
C PHE A 413 -37.70 -6.47 -27.54
N THR A 414 -38.89 -6.98 -27.75
CA THR A 414 -39.10 -8.47 -27.93
C THR A 414 -38.74 -8.94 -29.33
N GLU A 415 -39.12 -8.17 -30.32
CA GLU A 415 -38.94 -8.61 -31.71
C GLU A 415 -37.57 -8.31 -32.26
N ILE A 416 -37.04 -7.11 -32.00
CA ILE A 416 -35.75 -6.69 -32.53
C ILE A 416 -34.63 -7.00 -31.51
N GLY A 417 -34.69 -6.38 -30.34
CA GLY A 417 -33.67 -6.57 -29.29
C GLY A 417 -33.39 -8.04 -28.90
N LEU A 418 -34.43 -8.79 -28.68
CA LEU A 418 -34.37 -10.17 -28.24
C LEU A 418 -34.50 -11.22 -29.35
N LEU A 419 -34.45 -10.77 -30.59
CA LEU A 419 -34.37 -11.59 -31.84
C LEU A 419 -35.62 -12.41 -32.04
N GLY A 420 -36.78 -11.85 -31.73
CA GLY A 420 -38.05 -12.56 -31.87
C GLY A 420 -38.41 -13.49 -30.75
N ALA A 421 -38.56 -12.98 -29.52
CA ALA A 421 -38.78 -13.80 -28.34
C ALA A 421 -40.19 -13.91 -27.83
N GLN A 422 -41.20 -13.59 -28.66
CA GLN A 422 -42.59 -13.68 -28.18
C GLN A 422 -42.95 -15.14 -27.81
N ASP A 423 -42.41 -16.13 -28.46
CA ASP A 423 -42.75 -17.50 -28.03
C ASP A 423 -42.09 -17.95 -26.73
N ARG A 424 -41.19 -17.14 -26.19
CA ARG A 424 -40.60 -17.38 -24.88
C ARG A 424 -41.11 -16.43 -23.80
N GLY A 425 -42.30 -15.85 -24.04
CA GLY A 425 -43.08 -15.21 -23.02
C GLY A 425 -42.87 -13.70 -22.94
N PHE A 426 -41.97 -13.15 -23.76
CA PHE A 426 -41.76 -11.69 -23.76
C PHE A 426 -42.93 -11.02 -24.47
N PRO A 427 -43.34 -9.82 -24.00
CA PRO A 427 -44.52 -9.19 -24.56
C PRO A 427 -44.29 -8.51 -25.87
N VAL A 428 -45.30 -8.55 -26.72
CA VAL A 428 -45.28 -7.69 -27.93
C VAL A 428 -46.42 -6.60 -27.91
N SER A 429 -47.21 -6.64 -26.87
CA SER A 429 -48.24 -5.58 -26.57
C SER A 429 -48.47 -5.55 -25.05
N LEU A 430 -48.97 -4.41 -24.55
CA LEU A 430 -49.30 -4.28 -23.19
C LEU A 430 -50.80 -3.81 -23.17
N GLN A 431 -51.65 -4.64 -22.66
CA GLN A 431 -53.11 -4.45 -22.86
C GLN A 431 -53.80 -4.17 -21.53
N SER A 432 -53.05 -3.95 -20.44
CA SER A 432 -53.66 -3.64 -19.13
C SER A 432 -52.68 -2.99 -18.27
N LYS A 433 -53.20 -2.40 -17.18
CA LYS A 433 -52.38 -1.83 -16.22
C LYS A 433 -51.57 -2.93 -15.48
N GLU A 434 -52.19 -4.08 -15.20
CA GLU A 434 -51.50 -5.19 -14.59
C GLU A 434 -50.31 -5.67 -15.43
N GLN A 435 -50.50 -5.79 -16.71
CA GLN A 435 -49.47 -6.23 -17.59
C GLN A 435 -48.34 -5.21 -17.63
N LEU A 436 -48.69 -3.96 -17.84
CA LEU A 436 -47.68 -2.89 -17.79
C LEU A 436 -46.83 -2.90 -16.52
N CYS A 437 -47.50 -3.01 -15.38
CA CYS A 437 -46.84 -3.06 -14.08
C CYS A 437 -45.90 -4.25 -13.95
N HIS A 438 -46.34 -5.41 -14.37
CA HIS A 438 -45.51 -6.59 -14.33
C HIS A 438 -44.24 -6.43 -15.19
N PHE A 439 -44.39 -5.96 -16.43
CA PHE A 439 -43.28 -5.82 -17.33
C PHE A 439 -42.27 -4.78 -16.82
N VAL A 440 -42.77 -3.63 -16.34
CA VAL A 440 -41.91 -2.60 -15.74
C VAL A 440 -41.19 -3.08 -14.52
N THR A 441 -41.86 -3.87 -13.75
CA THR A 441 -41.27 -4.50 -12.61
C THR A 441 -40.15 -5.45 -13.00
N MET A 442 -40.40 -6.31 -13.97
CA MET A 442 -39.37 -7.15 -14.58
C MET A 442 -38.16 -6.29 -15.03
N CYS A 443 -38.41 -5.16 -15.71
CA CYS A 443 -37.32 -4.32 -16.17
C CYS A 443 -36.48 -3.78 -15.01
N ILE A 444 -37.12 -3.20 -13.99
CA ILE A 444 -36.43 -2.64 -12.91
C ILE A 444 -35.69 -3.73 -12.09
N PHE A 445 -36.33 -4.88 -11.90
CA PHE A 445 -35.62 -5.89 -11.15
C PHE A 445 -34.37 -6.37 -11.94
N THR A 446 -34.50 -6.51 -13.26
CA THR A 446 -33.37 -6.91 -14.12
C THR A 446 -32.15 -6.01 -13.94
N CYS A 447 -32.39 -4.71 -13.80
CA CYS A 447 -31.35 -3.71 -13.77
C CYS A 447 -30.76 -3.54 -12.36
N THR A 448 -31.38 -4.19 -11.35
CA THR A 448 -31.07 -3.95 -10.01
C THR A 448 -30.80 -5.23 -9.28
N GLY A 449 -31.83 -5.83 -8.67
CA GLY A 449 -31.63 -7.08 -7.98
C GLY A 449 -31.12 -8.25 -8.78
N GLN A 450 -31.55 -8.42 -10.00
CA GLN A 450 -31.09 -9.56 -10.83
C GLN A 450 -29.53 -9.53 -11.00
N HIS A 451 -29.05 -8.33 -11.22
CA HIS A 451 -27.59 -8.07 -11.30
C HIS A 451 -26.88 -8.16 -9.98
N SER A 452 -27.37 -7.46 -8.94
N SER A 452 -27.35 -7.46 -8.94
CA SER A 452 -26.72 -7.45 -7.60
CA SER A 452 -26.62 -7.42 -7.69
C SER A 452 -26.56 -8.86 -7.05
C SER A 452 -26.56 -8.83 -7.04
N SER A 453 -27.60 -9.67 -7.19
CA SER A 453 -27.58 -10.99 -6.67
C SER A 453 -26.57 -11.94 -7.36
N ASN A 454 -26.20 -11.61 -8.61
CA ASN A 454 -25.21 -12.30 -9.40
C ASN A 454 -23.83 -11.66 -9.48
N HIS A 455 -23.73 -10.42 -9.02
CA HIS A 455 -22.49 -9.65 -9.12
C HIS A 455 -21.76 -9.59 -7.78
N LEU A 456 -22.45 -9.35 -6.68
CA LEU A 456 -21.85 -9.09 -5.38
C LEU A 456 -21.08 -10.25 -4.71
N GLY A 457 -21.42 -11.47 -5.02
CA GLY A 457 -20.71 -12.62 -4.56
C GLY A 457 -19.28 -12.76 -4.96
N GLN A 458 -18.90 -12.15 -6.06
CA GLN A 458 -17.58 -12.32 -6.61
C GLN A 458 -16.54 -11.96 -5.59
N LEU A 459 -16.73 -10.88 -4.83
CA LEU A 459 -15.74 -10.43 -3.88
C LEU A 459 -15.52 -11.46 -2.75
N ASP A 460 -16.58 -12.18 -2.37
CA ASP A 460 -16.58 -13.06 -1.22
C ASP A 460 -16.23 -14.47 -1.56
N TRP A 461 -16.59 -14.95 -2.74
CA TRP A 461 -16.43 -16.38 -3.05
C TRP A 461 -15.38 -16.70 -4.14
N TYR A 462 -14.98 -15.72 -4.94
CA TYR A 462 -14.13 -15.91 -6.10
C TYR A 462 -12.67 -15.46 -5.89
N THR A 463 -12.37 -14.85 -4.76
CA THR A 463 -11.02 -14.33 -4.55
C THR A 463 -10.13 -15.46 -4.00
N TRP A 464 -10.73 -16.49 -3.33
CA TRP A 464 -10.07 -17.75 -3.06
C TRP A 464 -10.25 -18.69 -4.24
N VAL A 465 -9.26 -18.65 -5.12
CA VAL A 465 -9.37 -19.22 -6.42
C VAL A 465 -9.79 -20.74 -6.47
N PRO A 466 -9.28 -21.56 -5.55
CA PRO A 466 -9.73 -22.98 -5.61
C PRO A 466 -11.24 -23.11 -5.40
N ASN A 467 -11.86 -22.15 -4.73
CA ASN A 467 -13.32 -22.12 -4.66
C ASN A 467 -14.06 -21.77 -6.00
N ALA A 468 -13.37 -21.25 -7.00
CA ALA A 468 -14.03 -20.95 -8.26
C ALA A 468 -13.04 -20.81 -9.39
N PRO A 469 -12.47 -21.94 -9.85
CA PRO A 469 -11.32 -21.81 -10.74
C PRO A 469 -11.70 -21.30 -12.08
N CYS A 470 -11.09 -20.17 -12.51
CA CYS A 470 -11.39 -19.65 -13.83
C CYS A 470 -11.02 -20.55 -14.96
N THR A 471 -10.08 -21.44 -14.73
CA THR A 471 -9.77 -22.40 -15.75
C THR A 471 -9.30 -23.68 -15.10
N MET A 472 -9.09 -24.67 -15.95
CA MET A 472 -8.48 -25.98 -15.53
C MET A 472 -7.54 -26.45 -16.60
N ARG A 473 -6.38 -26.96 -16.16
CA ARG A 473 -5.23 -27.20 -16.99
C ARG A 473 -4.96 -28.71 -17.27
N LEU A 474 -5.88 -29.58 -16.85
CA LEU A 474 -5.81 -31.03 -17.19
C LEU A 474 -7.23 -31.48 -17.44
N PRO A 475 -7.40 -32.58 -18.13
CA PRO A 475 -8.77 -33.03 -18.33
C PRO A 475 -9.41 -33.56 -17.07
N PRO A 476 -10.75 -33.47 -16.98
CA PRO A 476 -11.47 -33.97 -15.85
C PRO A 476 -11.19 -35.50 -15.67
N PRO A 477 -11.11 -35.97 -14.46
CA PRO A 477 -10.64 -37.35 -14.26
C PRO A 477 -11.74 -38.34 -14.68
N THR A 478 -11.32 -39.45 -15.24
CA THR A 478 -12.26 -40.55 -15.56
C THR A 478 -11.95 -41.78 -14.68
N THR A 479 -11.16 -41.56 -13.61
CA THR A 479 -10.82 -42.58 -12.62
C THR A 479 -10.77 -42.01 -11.27
N LYS A 480 -10.66 -42.88 -10.26
CA LYS A 480 -10.57 -42.46 -8.88
C LYS A 480 -9.17 -42.57 -8.21
N ASP A 481 -8.22 -41.89 -8.83
CA ASP A 481 -6.83 -41.99 -8.43
C ASP A 481 -6.15 -40.63 -8.32
N ALA A 482 -6.90 -39.53 -8.34
CA ALA A 482 -6.28 -38.19 -8.10
C ALA A 482 -5.36 -38.14 -6.87
N THR A 483 -4.25 -37.41 -7.03
CA THR A 483 -3.43 -36.98 -5.92
C THR A 483 -3.37 -35.44 -5.80
N LEU A 484 -2.71 -34.96 -4.76
CA LEU A 484 -2.56 -33.56 -4.63
C LEU A 484 -1.84 -33.01 -5.85
N GLU A 485 -0.88 -33.75 -6.37
CA GLU A 485 -0.22 -33.35 -7.59
C GLU A 485 -1.17 -33.15 -8.76
N THR A 486 -2.11 -34.09 -8.90
CA THR A 486 -3.17 -33.93 -9.92
C THR A 486 -3.99 -32.62 -9.67
N VAL A 487 -4.29 -32.31 -8.44
CA VAL A 487 -5.14 -31.18 -8.08
C VAL A 487 -4.38 -29.89 -8.42
N MET A 488 -3.12 -29.83 -8.01
CA MET A 488 -2.34 -28.64 -8.32
C MET A 488 -2.09 -28.43 -9.77
N ALA A 489 -1.92 -29.54 -10.53
CA ALA A 489 -1.69 -29.42 -11.97
C ALA A 489 -2.95 -29.10 -12.77
N THR A 490 -4.11 -29.36 -12.21
CA THR A 490 -5.41 -29.00 -12.82
C THR A 490 -5.81 -27.56 -12.48
N LEU A 491 -5.67 -27.18 -11.23
CA LEU A 491 -6.03 -25.82 -10.75
C LEU A 491 -5.21 -24.76 -11.55
N PRO A 492 -5.80 -23.54 -11.66
CA PRO A 492 -5.10 -22.46 -12.31
C PRO A 492 -3.63 -22.28 -11.84
N ASN A 493 -2.76 -21.87 -12.75
CA ASN A 493 -1.40 -21.46 -12.37
C ASN A 493 -1.38 -20.12 -11.65
N PHE A 494 -0.21 -19.73 -11.16
CA PHE A 494 -0.20 -18.54 -10.33
C PHE A 494 -0.68 -17.28 -11.08
N HIS A 495 -0.38 -17.18 -12.36
CA HIS A 495 -0.75 -16.00 -13.14
C HIS A 495 -2.27 -15.92 -13.37
N GLN A 496 -2.81 -17.04 -13.80
CA GLN A 496 -4.24 -17.10 -14.05
C GLN A 496 -4.96 -16.80 -12.75
N ALA A 497 -4.53 -17.39 -11.63
CA ALA A 497 -5.19 -17.21 -10.36
C ALA A 497 -5.07 -15.77 -9.86
N SER A 498 -3.88 -15.18 -10.06
CA SER A 498 -3.72 -13.76 -9.68
C SER A 498 -4.59 -12.76 -10.50
N LEU A 499 -4.74 -13.00 -11.78
CA LEU A 499 -5.58 -12.15 -12.64
C LEU A 499 -7.03 -12.34 -12.25
N GLN A 500 -7.42 -13.58 -11.96
CA GLN A 500 -8.72 -13.76 -11.41
C GLN A 500 -9.00 -12.94 -10.15
N MET A 501 -8.06 -12.93 -9.20
CA MET A 501 -8.21 -12.16 -8.00
C MET A 501 -8.26 -10.70 -8.29
N SER A 502 -7.46 -10.24 -9.27
CA SER A 502 -7.39 -8.80 -9.57
C SER A 502 -8.71 -8.27 -10.10
N ILE A 503 -9.28 -8.99 -11.04
CA ILE A 503 -10.49 -8.52 -11.71
C ILE A 503 -11.69 -8.70 -10.80
N THR A 504 -11.70 -9.78 -10.03
CA THR A 504 -12.79 -10.01 -9.16
C THR A 504 -12.82 -9.00 -8.02
N TRP A 505 -11.65 -8.59 -7.49
CA TRP A 505 -11.61 -7.46 -6.60
C TRP A 505 -12.09 -6.19 -7.34
N GLN A 506 -11.55 -5.87 -8.50
CA GLN A 506 -11.93 -4.67 -9.20
C GLN A 506 -13.43 -4.48 -9.34
N LEU A 507 -14.11 -5.51 -9.77
CA LEU A 507 -15.54 -5.52 -9.95
C LEU A 507 -16.34 -5.66 -8.68
N GLY A 508 -15.80 -6.47 -7.77
CA GLY A 508 -16.52 -6.95 -6.62
C GLY A 508 -16.47 -6.07 -5.42
N ARG A 509 -15.45 -5.23 -5.36
CA ARG A 509 -15.20 -4.35 -4.23
C ARG A 509 -16.22 -3.24 -4.09
N CYS A 510 -16.35 -2.80 -2.84
CA CYS A 510 -17.22 -1.70 -2.45
C CYS A 510 -17.06 -0.63 -3.51
N GLN A 511 -18.19 -0.22 -4.13
CA GLN A 511 -18.11 0.74 -5.22
C GLN A 511 -18.24 2.17 -4.75
N PRO A 512 -17.14 2.93 -4.87
CA PRO A 512 -17.21 4.26 -4.34
C PRO A 512 -18.15 5.21 -5.02
N THR A 513 -18.55 4.93 -6.24
CA THR A 513 -19.46 5.84 -6.96
C THR A 513 -20.90 5.25 -7.04
N MET A 514 -21.16 4.21 -6.32
CA MET A 514 -22.49 3.55 -6.51
C MET A 514 -23.69 4.47 -6.03
N VAL A 515 -24.84 4.26 -6.69
CA VAL A 515 -26.13 4.78 -6.19
C VAL A 515 -26.94 3.56 -5.80
N ALA A 516 -27.35 3.50 -4.53
CA ALA A 516 -28.13 2.38 -4.01
C ALA A 516 -29.57 2.47 -4.59
N LEU A 517 -30.22 1.35 -4.64
CA LEU A 517 -31.59 1.24 -5.18
C LEU A 517 -32.53 2.30 -4.56
N GLY A 518 -33.14 3.06 -5.43
CA GLY A 518 -34.04 4.10 -5.01
C GLY A 518 -33.43 5.43 -4.69
N GLN A 519 -32.11 5.56 -4.68
CA GLN A 519 -31.44 6.70 -4.12
C GLN A 519 -31.04 7.70 -5.16
N HIS A 520 -31.50 7.55 -6.38
CA HIS A 520 -31.18 8.54 -7.42
C HIS A 520 -31.68 9.91 -6.96
N GLU A 521 -30.88 10.90 -7.33
CA GLU A 521 -30.98 12.30 -6.82
C GLU A 521 -31.77 13.17 -7.77
N GLU A 522 -31.80 12.82 -9.06
CA GLU A 522 -32.48 13.60 -10.06
C GLU A 522 -33.99 13.31 -9.87
N GLU A 523 -34.81 14.32 -10.13
CA GLU A 523 -36.27 14.30 -9.96
C GLU A 523 -36.84 14.34 -11.39
N TYR A 524 -37.21 13.17 -11.93
CA TYR A 524 -37.69 13.02 -13.32
C TYR A 524 -39.18 13.39 -13.32
N PHE A 525 -39.80 13.07 -12.21
CA PHE A 525 -41.13 13.44 -11.92
C PHE A 525 -41.26 14.72 -11.09
N SER A 526 -42.27 15.53 -11.44
CA SER A 526 -42.69 16.73 -10.68
C SER A 526 -43.91 16.34 -9.90
N GLY A 527 -44.14 16.99 -8.77
CA GLY A 527 -45.44 16.89 -8.12
C GLY A 527 -45.37 16.03 -6.90
N PRO A 528 -46.33 16.23 -5.99
CA PRO A 528 -46.35 15.48 -4.78
C PRO A 528 -46.77 14.08 -4.99
N GLY A 529 -47.51 13.82 -6.05
CA GLY A 529 -48.02 12.47 -6.32
C GLY A 529 -46.86 11.46 -6.44
N PRO A 530 -46.00 11.63 -7.43
CA PRO A 530 -44.84 10.79 -7.61
C PRO A 530 -43.85 10.88 -6.47
N LYS A 531 -43.68 12.08 -5.86
CA LYS A 531 -42.82 12.15 -4.71
C LYS A 531 -43.25 11.25 -3.58
N ALA A 532 -44.52 11.22 -3.26
CA ALA A 532 -45.04 10.37 -2.23
C ALA A 532 -44.85 8.86 -2.53
N VAL A 533 -44.99 8.45 -3.80
CA VAL A 533 -44.79 7.04 -4.17
C VAL A 533 -43.30 6.64 -3.97
N LEU A 534 -42.41 7.53 -4.37
CA LEU A 534 -40.98 7.35 -4.16
C LEU A 534 -40.62 7.32 -2.69
N THR A 535 -41.14 8.27 -1.90
CA THR A 535 -40.87 8.25 -0.49
C THR A 535 -41.32 6.96 0.10
N LYS A 536 -42.48 6.43 -0.24
CA LYS A 536 -42.89 5.14 0.24
C LYS A 536 -41.99 3.97 -0.24
N PHE A 537 -41.60 3.98 -1.49
CA PHE A 537 -40.59 2.97 -1.96
C PHE A 537 -39.35 3.04 -1.04
N ARG A 538 -38.83 4.23 -0.79
CA ARG A 538 -37.63 4.35 0.01
C ARG A 538 -37.87 3.84 1.43
N GLU A 539 -39.05 4.15 1.99
CA GLU A 539 -39.35 3.64 3.33
C GLU A 539 -39.46 2.13 3.34
N GLU A 540 -40.15 1.57 2.37
CA GLU A 540 -40.27 0.11 2.34
C GLU A 540 -38.91 -0.57 2.14
N LEU A 541 -38.08 0.00 1.28
CA LEU A 541 -36.73 -0.53 1.08
C LEU A 541 -35.90 -0.51 2.38
N ALA A 542 -35.90 0.62 3.10
CA ALA A 542 -35.22 0.73 4.38
C ALA A 542 -35.74 -0.33 5.39
N ALA A 543 -37.05 -0.60 5.44
CA ALA A 543 -37.61 -1.53 6.37
C ALA A 543 -37.15 -2.93 5.99
N LEU A 544 -37.10 -3.21 4.68
CA LEU A 544 -36.64 -4.53 4.20
C LEU A 544 -35.15 -4.67 4.58
N ASP A 545 -34.37 -3.64 4.39
CA ASP A 545 -32.94 -3.71 4.65
C ASP A 545 -32.73 -4.06 6.14
N LYS A 546 -33.54 -3.46 6.99
CA LYS A 546 -33.46 -3.70 8.43
C LYS A 546 -33.85 -5.09 8.79
N ASP A 547 -34.92 -5.57 8.20
CA ASP A 547 -35.34 -6.94 8.43
C ASP A 547 -34.25 -8.00 8.01
N ILE A 548 -33.56 -7.72 6.90
CA ILE A 548 -32.48 -8.63 6.46
C ILE A 548 -31.32 -8.51 7.41
N GLU A 549 -31.05 -7.29 7.87
CA GLU A 549 -29.90 -7.09 8.77
C GLU A 549 -30.13 -7.89 10.09
N VAL A 550 -31.35 -7.89 10.60
CA VAL A 550 -31.72 -8.64 11.79
C VAL A 550 -31.69 -10.19 11.57
N ARG A 551 -32.21 -10.66 10.45
CA ARG A 551 -32.09 -12.07 10.12
C ARG A 551 -30.61 -12.41 10.08
N ASN A 552 -29.79 -11.59 9.39
CA ASN A 552 -28.41 -11.91 9.16
C ASN A 552 -27.58 -11.99 10.47
N ALA A 553 -27.95 -11.18 11.47
CA ALA A 553 -27.22 -11.16 12.76
C ALA A 553 -27.21 -12.50 13.50
N LYS A 554 -28.19 -13.33 13.22
CA LYS A 554 -28.36 -14.67 13.78
C LYS A 554 -27.74 -15.77 12.93
N LEU A 555 -27.32 -15.47 11.71
CA LEU A 555 -26.81 -16.49 10.85
C LEU A 555 -25.27 -16.54 10.97
N ALA A 556 -24.78 -17.75 10.83
CA ALA A 556 -23.35 -18.06 10.63
C ALA A 556 -22.79 -17.29 9.44
N LEU A 557 -23.52 -17.28 8.35
CA LEU A 557 -23.06 -16.59 7.15
C LEU A 557 -24.15 -15.60 6.67
N PRO A 558 -23.98 -14.30 6.87
CA PRO A 558 -25.06 -13.41 6.42
C PRO A 558 -25.21 -13.39 4.88
N TYR A 559 -26.46 -13.31 4.41
CA TYR A 559 -26.76 -13.22 2.97
C TYR A 559 -27.07 -11.75 2.68
N GLU A 560 -26.13 -11.13 2.01
CA GLU A 560 -26.14 -9.67 1.81
C GLU A 560 -26.56 -9.18 0.45
N TYR A 561 -26.66 -10.05 -0.56
CA TYR A 561 -26.64 -9.55 -1.93
C TYR A 561 -27.96 -8.99 -2.49
N LEU A 562 -29.04 -9.05 -1.71
CA LEU A 562 -30.28 -8.45 -2.07
C LEU A 562 -30.84 -7.40 -1.11
N ARG A 563 -30.00 -6.99 -0.17
CA ARG A 563 -30.34 -5.94 0.73
C ARG A 563 -30.39 -4.64 0.00
N PRO A 564 -31.48 -3.86 0.22
CA PRO A 564 -31.54 -2.62 -0.55
C PRO A 564 -30.38 -1.67 -0.45
N SER A 565 -29.73 -1.65 0.69
CA SER A 565 -28.55 -0.82 0.90
C SER A 565 -27.30 -1.22 0.06
N ARG A 566 -27.28 -2.46 -0.38
CA ARG A 566 -26.22 -3.00 -1.23
C ARG A 566 -26.55 -3.16 -2.72
N VAL A 567 -27.84 -3.22 -3.03
CA VAL A 567 -28.30 -3.33 -4.44
C VAL A 567 -28.13 -1.98 -5.18
N GLU A 568 -27.37 -1.99 -6.26
CA GLU A 568 -27.15 -0.78 -7.02
C GLU A 568 -28.38 -0.48 -7.90
N ASN A 569 -28.53 0.80 -8.21
CA ASN A 569 -29.72 1.30 -8.87
C ASN A 569 -29.73 0.98 -10.35
N SER A 570 -28.63 0.48 -10.92
CA SER A 570 -28.52 0.14 -12.37
C SER A 570 -27.38 -0.83 -12.45
N VAL A 571 -27.17 -1.34 -13.66
CA VAL A 571 -26.05 -2.21 -13.92
C VAL A 571 -24.89 -1.30 -14.30
N ALA A 572 -23.91 -1.12 -13.40
CA ALA A 572 -22.85 -0.14 -13.57
C ALA A 572 -21.45 -0.70 -13.46
N ILE A 573 -21.35 -2.02 -13.25
CA ILE A 573 -20.07 -2.61 -12.94
C ILE A 573 -20.13 -4.11 -13.24
N GLY B 22 34.44 -25.73 -38.47
CA GLY B 22 35.56 -24.84 -38.00
C GLY B 22 36.21 -23.99 -39.11
N THR B 23 36.11 -24.48 -40.36
CA THR B 23 36.56 -23.81 -41.57
C THR B 23 35.31 -23.19 -42.24
N ALA B 24 35.34 -21.88 -42.39
CA ALA B 24 34.21 -21.16 -42.93
C ALA B 24 34.27 -21.26 -44.44
N ARG B 25 33.13 -21.41 -45.06
CA ARG B 25 33.01 -21.46 -46.48
C ARG B 25 31.86 -20.60 -47.08
N THR B 26 32.21 -19.68 -47.97
CA THR B 26 31.21 -19.07 -48.80
C THR B 26 30.87 -20.02 -49.96
N VAL B 27 29.76 -19.76 -50.66
CA VAL B 27 29.42 -20.48 -51.91
C VAL B 27 30.49 -20.36 -53.00
N VAL B 28 31.26 -19.28 -52.96
CA VAL B 28 32.36 -19.08 -53.91
C VAL B 28 33.57 -20.04 -53.67
N ASP B 29 33.74 -20.49 -52.42
CA ASP B 29 34.82 -21.40 -52.08
C ASP B 29 34.48 -22.82 -52.33
N ASP B 30 33.30 -23.04 -52.86
CA ASP B 30 32.78 -24.36 -53.08
C ASP B 30 32.08 -24.51 -54.40
N PRO B 31 32.57 -23.84 -55.43
CA PRO B 31 31.92 -23.80 -56.75
C PRO B 31 31.39 -25.17 -57.16
N GLN B 32 31.77 -26.20 -56.41
CA GLN B 32 31.40 -27.58 -56.75
C GLN B 32 30.06 -28.04 -56.18
N GLY B 33 29.79 -27.67 -54.96
CA GLY B 33 28.56 -28.06 -54.34
C GLY B 33 28.70 -29.11 -53.28
N LEU B 34 29.86 -29.17 -52.66
CA LEU B 34 30.14 -30.00 -51.54
C LEU B 34 29.29 -29.71 -50.28
N PHE B 35 29.00 -28.45 -50.01
CA PHE B 35 28.30 -28.07 -48.79
C PHE B 35 27.00 -27.50 -49.16
N LYS B 36 26.67 -27.65 -50.42
CA LYS B 36 25.55 -26.99 -51.06
C LYS B 36 24.17 -27.49 -50.56
N LYS B 37 23.98 -28.81 -50.52
CA LYS B 37 22.71 -29.35 -50.10
C LYS B 37 22.50 -28.98 -48.61
N HIS B 38 23.56 -29.07 -47.80
CA HIS B 38 23.46 -28.84 -46.35
C HIS B 38 23.05 -27.39 -46.03
N ARG B 39 23.70 -26.43 -46.67
CA ARG B 39 23.44 -25.02 -46.44
C ARG B 39 22.09 -24.57 -46.97
N GLU B 40 21.66 -25.11 -48.11
CA GLU B 40 20.32 -24.80 -48.63
C GLU B 40 19.19 -25.36 -47.76
N GLU B 41 19.38 -26.58 -47.25
CA GLU B 41 18.42 -27.17 -46.31
C GLU B 41 18.36 -26.37 -45.00
N GLU B 42 19.55 -26.06 -44.45
CA GLU B 42 19.62 -25.21 -43.24
C GLU B 42 18.90 -23.85 -43.44
N LEU B 43 19.16 -23.13 -44.51
CA LEU B 43 18.51 -21.85 -44.71
C LEU B 43 16.99 -22.02 -44.86
N ALA B 44 16.53 -23.12 -45.50
CA ALA B 44 15.11 -23.26 -45.67
C ALA B 44 14.46 -23.44 -44.29
N GLU B 45 15.19 -24.09 -43.38
CA GLU B 45 14.65 -24.34 -42.02
C GLU B 45 14.68 -23.07 -41.17
N ARG B 46 15.78 -22.33 -41.28
CA ARG B 46 15.93 -21.00 -40.64
C ARG B 46 14.76 -20.11 -40.98
N ARG B 47 14.25 -20.13 -42.21
CA ARG B 47 13.30 -19.15 -42.64
C ARG B 47 11.93 -19.51 -42.22
N LYS B 48 11.77 -20.75 -41.79
CA LYS B 48 10.55 -21.19 -41.13
C LYS B 48 10.60 -20.89 -39.59
N LEU B 49 11.78 -21.00 -38.97
CA LEU B 49 11.95 -20.79 -37.53
C LEU B 49 12.06 -19.26 -37.14
N TYR B 50 12.80 -18.50 -37.95
CA TYR B 50 12.98 -17.03 -37.76
C TYR B 50 12.23 -16.27 -38.83
N ARG B 51 11.06 -15.76 -38.52
CA ARG B 51 10.22 -15.10 -39.49
C ARG B 51 10.13 -13.67 -39.04
N TRP B 52 9.92 -12.74 -39.98
CA TRP B 52 9.66 -11.36 -39.69
C TRP B 52 8.26 -11.19 -39.09
N GLY B 53 8.16 -10.42 -38.00
CA GLY B 53 6.93 -9.95 -37.49
C GLY B 53 6.94 -8.42 -37.49
N ASN B 54 5.78 -7.83 -37.20
CA ASN B 54 5.58 -6.40 -37.30
C ASN B 54 4.75 -5.94 -36.11
N TRP B 55 5.41 -5.56 -35.05
CA TRP B 55 4.72 -5.25 -33.80
C TRP B 55 3.87 -4.02 -33.96
N LYS B 56 4.34 -3.00 -34.66
CA LYS B 56 3.51 -1.83 -34.93
C LYS B 56 3.84 -1.37 -36.34
N ASP B 57 2.78 -1.00 -37.07
CA ASP B 57 2.96 -0.52 -38.42
C ASP B 57 3.84 0.65 -38.43
N GLY B 58 4.73 0.66 -39.41
CA GLY B 58 5.69 1.72 -39.51
C GLY B 58 7.03 1.52 -38.80
N LEU B 59 7.10 0.55 -37.89
CA LEU B 59 8.34 0.26 -37.24
C LEU B 59 9.11 -0.73 -38.07
N ILE B 60 10.42 -0.70 -37.89
CA ILE B 60 11.29 -1.64 -38.58
C ILE B 60 10.90 -3.02 -38.06
N LEU B 61 11.19 -4.07 -38.82
CA LEU B 61 10.64 -5.35 -38.46
C LEU B 61 11.34 -6.05 -37.29
N ASN B 62 10.68 -7.04 -36.69
CA ASN B 62 11.18 -7.70 -35.57
C ASN B 62 10.97 -9.24 -35.75
N ILE B 63 11.40 -10.03 -34.77
CA ILE B 63 11.19 -11.51 -34.80
C ILE B 63 9.71 -11.77 -34.58
N ALA B 64 9.16 -12.69 -35.30
CA ALA B 64 7.76 -13.10 -35.11
C ALA B 64 7.68 -14.00 -33.89
N SER B 65 6.86 -13.59 -32.92
CA SER B 65 6.72 -14.30 -31.70
C SER B 65 5.45 -13.80 -30.99
N THR B 66 4.66 -14.66 -30.39
CA THR B 66 3.57 -14.19 -29.52
C THR B 66 4.06 -13.78 -28.13
N GLY B 67 5.23 -14.30 -27.75
CA GLY B 67 5.88 -13.96 -26.53
C GLY B 67 7.04 -14.91 -26.32
N ILE B 68 7.71 -14.80 -25.18
CA ILE B 68 8.95 -15.52 -24.99
C ILE B 68 8.77 -17.08 -25.13
N HIS B 69 7.58 -17.59 -24.80
CA HIS B 69 7.39 -19.04 -24.80
C HIS B 69 7.49 -19.62 -26.21
N ASP B 70 7.27 -18.81 -27.22
CA ASP B 70 7.35 -19.40 -28.57
C ASP B 70 8.55 -18.98 -29.38
N LEU B 71 9.56 -18.37 -28.71
CA LEU B 71 10.84 -18.10 -29.38
C LEU B 71 11.56 -19.42 -29.66
N PRO B 72 12.38 -19.47 -30.72
CA PRO B 72 13.35 -20.58 -30.89
C PRO B 72 14.13 -20.88 -29.64
N VAL B 73 14.25 -22.17 -29.37
CA VAL B 73 14.81 -22.62 -28.16
C VAL B 73 16.19 -22.03 -27.92
N ASP B 74 16.98 -21.85 -28.97
CA ASP B 74 18.31 -21.38 -28.70
C ASP B 74 18.38 -19.83 -28.64
N GLU B 75 17.26 -19.19 -28.67
CA GLU B 75 17.19 -17.74 -28.44
C GLU B 75 16.82 -17.46 -26.99
N ARG B 76 16.47 -18.50 -26.24
CA ARG B 76 16.00 -18.30 -24.83
C ARG B 76 17.09 -18.02 -23.84
N PHE B 77 16.80 -17.20 -22.80
CA PHE B 77 17.72 -16.98 -21.71
C PHE B 77 18.08 -18.36 -21.08
N LEU B 78 19.36 -18.54 -20.80
CA LEU B 78 19.81 -19.73 -20.06
C LEU B 78 19.32 -19.48 -18.64
N GLU B 79 19.33 -20.53 -17.85
CA GLU B 79 18.86 -20.45 -16.45
C GLU B 79 19.46 -19.33 -15.63
N ASP B 80 20.78 -19.17 -15.71
CA ASP B 80 21.46 -18.16 -14.89
C ASP B 80 20.87 -16.80 -15.17
N LYS B 81 20.88 -16.42 -16.44
CA LYS B 81 20.27 -15.12 -16.94
C LYS B 81 18.82 -14.94 -16.55
N ARG B 82 17.99 -15.97 -16.74
CA ARG B 82 16.57 -15.89 -16.37
C ARG B 82 16.35 -15.68 -14.88
N ILE B 83 17.04 -16.47 -14.05
CA ILE B 83 16.93 -16.33 -12.61
C ILE B 83 17.35 -15.02 -12.12
N ASP B 84 18.49 -14.53 -12.61
CA ASP B 84 18.96 -13.23 -12.30
C ASP B 84 17.99 -12.13 -12.73
N PHE B 85 17.48 -12.15 -13.95
CA PHE B 85 16.50 -11.12 -14.39
C PHE B 85 15.23 -11.17 -13.50
N GLU B 86 14.68 -12.35 -13.29
CA GLU B 86 13.53 -12.55 -12.38
C GLU B 86 13.75 -12.10 -10.95
N ALA B 87 14.88 -12.47 -10.38
CA ALA B 87 15.16 -12.09 -9.01
C ALA B 87 15.22 -10.55 -8.92
N SER B 88 15.82 -9.90 -9.93
CA SER B 88 15.91 -8.47 -9.91
C SER B 88 14.54 -7.78 -10.12
N LEU B 89 13.65 -8.33 -10.95
CA LEU B 89 12.30 -7.75 -11.03
C LEU B 89 11.63 -7.82 -9.66
N ALA B 90 11.77 -8.96 -8.97
CA ALA B 90 11.07 -9.12 -7.68
C ALA B 90 11.55 -8.08 -6.67
N LYS B 91 12.89 -7.87 -6.66
CA LYS B 91 13.45 -6.96 -5.73
C LYS B 91 12.98 -5.55 -6.05
N GLY B 92 13.02 -5.17 -7.31
CA GLY B 92 12.57 -3.85 -7.71
C GLY B 92 11.14 -3.55 -7.33
N LEU B 93 10.25 -4.52 -7.50
CA LEU B 93 8.85 -4.33 -7.15
C LEU B 93 8.65 -4.33 -5.68
N ALA B 94 9.44 -5.10 -4.92
CA ALA B 94 9.32 -5.09 -3.46
C ALA B 94 9.73 -3.76 -2.87
N ASP B 95 10.86 -3.22 -3.33
CA ASP B 95 11.29 -1.92 -2.91
C ASP B 95 10.32 -0.83 -3.34
N LEU B 96 9.77 -0.91 -4.54
CA LEU B 96 8.76 0.11 -4.96
C LEU B 96 7.61 0.13 -3.89
N ALA B 97 7.16 -1.06 -3.55
CA ALA B 97 6.03 -1.22 -2.59
C ALA B 97 6.35 -0.57 -1.24
N VAL B 98 7.58 -0.78 -0.72
CA VAL B 98 8.01 -0.15 0.53
C VAL B 98 8.08 1.36 0.44
N LYS B 99 8.67 1.85 -0.64
CA LYS B 99 8.83 3.26 -0.82
C LYS B 99 7.46 3.90 -0.83
N ASP B 100 6.56 3.33 -1.63
CA ASP B 100 5.21 3.91 -1.73
C ASP B 100 4.53 3.92 -0.36
N SER B 101 4.65 2.83 0.38
CA SER B 101 4.02 2.72 1.72
C SER B 101 4.50 3.76 2.71
N LEU B 102 5.79 4.16 2.65
CA LEU B 102 6.27 5.15 3.55
C LEU B 102 5.91 6.53 3.05
N ASN B 103 5.96 6.78 1.72
CA ASN B 103 5.65 8.10 1.25
C ASN B 103 4.16 8.53 1.41
N VAL B 104 3.26 7.58 1.45
CA VAL B 104 1.82 7.85 1.73
C VAL B 104 1.68 8.67 3.04
N LEU B 105 2.63 8.47 3.95
CA LEU B 105 2.62 9.06 5.27
C LEU B 105 3.18 10.42 5.39
N MET B 106 3.76 10.98 4.33
CA MET B 106 4.54 12.20 4.41
C MET B 106 4.13 13.26 3.40
N SER B 107 4.72 14.41 3.52
CA SER B 107 4.54 15.52 2.58
C SER B 107 5.58 15.40 1.41
N TRP B 108 5.21 15.89 0.24
CA TRP B 108 6.13 15.85 -0.94
C TRP B 108 6.21 17.25 -1.44
N ASN B 109 6.79 18.12 -0.61
CA ASN B 109 6.72 19.56 -0.88
C ASN B 109 8.07 20.21 -1.14
N SER B 110 9.12 19.41 -1.18
CA SER B 110 10.45 19.95 -1.45
C SER B 110 11.35 19.02 -2.28
N LEU B 111 12.35 19.62 -2.91
CA LEU B 111 13.28 18.77 -3.74
C LEU B 111 13.98 17.71 -2.96
N ASP B 112 14.19 17.97 -1.68
CA ASP B 112 14.77 16.99 -0.79
C ASP B 112 13.89 15.77 -0.56
N SER B 113 12.60 15.83 -0.90
CA SER B 113 11.73 14.63 -0.77
C SER B 113 12.27 13.48 -1.61
N PHE B 114 12.91 13.81 -2.71
CA PHE B 114 13.42 12.81 -3.62
C PHE B 114 14.58 12.01 -2.98
N ASN B 115 15.22 12.55 -1.96
CA ASN B 115 16.26 11.83 -1.18
C ASN B 115 15.65 10.64 -0.52
N ARG B 116 14.36 10.69 -0.19
CA ARG B 116 13.79 9.57 0.51
C ARG B 116 13.74 8.25 -0.24
N ILE B 117 13.59 8.31 -1.54
CA ILE B 117 13.54 7.13 -2.37
C ILE B 117 14.93 6.82 -2.95
N PHE B 118 15.88 7.72 -2.73
CA PHE B 118 17.29 7.49 -3.17
C PHE B 118 18.09 6.63 -2.18
N TRP B 119 17.79 5.34 -2.18
CA TRP B 119 18.26 4.43 -1.16
C TRP B 119 19.75 4.16 -1.30
N SER B 120 20.41 3.77 -0.20
CA SER B 120 21.87 3.57 -0.29
C SER B 120 22.20 2.42 -1.30
N GLY B 121 23.42 2.45 -1.83
CA GLY B 121 23.75 1.46 -2.88
C GLY B 121 23.73 2.09 -4.26
N GLN B 122 23.47 3.40 -4.34
CA GLN B 122 23.60 4.08 -5.62
C GLN B 122 25.06 4.12 -6.05
N SER B 123 25.28 4.24 -7.36
CA SER B 123 26.66 4.43 -7.83
C SER B 123 27.27 5.76 -7.34
N LYS B 124 28.60 5.83 -7.37
CA LYS B 124 29.27 7.07 -6.98
C LYS B 124 28.92 8.19 -7.87
N LEU B 125 28.79 7.95 -9.19
CA LEU B 125 28.36 9.05 -10.07
C LEU B 125 26.91 9.51 -9.74
N ALA B 126 26.03 8.54 -9.48
CA ALA B 126 24.63 8.90 -9.11
C ALA B 126 24.63 9.79 -7.84
N GLU B 127 25.51 9.44 -6.91
CA GLU B 127 25.69 10.27 -5.69
C GLU B 127 26.09 11.68 -6.01
N ARG B 128 27.00 11.83 -6.98
CA ARG B 128 27.40 13.14 -7.41
C ARG B 128 26.25 13.90 -8.15
N VAL B 129 25.43 13.16 -8.92
CA VAL B 129 24.30 13.79 -9.60
C VAL B 129 23.34 14.34 -8.54
N ARG B 130 23.01 13.54 -7.54
CA ARG B 130 22.14 14.04 -6.47
C ARG B 130 22.68 15.29 -5.83
N ASP B 131 23.98 15.33 -5.64
CA ASP B 131 24.61 16.53 -5.05
C ASP B 131 24.63 17.69 -5.98
N SER B 132 24.87 17.49 -7.28
CA SER B 132 25.19 18.57 -8.20
C SER B 132 24.28 18.83 -9.36
N TRP B 133 23.15 18.11 -9.41
CA TRP B 133 22.25 18.21 -10.56
C TRP B 133 21.77 19.62 -10.97
N LYS B 134 21.66 20.53 -10.01
CA LYS B 134 21.27 21.88 -10.25
C LYS B 134 22.32 22.79 -10.84
N GLU B 135 23.52 22.27 -11.01
CA GLU B 135 24.61 23.06 -11.64
C GLU B 135 24.48 23.09 -13.16
N ASP B 136 24.56 24.29 -13.71
CA ASP B 136 24.48 24.48 -15.12
C ASP B 136 25.52 23.63 -15.82
N ALA B 137 26.71 23.49 -15.21
CA ALA B 137 27.76 22.81 -15.93
C ALA B 137 27.44 21.29 -16.01
N LEU B 138 26.85 20.75 -14.97
CA LEU B 138 26.46 19.33 -14.96
C LEU B 138 25.28 19.06 -15.93
N PHE B 139 24.35 20.00 -16.05
CA PHE B 139 23.31 19.95 -17.09
C PHE B 139 23.90 19.91 -18.50
N GLY B 140 24.88 20.78 -18.78
CA GLY B 140 25.51 20.87 -20.12
C GLY B 140 26.37 19.61 -20.41
N TYR B 141 27.02 19.12 -19.39
CA TYR B 141 27.96 17.98 -19.50
C TYR B 141 27.27 16.74 -20.09
N GLN B 142 26.03 16.57 -19.73
CA GLN B 142 25.28 15.36 -20.14
C GLN B 142 25.04 15.29 -21.60
N PHE B 143 25.00 16.43 -22.28
CA PHE B 143 24.87 16.39 -23.71
C PHE B 143 26.08 15.76 -24.45
N LEU B 144 27.25 15.85 -23.83
CA LEU B 144 28.53 15.28 -24.33
C LEU B 144 28.69 13.82 -23.81
N ASN B 145 28.64 13.65 -22.49
CA ASN B 145 29.15 12.45 -21.85
C ASN B 145 28.12 11.75 -20.94
N GLY B 146 26.85 12.14 -21.10
CA GLY B 146 25.83 11.63 -20.25
C GLY B 146 25.23 10.36 -20.79
N THR B 147 23.97 10.15 -20.44
CA THR B 147 23.27 8.98 -20.93
C THR B 147 22.96 8.98 -22.38
N ASN B 148 22.74 10.18 -22.97
CA ASN B 148 22.37 10.34 -24.30
C ASN B 148 23.29 11.24 -25.08
N PRO B 149 24.32 10.62 -25.72
CA PRO B 149 25.31 11.45 -26.42
C PRO B 149 25.01 11.70 -27.89
N MET B 150 23.80 11.35 -28.36
CA MET B 150 23.47 11.26 -29.77
C MET B 150 22.81 12.54 -30.38
N LEU B 151 22.41 13.49 -29.55
CA LEU B 151 21.57 14.66 -30.01
C LEU B 151 22.33 15.94 -30.33
N LEU B 152 23.28 16.27 -29.49
CA LEU B 152 24.03 17.55 -29.57
C LEU B 152 24.72 17.69 -30.93
N ARG B 153 24.66 18.88 -31.47
CA ARG B 153 25.41 19.18 -32.68
C ARG B 153 26.00 20.57 -32.60
N HIS B 154 27.09 20.73 -33.34
CA HIS B 154 27.75 22.02 -33.47
C HIS B 154 26.90 22.91 -34.37
N SER B 155 26.75 24.17 -33.99
CA SER B 155 25.91 25.10 -34.74
C SER B 155 26.84 25.95 -35.64
N VAL B 156 26.52 26.07 -36.89
CA VAL B 156 27.19 27.06 -37.72
C VAL B 156 26.32 28.32 -37.97
N GLU B 157 25.02 28.25 -37.68
CA GLU B 157 24.07 29.37 -37.83
C GLU B 157 23.07 29.20 -36.66
N LEU B 158 22.31 30.25 -36.34
CA LEU B 158 21.21 30.07 -35.38
C LEU B 158 20.09 29.25 -36.01
N PRO B 159 19.52 28.34 -35.24
CA PRO B 159 18.36 27.63 -35.75
C PRO B 159 17.22 28.64 -36.11
N ALA B 160 16.54 28.41 -37.21
CA ALA B 160 15.37 29.19 -37.67
C ALA B 160 14.27 29.27 -36.59
N ARG B 161 14.05 28.18 -35.84
CA ARG B 161 13.08 28.21 -34.74
C ARG B 161 13.44 29.13 -33.56
N LEU B 162 14.69 29.63 -33.43
CA LEU B 162 15.03 30.44 -32.32
C LEU B 162 14.63 31.91 -32.61
N LYS B 163 13.56 32.37 -31.96
CA LYS B 163 12.99 33.69 -32.26
C LYS B 163 13.04 34.43 -30.97
N PHE B 164 13.46 35.70 -31.05
CA PHE B 164 13.75 36.42 -29.86
C PHE B 164 12.59 37.30 -29.51
N PRO B 165 12.09 37.12 -28.31
CA PRO B 165 11.20 38.16 -27.86
C PRO B 165 11.99 39.49 -27.91
N PRO B 166 11.31 40.60 -28.21
CA PRO B 166 12.04 41.89 -28.12
C PRO B 166 12.63 42.01 -26.71
N GLY B 167 13.75 42.70 -26.51
CA GLY B 167 14.33 42.83 -25.14
C GLY B 167 15.56 41.92 -24.88
N MET B 168 16.07 41.28 -25.93
CA MET B 168 17.11 40.21 -25.74
C MET B 168 18.37 40.47 -26.56
N GLU B 169 18.80 41.73 -26.52
CA GLU B 169 19.94 42.12 -27.34
C GLU B 169 21.22 41.51 -26.83
N GLU B 170 21.35 41.47 -25.52
CA GLU B 170 22.53 40.98 -24.89
C GLU B 170 22.69 39.46 -25.21
N LEU B 171 21.60 38.68 -25.13
CA LEU B 171 21.68 37.21 -25.56
C LEU B 171 22.07 37.09 -27.02
N GLN B 172 21.48 37.92 -27.84
CA GLN B 172 21.82 37.90 -29.24
C GLN B 172 23.31 38.16 -29.54
N ALA B 173 23.87 39.05 -28.75
CA ALA B 173 25.29 39.44 -28.86
C ALA B 173 26.14 38.27 -28.33
N GLN B 174 25.70 37.63 -27.26
CA GLN B 174 26.47 36.49 -26.75
C GLN B 174 26.41 35.30 -27.68
N LEU B 175 25.31 35.04 -28.38
CA LEU B 175 25.25 33.96 -29.30
C LEU B 175 26.13 34.22 -30.53
N GLU B 176 26.11 35.46 -31.05
CA GLU B 176 26.94 35.80 -32.17
C GLU B 176 28.42 35.67 -31.81
N LYS B 177 28.79 36.05 -30.62
CA LYS B 177 30.18 35.91 -30.19
C LYS B 177 30.61 34.43 -30.14
N GLU B 178 29.70 33.54 -29.69
CA GLU B 178 30.04 32.11 -29.75
C GLU B 178 30.11 31.55 -31.14
N LEU B 179 29.24 32.03 -32.02
CA LEU B 179 29.28 31.60 -33.41
C LEU B 179 30.65 32.00 -34.12
N GLN B 180 31.06 33.23 -33.85
CA GLN B 180 32.31 33.84 -34.37
C GLN B 180 33.49 32.95 -34.02
N GLY B 181 33.54 32.55 -32.76
CA GLY B 181 34.54 31.63 -32.21
C GLY B 181 34.38 30.16 -32.43
N GLY B 182 33.32 29.72 -33.09
CA GLY B 182 33.07 28.29 -33.37
C GLY B 182 32.75 27.46 -32.14
N THR B 183 32.26 28.06 -31.08
CA THR B 183 32.00 27.40 -29.80
C THR B 183 30.50 27.27 -29.42
N LEU B 184 29.63 27.41 -30.39
CA LEU B 184 28.16 27.30 -30.15
C LEU B 184 27.69 25.94 -30.62
N PHE B 185 26.85 25.35 -29.78
CA PHE B 185 26.33 24.01 -29.95
C PHE B 185 24.85 24.13 -29.65
N GLU B 186 24.11 23.16 -30.12
CA GLU B 186 22.66 23.14 -29.92
C GLU B 186 22.17 21.70 -29.66
N ALA B 187 21.16 21.59 -28.82
CA ALA B 187 20.37 20.37 -28.61
C ALA B 187 18.93 20.72 -28.98
N ASP B 188 18.46 20.15 -30.09
CA ASP B 188 17.15 20.46 -30.65
C ASP B 188 16.27 19.21 -30.56
N PHE B 189 15.17 19.33 -29.86
CA PHE B 189 14.33 18.20 -29.52
C PHE B 189 13.09 18.14 -30.43
N SER B 190 13.19 18.72 -31.64
CA SER B 190 12.04 18.81 -32.63
C SER B 190 11.36 17.46 -32.99
N LEU B 191 12.04 16.33 -32.84
CA LEU B 191 11.35 15.03 -32.93
C LEU B 191 10.14 14.84 -31.99
N LEU B 192 10.09 15.58 -30.88
CA LEU B 192 8.92 15.60 -30.02
C LEU B 192 7.68 16.39 -30.60
N ASP B 193 7.88 17.11 -31.69
CA ASP B 193 6.83 17.91 -32.22
C ASP B 193 5.61 17.06 -32.68
N GLY B 194 4.42 17.35 -32.19
CA GLY B 194 3.19 16.72 -32.66
C GLY B 194 2.94 15.36 -31.97
N ILE B 195 3.75 15.00 -30.99
CA ILE B 195 3.62 13.70 -30.31
C ILE B 195 2.64 13.92 -29.18
N LYS B 196 1.60 13.10 -29.11
CA LYS B 196 0.57 13.21 -28.02
C LYS B 196 1.12 12.74 -26.68
N ALA B 197 0.84 13.49 -25.62
CA ALA B 197 1.27 13.13 -24.29
C ALA B 197 0.33 12.14 -23.65
N ASN B 198 0.86 11.33 -22.75
CA ASN B 198 0.08 10.42 -21.91
C ASN B 198 -1.01 11.11 -21.06
N VAL B 199 -2.10 10.37 -20.87
CA VAL B 199 -3.08 10.69 -19.84
C VAL B 199 -3.13 9.50 -18.91
N ILE B 200 -2.72 9.69 -17.69
CA ILE B 200 -2.55 8.60 -16.77
C ILE B 200 -3.63 8.69 -15.73
N LEU B 201 -4.56 7.72 -15.83
CA LEU B 201 -5.67 7.67 -14.87
C LEU B 201 -6.40 9.03 -14.85
N SER B 202 -6.68 9.59 -16.03
CA SER B 202 -7.40 10.83 -16.24
C SER B 202 -6.55 12.07 -15.98
N SER B 203 -5.30 11.92 -15.61
CA SER B 203 -4.49 13.13 -15.28
C SER B 203 -3.57 13.40 -16.46
N GLN B 204 -3.73 14.56 -17.08
CA GLN B 204 -2.95 14.89 -18.25
C GLN B 204 -1.44 14.93 -17.91
N GLN B 205 -0.62 14.25 -18.68
CA GLN B 205 0.85 14.49 -18.67
C GLN B 205 1.21 15.49 -19.79
N TYR B 206 2.43 16.01 -19.75
CA TYR B 206 2.81 17.02 -20.68
C TYR B 206 4.21 16.85 -21.23
N LEU B 207 4.33 17.26 -22.48
CA LEU B 207 5.58 17.21 -23.21
C LEU B 207 5.98 18.61 -23.69
N ALA B 208 7.29 18.89 -23.69
CA ALA B 208 7.82 20.08 -24.33
C ALA B 208 8.50 19.67 -25.64
N VAL B 209 8.93 20.64 -26.43
CA VAL B 209 9.69 20.42 -27.62
C VAL B 209 10.91 21.43 -27.63
N PRO B 210 11.89 21.21 -26.75
CA PRO B 210 12.83 22.28 -26.48
C PRO B 210 13.95 22.42 -27.47
N LEU B 211 14.62 23.55 -27.31
CA LEU B 211 15.90 23.87 -28.00
C LEU B 211 16.78 24.47 -26.94
N VAL B 212 18.01 23.96 -26.85
CA VAL B 212 18.98 24.52 -25.94
C VAL B 212 20.19 24.92 -26.72
N MET B 213 20.67 26.18 -26.50
CA MET B 213 21.94 26.67 -27.12
C MET B 213 22.95 26.65 -25.98
N LEU B 214 24.13 26.08 -26.27
CA LEU B 214 25.18 25.92 -25.35
C LEU B 214 26.50 26.44 -25.89
N LYS B 215 27.33 26.91 -24.96
CA LYS B 215 28.69 27.34 -25.27
C LYS B 215 29.76 26.44 -24.68
N LEU B 216 30.70 26.11 -25.53
CA LEU B 216 31.86 25.30 -25.11
C LEU B 216 32.97 26.25 -24.68
N GLN B 217 33.32 26.18 -23.42
CA GLN B 217 34.29 27.11 -22.80
C GLN B 217 35.71 26.58 -22.98
N PRO B 218 36.70 27.49 -22.88
CA PRO B 218 38.10 27.14 -22.93
C PRO B 218 38.45 26.03 -21.93
N ASP B 219 37.86 26.08 -20.74
CA ASP B 219 38.06 25.07 -19.73
C ASP B 219 37.40 23.72 -19.98
N GLY B 220 36.68 23.56 -21.09
CA GLY B 220 36.17 22.28 -21.52
C GLY B 220 34.70 22.12 -21.12
N LYS B 221 34.19 23.00 -20.29
CA LYS B 221 32.78 22.88 -19.88
C LYS B 221 31.84 23.34 -20.96
N LEU B 222 30.69 22.70 -21.06
CA LEU B 222 29.63 23.06 -21.95
C LEU B 222 28.46 23.62 -21.12
N LEU B 223 28.21 24.91 -21.29
CA LEU B 223 27.27 25.63 -20.48
C LEU B 223 26.05 26.08 -21.31
N PRO B 224 24.86 25.97 -20.79
CA PRO B 224 23.68 26.38 -21.51
C PRO B 224 23.49 27.92 -21.53
N MET B 225 23.15 28.50 -22.63
CA MET B 225 22.96 29.97 -22.70
C MET B 225 21.49 30.38 -22.67
N VAL B 226 20.63 29.54 -23.28
CA VAL B 226 19.24 29.82 -23.36
C VAL B 226 18.47 28.52 -23.64
N ILE B 227 17.23 28.50 -23.20
CA ILE B 227 16.33 27.36 -23.37
C ILE B 227 15.04 27.89 -23.93
N GLN B 228 14.62 27.35 -25.04
CA GLN B 228 13.27 27.62 -25.54
C GLN B 228 12.52 26.30 -25.38
N LEU B 229 11.33 26.31 -24.78
CA LEU B 229 10.61 25.05 -24.48
C LEU B 229 9.68 24.54 -25.50
N GLN B 230 9.27 25.41 -26.42
CA GLN B 230 8.28 25.06 -27.46
C GLN B 230 8.68 25.67 -28.77
N LEU B 231 8.16 25.11 -29.82
CA LEU B 231 8.35 25.56 -31.19
C LEU B 231 7.44 26.78 -31.41
N PRO B 232 7.98 27.81 -32.06
CA PRO B 232 7.13 28.98 -32.33
C PRO B 232 6.08 28.53 -33.32
N ARG B 233 4.90 29.11 -33.21
CA ARG B 233 3.86 28.86 -34.19
C ARG B 233 3.45 30.19 -34.82
N GLU B 234 3.29 30.18 -36.14
CA GLU B 234 3.00 31.36 -36.98
C GLU B 234 1.75 32.04 -36.40
N GLY B 235 1.86 33.34 -36.18
CA GLY B 235 0.72 34.08 -35.64
C GLY B 235 0.38 33.94 -34.18
N SER B 236 1.18 33.21 -33.39
CA SER B 236 1.00 33.10 -31.95
C SER B 236 2.13 33.79 -31.28
N PRO B 237 1.98 34.17 -30.01
CA PRO B 237 2.99 34.83 -29.28
C PRO B 237 4.21 33.88 -29.18
N LEU B 238 5.38 34.48 -29.20
CA LEU B 238 6.62 33.72 -29.15
C LEU B 238 6.76 33.00 -27.83
N PRO B 239 7.27 31.75 -27.90
CA PRO B 239 7.68 31.11 -26.65
C PRO B 239 8.71 31.99 -25.90
N PRO B 240 8.69 32.01 -24.57
CA PRO B 240 9.67 32.71 -23.84
C PRO B 240 11.02 32.03 -23.96
N LEU B 241 12.06 32.80 -23.70
CA LEU B 241 13.44 32.26 -23.77
C LEU B 241 13.95 32.32 -22.37
N PHE B 242 14.18 31.15 -21.77
CA PHE B 242 14.67 31.06 -20.46
C PHE B 242 16.20 31.18 -20.39
N LEU B 243 16.68 31.89 -19.38
CA LEU B 243 18.11 32.26 -19.23
C LEU B 243 18.62 31.83 -17.89
N PRO B 244 19.96 31.56 -17.78
CA PRO B 244 20.59 31.30 -16.51
C PRO B 244 20.53 32.42 -15.47
N THR B 245 20.25 33.63 -15.90
CA THR B 245 20.01 34.80 -15.04
C THR B 245 18.58 34.97 -14.55
N ASP B 246 17.67 34.06 -14.97
CA ASP B 246 16.30 34.09 -14.50
C ASP B 246 16.18 33.72 -13.05
N PRO B 247 15.03 33.96 -12.46
CA PRO B 247 14.85 33.54 -11.07
C PRO B 247 15.13 32.04 -10.91
N PRO B 248 15.81 31.67 -9.84
CA PRO B 248 16.30 30.33 -9.62
C PRO B 248 15.31 29.22 -9.95
N MET B 249 14.10 29.33 -9.44
CA MET B 249 13.09 28.31 -9.74
C MET B 249 12.63 28.28 -11.13
N VAL B 250 12.58 29.43 -11.83
CA VAL B 250 12.24 29.52 -13.21
C VAL B 250 13.30 28.77 -14.09
N TRP B 251 14.56 29.04 -13.82
CA TRP B 251 15.63 28.44 -14.68
C TRP B 251 15.74 26.93 -14.43
N LEU B 252 15.59 26.54 -13.16
CA LEU B 252 15.60 25.16 -12.73
C LEU B 252 14.46 24.40 -13.41
N LEU B 253 13.27 25.02 -13.45
CA LEU B 253 12.14 24.37 -14.13
C LEU B 253 12.41 24.22 -15.62
N ALA B 254 12.91 25.26 -16.33
CA ALA B 254 13.28 25.13 -17.72
C ALA B 254 14.27 23.92 -17.93
N LYS B 255 15.33 23.86 -17.10
CA LYS B 255 16.31 22.73 -17.22
C LYS B 255 15.61 21.38 -17.00
N CYS B 256 14.77 21.29 -15.95
CA CYS B 256 14.02 20.05 -15.72
C CYS B 256 13.22 19.63 -16.94
N TRP B 257 12.62 20.57 -17.63
CA TRP B 257 11.89 20.27 -18.85
C TRP B 257 12.76 19.69 -19.95
N VAL B 258 13.95 20.29 -20.11
CA VAL B 258 14.89 19.76 -21.09
C VAL B 258 15.30 18.34 -20.69
N ARG B 259 15.59 18.16 -19.41
CA ARG B 259 15.99 16.79 -18.97
C ARG B 259 14.88 15.75 -19.21
N SER B 260 13.62 16.11 -18.99
CA SER B 260 12.52 15.15 -19.22
C SER B 260 12.38 14.83 -20.68
N SER B 261 12.58 15.84 -21.53
CA SER B 261 12.56 15.70 -22.97
C SER B 261 13.72 14.79 -23.42
N ASP B 262 14.90 14.99 -22.86
CA ASP B 262 16.04 14.11 -23.17
C ASP B 262 15.75 12.63 -22.79
N PHE B 263 15.16 12.40 -21.65
CA PHE B 263 14.66 11.03 -21.31
C PHE B 263 13.82 10.42 -22.39
N GLN B 264 12.87 11.17 -22.96
CA GLN B 264 11.95 10.59 -23.92
C GLN B 264 12.72 10.22 -25.20
N LEU B 265 13.53 11.17 -25.70
CA LEU B 265 14.23 10.87 -26.94
C LEU B 265 15.35 9.86 -26.75
N HIS B 266 16.05 9.95 -25.64
CA HIS B 266 17.08 8.99 -25.33
C HIS B 266 16.47 7.58 -25.27
N GLU B 267 15.42 7.39 -24.49
CA GLU B 267 15.00 6.02 -24.26
C GLU B 267 14.39 5.46 -25.48
N LEU B 268 13.60 6.27 -26.21
CA LEU B 268 12.94 5.74 -27.43
C LEU B 268 13.81 5.67 -28.71
N HIS B 269 14.49 6.76 -28.99
CA HIS B 269 15.25 6.87 -30.17
C HIS B 269 16.66 6.34 -29.98
N SER B 270 17.45 6.94 -29.07
CA SER B 270 18.88 6.52 -28.90
C SER B 270 19.08 5.07 -28.38
N HIS B 271 18.21 4.61 -27.52
CA HIS B 271 18.39 3.33 -26.87
C HIS B 271 17.47 2.30 -27.48
N LEU B 272 16.17 2.48 -27.36
CA LEU B 272 15.28 1.41 -27.89
C LEU B 272 15.41 1.14 -29.45
N LEU B 273 15.22 2.18 -30.26
CA LEU B 273 15.25 2.02 -31.69
C LEU B 273 16.63 1.78 -32.24
N ARG B 274 17.56 2.66 -31.88
CA ARG B 274 18.91 2.56 -32.44
C ARG B 274 19.79 1.44 -31.86
N GLY B 275 19.59 1.04 -30.61
CA GLY B 275 20.31 -0.03 -29.97
C GLY B 275 19.55 -1.36 -30.12
N HIS B 276 18.46 -1.44 -29.39
CA HIS B 276 17.71 -2.75 -29.32
C HIS B 276 17.07 -3.17 -30.63
N LEU B 277 16.35 -2.29 -31.28
CA LEU B 277 15.53 -2.74 -32.38
C LEU B 277 16.37 -2.92 -33.64
N MET B 278 17.33 -2.03 -33.87
CA MET B 278 18.25 -2.22 -35.02
C MET B 278 19.09 -3.52 -34.83
N ALA B 279 19.59 -3.77 -33.62
CA ALA B 279 20.36 -5.03 -33.41
C ALA B 279 19.48 -6.24 -33.75
N GLU B 280 18.21 -6.19 -33.37
CA GLU B 280 17.27 -7.24 -33.69
C GLU B 280 17.05 -7.39 -35.19
N VAL B 281 16.92 -6.31 -35.94
CA VAL B 281 16.82 -6.44 -37.41
C VAL B 281 18.07 -7.15 -37.96
N ILE B 282 19.27 -6.73 -37.55
CA ILE B 282 20.49 -7.36 -37.95
C ILE B 282 20.48 -8.87 -37.62
N ALA B 283 20.15 -9.18 -36.39
CA ALA B 283 20.08 -10.57 -35.94
C ALA B 283 19.11 -11.42 -36.80
N VAL B 284 17.90 -10.95 -37.01
CA VAL B 284 16.90 -11.68 -37.81
C VAL B 284 17.29 -11.88 -39.28
N ALA B 285 17.77 -10.82 -39.92
CA ALA B 285 18.19 -10.91 -41.32
C ALA B 285 19.31 -11.94 -41.48
N THR B 286 20.23 -11.89 -40.54
CA THR B 286 21.37 -12.76 -40.53
C THR B 286 20.95 -14.23 -40.28
N MET B 287 20.04 -14.48 -39.34
CA MET B 287 19.54 -15.83 -39.13
C MET B 287 18.80 -16.40 -40.38
N ARG B 288 18.11 -15.52 -41.11
CA ARG B 288 17.36 -15.86 -42.29
C ARG B 288 18.20 -16.12 -43.53
N CYS B 289 19.39 -15.54 -43.60
CA CYS B 289 20.08 -15.48 -44.85
C CYS B 289 21.50 -16.08 -44.88
N LEU B 290 22.18 -16.18 -43.73
CA LEU B 290 23.56 -16.66 -43.74
C LEU B 290 23.63 -17.96 -42.97
N PRO B 291 24.06 -19.04 -43.65
CA PRO B 291 24.14 -20.32 -42.93
C PRO B 291 25.31 -20.42 -41.97
N SER B 292 25.34 -21.45 -41.08
CA SER B 292 26.28 -21.54 -39.97
C SER B 292 27.73 -21.66 -40.46
N ILE B 293 27.94 -22.24 -41.66
CA ILE B 293 29.28 -22.37 -42.25
C ILE B 293 29.86 -21.06 -42.80
N HIS B 294 28.99 -20.06 -43.03
CA HIS B 294 29.41 -18.81 -43.61
C HIS B 294 30.32 -18.02 -42.66
N PRO B 295 31.43 -17.47 -43.19
CA PRO B 295 32.32 -16.70 -42.36
C PRO B 295 31.66 -15.46 -41.72
N ILE B 296 30.72 -14.82 -42.40
CA ILE B 296 30.10 -13.59 -41.85
C ILE B 296 29.06 -14.00 -40.80
N PHE B 297 28.37 -15.14 -40.97
CA PHE B 297 27.57 -15.63 -39.89
C PHE B 297 28.39 -15.79 -38.67
N LYS B 298 29.53 -16.51 -38.80
CA LYS B 298 30.40 -16.79 -37.66
C LYS B 298 30.94 -15.52 -36.98
N LEU B 299 31.27 -14.54 -37.78
CA LEU B 299 31.75 -13.29 -37.27
C LEU B 299 30.69 -12.50 -36.47
N LEU B 300 29.43 -12.58 -36.88
CA LEU B 300 28.29 -11.84 -36.26
C LEU B 300 27.63 -12.58 -35.12
N ILE B 301 27.54 -13.92 -35.15
CA ILE B 301 26.62 -14.64 -34.29
C ILE B 301 26.78 -14.40 -32.81
N PRO B 302 27.99 -14.32 -32.25
CA PRO B 302 27.97 -14.02 -30.84
C PRO B 302 27.35 -12.70 -30.40
N HIS B 303 27.41 -11.72 -31.28
CA HIS B 303 26.90 -10.38 -30.98
C HIS B 303 25.35 -10.26 -31.02
N PHE B 304 24.65 -11.39 -31.23
CA PHE B 304 23.20 -11.42 -31.22
C PHE B 304 22.64 -11.96 -29.89
N ARG B 305 23.50 -12.35 -28.96
CA ARG B 305 23.08 -13.18 -27.84
C ARG B 305 22.01 -12.47 -26.99
N TYR B 306 20.87 -13.12 -26.83
CA TYR B 306 19.79 -12.63 -25.91
C TYR B 306 19.01 -11.42 -26.43
N THR B 307 19.27 -10.96 -27.65
CA THR B 307 18.60 -9.70 -28.13
C THR B 307 17.12 -9.94 -28.47
N MET B 308 16.83 -11.09 -29.07
CA MET B 308 15.46 -11.40 -29.38
C MET B 308 14.65 -11.58 -28.12
N GLU B 309 15.14 -12.29 -27.12
CA GLU B 309 14.34 -12.46 -25.88
C GLU B 309 14.18 -11.12 -25.14
N ILE B 310 15.25 -10.34 -25.03
CA ILE B 310 15.10 -9.12 -24.25
C ILE B 310 14.08 -8.15 -24.97
N ASN B 311 14.06 -8.13 -26.28
CA ASN B 311 13.22 -7.22 -27.05
C ASN B 311 11.75 -7.74 -27.02
N VAL B 312 11.53 -9.08 -27.04
CA VAL B 312 10.17 -9.59 -26.86
C VAL B 312 9.60 -9.24 -25.44
N ARG B 313 10.45 -9.33 -24.41
CA ARG B 313 10.07 -8.98 -23.10
C ARG B 313 9.67 -7.46 -23.07
N ALA B 314 10.47 -6.63 -23.75
CA ALA B 314 10.22 -5.17 -23.76
C ALA B 314 8.90 -4.91 -24.45
N ARG B 315 8.64 -5.64 -25.55
CA ARG B 315 7.37 -5.40 -26.27
C ARG B 315 6.20 -6.00 -25.53
N ASN B 316 6.42 -6.89 -24.59
CA ASN B 316 5.33 -7.38 -23.79
C ASN B 316 5.13 -6.75 -22.40
N GLY B 317 6.04 -5.87 -21.94
CA GLY B 317 5.92 -5.28 -20.60
C GLY B 317 6.39 -3.82 -20.51
N LEU B 318 7.29 -3.41 -21.38
CA LEU B 318 7.88 -2.04 -21.29
C LEU B 318 7.13 -1.04 -22.14
N VAL B 319 6.98 -1.33 -23.41
CA VAL B 319 6.38 -0.38 -24.36
C VAL B 319 5.03 -0.90 -24.87
N SER B 320 4.58 -2.01 -24.28
CA SER B 320 3.24 -2.64 -24.49
C SER B 320 2.08 -1.84 -23.95
N ASP B 321 0.88 -2.16 -24.41
CA ASP B 321 -0.34 -1.54 -23.91
C ASP B 321 -0.44 -1.81 -22.42
N LEU B 322 -0.62 -0.74 -21.65
CA LEU B 322 -0.60 -0.84 -20.18
C LEU B 322 0.77 -1.19 -19.54
N GLY B 323 1.83 -1.19 -20.33
CA GLY B 323 3.15 -1.41 -19.83
C GLY B 323 3.69 -0.19 -19.16
N ILE B 324 4.97 -0.29 -18.84
CA ILE B 324 5.65 0.70 -18.01
C ILE B 324 5.52 2.12 -18.63
N PHE B 325 5.69 2.24 -19.95
CA PHE B 325 5.60 3.57 -20.60
C PHE B 325 4.17 4.15 -20.41
N ASP B 326 3.17 3.31 -20.65
CA ASP B 326 1.78 3.72 -20.45
C ASP B 326 1.46 4.06 -18.99
N GLN B 327 2.16 3.44 -18.07
CA GLN B 327 1.91 3.63 -16.66
C GLN B 327 2.51 4.92 -16.09
N VAL B 328 3.69 5.28 -16.54
CA VAL B 328 4.36 6.43 -15.94
C VAL B 328 5.11 7.45 -16.78
N VAL B 329 5.21 7.27 -18.07
CA VAL B 329 6.07 8.07 -18.91
C VAL B 329 5.23 9.05 -19.78
N SER B 330 5.73 10.27 -19.97
CA SER B 330 4.93 11.30 -20.67
C SER B 330 4.63 11.01 -22.14
N THR B 331 5.49 10.25 -22.83
CA THR B 331 5.21 9.80 -24.20
C THR B 331 4.39 8.47 -24.21
N GLY B 332 4.16 7.91 -23.06
CA GLY B 332 3.36 6.72 -22.99
C GLY B 332 1.92 6.95 -23.48
N GLY B 333 1.22 5.82 -23.72
CA GLY B 333 -0.12 5.83 -24.19
C GLY B 333 -0.30 5.83 -25.70
N GLY B 334 0.78 5.75 -26.48
CA GLY B 334 0.68 5.68 -27.96
C GLY B 334 1.61 6.68 -28.64
N GLY B 335 1.86 7.83 -27.99
CA GLY B 335 2.80 8.81 -28.56
C GLY B 335 4.21 8.21 -28.74
N HIS B 336 4.54 7.31 -27.85
CA HIS B 336 5.80 6.59 -27.93
C HIS B 336 5.95 5.79 -29.19
N VAL B 337 4.90 5.06 -29.58
CA VAL B 337 4.89 4.33 -30.87
C VAL B 337 4.94 5.27 -32.06
N GLU B 338 4.20 6.38 -32.01
CA GLU B 338 4.35 7.37 -33.04
C GLU B 338 5.77 7.95 -33.19
N LEU B 339 6.45 8.24 -32.08
CA LEU B 339 7.81 8.75 -32.17
C LEU B 339 8.72 7.67 -32.78
N LEU B 340 8.51 6.43 -32.40
CA LEU B 340 9.30 5.33 -32.98
C LEU B 340 9.11 5.21 -34.47
N ARG B 341 7.88 5.34 -34.96
CA ARG B 341 7.69 5.18 -36.35
C ARG B 341 8.23 6.37 -37.13
N ARG B 342 8.08 7.57 -36.60
CA ARG B 342 8.67 8.73 -37.26
C ARG B 342 10.22 8.62 -37.29
N ALA B 343 10.85 8.22 -36.19
CA ALA B 343 12.30 8.07 -36.10
C ALA B 343 12.84 6.97 -37.03
N ALA B 344 12.08 5.92 -37.15
CA ALA B 344 12.46 4.76 -37.98
C ALA B 344 12.55 5.18 -39.45
N ALA B 345 11.64 6.05 -39.88
CA ALA B 345 11.61 6.56 -41.23
C ALA B 345 12.78 7.44 -41.53
N LEU B 346 13.42 8.03 -40.53
CA LEU B 346 14.52 8.95 -40.72
C LEU B 346 15.94 8.33 -40.47
N LEU B 347 16.00 7.05 -40.09
CA LEU B 347 17.30 6.44 -39.81
C LEU B 347 18.14 6.44 -41.09
N THR B 348 19.38 6.86 -40.92
CA THR B 348 20.44 6.78 -41.91
C THR B 348 21.57 5.85 -41.54
N TYR B 349 22.17 5.26 -42.55
CA TYR B 349 23.30 4.33 -42.32
C TYR B 349 24.45 5.11 -41.72
N SER B 350 24.72 6.34 -42.17
CA SER B 350 25.86 7.07 -41.63
C SER B 350 25.74 7.37 -40.10
N SER B 351 24.52 7.50 -39.65
CA SER B 351 24.29 7.82 -38.26
C SER B 351 24.66 6.67 -37.32
N PHE B 352 24.84 5.45 -37.86
CA PHE B 352 25.27 4.25 -37.08
C PHE B 352 26.81 4.06 -37.15
N CYS B 353 27.53 4.98 -37.82
CA CYS B 353 28.94 4.87 -38.01
C CYS B 353 29.62 6.08 -37.39
N PRO B 354 30.17 5.93 -36.17
CA PRO B 354 30.76 7.07 -35.48
C PRO B 354 31.65 8.01 -36.33
N PRO B 355 32.46 7.49 -37.26
CA PRO B 355 33.27 8.55 -37.99
C PRO B 355 32.35 9.49 -38.81
N ASP B 356 31.21 9.00 -39.27
CA ASP B 356 30.31 9.80 -40.11
C ASP B 356 29.37 10.60 -39.19
N ASP B 357 28.73 9.94 -38.19
CA ASP B 357 27.89 10.66 -37.24
C ASP B 357 28.60 11.83 -36.61
N LEU B 358 29.80 11.59 -36.14
CA LEU B 358 30.48 12.58 -35.37
C LEU B 358 30.97 13.73 -36.22
N ALA B 359 31.32 13.44 -37.49
CA ALA B 359 31.73 14.47 -38.44
C ALA B 359 30.46 15.32 -38.77
N ASP B 360 29.32 14.66 -38.99
CA ASP B 360 28.07 15.32 -39.39
C ASP B 360 27.57 16.20 -38.26
N ARG B 361 27.82 15.77 -37.00
CA ARG B 361 27.40 16.60 -35.89
C ARG B 361 28.47 17.59 -35.40
N GLY B 362 29.67 17.62 -36.03
CA GLY B 362 30.63 18.61 -35.61
C GLY B 362 31.34 18.31 -34.31
N LEU B 363 31.43 17.02 -33.91
CA LEU B 363 32.06 16.64 -32.62
C LEU B 363 33.47 16.04 -32.74
N LEU B 364 33.92 15.75 -33.95
CA LEU B 364 35.32 15.31 -34.12
C LEU B 364 36.23 16.44 -33.71
N GLY B 365 37.21 16.17 -32.87
CA GLY B 365 38.03 17.30 -32.45
C GLY B 365 37.55 18.04 -31.24
N VAL B 366 36.32 17.75 -30.79
CA VAL B 366 35.86 18.32 -29.53
C VAL B 366 36.30 17.40 -28.42
N GLU B 367 37.41 17.78 -27.76
CA GLU B 367 38.04 16.85 -26.80
C GLU B 367 37.21 16.68 -25.56
N SER B 368 36.36 17.66 -25.25
CA SER B 368 35.45 17.48 -24.13
C SER B 368 34.45 16.34 -24.32
N SER B 369 34.22 15.91 -25.55
CA SER B 369 33.47 14.70 -25.77
C SER B 369 34.32 13.43 -25.60
N PHE B 370 34.20 12.82 -24.45
CA PHE B 370 34.81 11.52 -24.23
C PHE B 370 34.12 10.41 -25.02
N TYR B 371 32.81 10.57 -25.19
CA TYR B 371 32.00 9.72 -26.01
C TYR B 371 32.66 9.69 -27.42
N ALA B 372 32.96 10.83 -28.00
CA ALA B 372 33.59 10.87 -29.33
C ALA B 372 34.97 10.20 -29.38
N GLN B 373 35.78 10.52 -28.40
CA GLN B 373 37.14 10.01 -28.31
C GLN B 373 37.08 8.48 -28.28
N ASP B 374 36.18 7.97 -27.45
CA ASP B 374 36.11 6.47 -27.19
C ASP B 374 35.39 5.75 -28.34
N ALA B 375 34.32 6.33 -28.88
CA ALA B 375 33.58 5.72 -29.96
C ALA B 375 34.41 5.58 -31.21
N LEU B 376 35.15 6.63 -31.57
CA LEU B 376 36.08 6.53 -32.69
C LEU B 376 37.12 5.48 -32.51
N ARG B 377 37.72 5.39 -31.32
CA ARG B 377 38.75 4.40 -31.11
C ARG B 377 38.19 2.98 -31.16
N LEU B 378 36.98 2.79 -30.59
CA LEU B 378 36.36 1.48 -30.54
C LEU B 378 35.96 1.02 -31.94
N TRP B 379 35.34 1.93 -32.71
CA TRP B 379 35.06 1.72 -34.12
C TRP B 379 36.31 1.20 -34.88
N GLU B 380 37.37 1.83 -34.65
CA GLU B 380 38.65 1.53 -35.25
C GLU B 380 39.12 0.12 -34.86
N VAL B 381 39.13 -0.17 -33.68
CA VAL B 381 39.52 -1.51 -33.18
C VAL B 381 38.64 -2.60 -33.82
N ILE B 382 37.32 -2.40 -33.80
CA ILE B 382 36.42 -3.34 -34.45
C ILE B 382 36.70 -3.40 -35.93
N SER B 383 36.89 -2.23 -36.54
N SER B 383 36.89 -2.25 -36.59
CA SER B 383 37.20 -2.16 -37.93
CA SER B 383 37.14 -2.28 -38.02
C SER B 383 38.34 -3.12 -38.37
C SER B 383 38.39 -3.09 -38.43
N ARG B 384 39.43 -2.99 -37.65
CA ARG B 384 40.64 -3.84 -37.95
C ARG B 384 40.38 -5.31 -37.82
N TYR B 385 39.62 -5.69 -36.81
CA TYR B 385 39.23 -7.07 -36.58
C TYR B 385 38.36 -7.60 -37.70
N VAL B 386 37.38 -6.81 -38.11
CA VAL B 386 36.51 -7.18 -39.21
C VAL B 386 37.29 -7.36 -40.52
N GLU B 387 38.18 -6.43 -40.79
CA GLU B 387 39.01 -6.45 -41.99
C GLU B 387 39.92 -7.70 -42.06
N GLY B 388 40.45 -8.06 -40.92
CA GLY B 388 41.32 -9.26 -40.73
C GLY B 388 40.56 -10.51 -41.14
N ILE B 389 39.37 -10.70 -40.56
CA ILE B 389 38.52 -11.79 -40.88
C ILE B 389 38.02 -11.79 -42.31
N VAL B 390 37.63 -10.62 -42.82
CA VAL B 390 37.13 -10.55 -44.19
C VAL B 390 38.27 -10.90 -45.18
N SER B 391 39.44 -10.36 -44.99
CA SER B 391 40.57 -10.62 -45.88
C SER B 391 40.97 -12.10 -45.93
N LEU B 392 40.78 -12.80 -44.84
CA LEU B 392 41.07 -14.24 -44.81
C LEU B 392 40.06 -15.06 -45.50
N HIS B 393 38.85 -14.51 -45.70
CA HIS B 393 37.85 -15.31 -46.35
C HIS B 393 37.41 -14.89 -47.66
N TYR B 394 37.86 -13.71 -48.07
CA TYR B 394 37.51 -13.09 -49.33
C TYR B 394 38.79 -12.57 -49.97
N LYS B 395 39.21 -13.27 -51.00
CA LYS B 395 40.43 -12.94 -51.70
C LYS B 395 40.38 -11.62 -52.49
N THR B 396 39.25 -11.34 -53.12
CA THR B 396 39.15 -10.13 -53.93
C THR B 396 37.74 -9.48 -53.77
N ASP B 397 37.56 -8.27 -54.27
CA ASP B 397 36.23 -7.70 -54.50
C ASP B 397 35.24 -8.61 -55.26
N GLU B 398 35.73 -9.29 -56.29
CA GLU B 398 34.90 -10.20 -57.03
C GLU B 398 34.42 -11.36 -56.18
N SER B 399 35.21 -11.78 -55.22
CA SER B 399 34.74 -12.89 -54.38
C SER B 399 33.58 -12.43 -53.47
N VAL B 400 33.47 -11.13 -53.23
CA VAL B 400 32.34 -10.55 -52.45
C VAL B 400 31.11 -10.48 -53.33
N LYS B 401 31.26 -9.87 -54.52
CA LYS B 401 30.18 -9.80 -55.52
C LYS B 401 29.60 -11.13 -55.82
N GLU B 402 30.42 -12.17 -55.85
CA GLU B 402 29.95 -13.49 -56.22
C GLU B 402 29.27 -14.27 -55.12
N ASP B 403 29.37 -13.77 -53.87
CA ASP B 403 28.76 -14.43 -52.75
C ASP B 403 27.26 -14.11 -52.73
N PHE B 404 26.48 -14.99 -53.34
CA PHE B 404 25.06 -14.62 -53.53
C PHE B 404 24.28 -14.69 -52.23
N GLU B 405 24.76 -15.48 -51.26
CA GLU B 405 24.15 -15.46 -49.91
C GLU B 405 24.31 -14.12 -49.23
N LEU B 406 25.49 -13.56 -49.33
CA LEU B 406 25.78 -12.28 -48.77
C LEU B 406 24.95 -11.19 -49.42
N GLN B 407 24.83 -11.23 -50.71
CA GLN B 407 24.07 -10.24 -51.46
C GLN B 407 22.62 -10.29 -51.05
N ALA B 408 22.07 -11.49 -50.85
CA ALA B 408 20.66 -11.66 -50.50
C ALA B 408 20.43 -11.16 -49.05
N TRP B 409 21.43 -11.39 -48.22
CA TRP B 409 21.41 -10.97 -46.81
C TRP B 409 21.26 -9.46 -46.68
N CYS B 410 22.14 -8.71 -47.35
CA CYS B 410 22.05 -7.27 -47.16
CA CYS B 410 22.16 -7.26 -47.45
C CYS B 410 20.79 -6.70 -47.81
N ARG B 411 20.28 -7.28 -48.88
CA ARG B 411 19.09 -6.78 -49.54
C ARG B 411 17.89 -7.05 -48.72
N GLU B 412 17.82 -8.23 -48.11
CA GLU B 412 16.70 -8.49 -47.20
C GLU B 412 16.69 -7.56 -45.94
N PHE B 413 17.88 -7.39 -45.34
CA PHE B 413 18.05 -6.46 -44.24
C PHE B 413 17.48 -5.07 -44.56
N THR B 414 17.94 -4.51 -45.66
CA THR B 414 17.56 -3.12 -46.02
C THR B 414 16.14 -2.99 -46.60
N GLU B 415 15.78 -3.93 -47.45
CA GLU B 415 14.49 -3.91 -48.12
C GLU B 415 13.33 -4.38 -47.28
N ILE B 416 13.46 -5.50 -46.59
CA ILE B 416 12.39 -6.02 -45.74
C ILE B 416 12.50 -5.55 -44.28
N GLY B 417 13.63 -5.79 -43.65
CA GLY B 417 13.81 -5.46 -42.27
C GLY B 417 13.68 -3.98 -41.97
N LEU B 418 14.36 -3.16 -42.75
CA LEU B 418 14.30 -1.70 -42.60
C LEU B 418 13.27 -0.96 -43.46
N LEU B 419 12.38 -1.70 -44.10
CA LEU B 419 11.19 -1.13 -44.82
C LEU B 419 11.54 -0.35 -46.07
N GLY B 420 12.69 -0.62 -46.67
CA GLY B 420 13.11 -0.04 -47.93
C GLY B 420 13.95 1.17 -47.66
N ALA B 421 15.11 0.97 -47.03
CA ALA B 421 15.93 2.09 -46.57
C ALA B 421 17.16 2.37 -47.44
N GLN B 422 17.16 1.83 -48.64
CA GLN B 422 18.20 2.08 -49.61
C GLN B 422 18.45 3.58 -49.86
N ASP B 423 17.41 4.40 -49.88
CA ASP B 423 17.66 5.81 -50.11
C ASP B 423 18.15 6.59 -48.88
N ARG B 424 18.28 5.92 -47.74
CA ARG B 424 18.97 6.47 -46.60
C ARG B 424 20.33 5.78 -46.23
N GLY B 425 21.00 5.26 -47.25
CA GLY B 425 22.43 4.90 -47.23
C GLY B 425 22.60 3.44 -46.90
N PHE B 426 21.54 2.70 -46.60
CA PHE B 426 21.73 1.31 -46.21
C PHE B 426 21.94 0.45 -47.46
N PRO B 427 22.87 -0.52 -47.36
CA PRO B 427 23.20 -1.27 -48.57
C PRO B 427 22.22 -2.34 -48.97
N VAL B 428 22.05 -2.48 -50.29
CA VAL B 428 21.31 -3.58 -50.83
C VAL B 428 22.24 -4.54 -51.59
N SER B 429 23.43 -4.10 -51.94
CA SER B 429 24.43 -5.01 -52.48
C SER B 429 25.77 -4.60 -51.87
N LEU B 430 26.70 -5.53 -51.85
CA LEU B 430 28.05 -5.28 -51.39
C LEU B 430 29.04 -5.62 -52.54
N GLN B 431 29.75 -4.60 -53.03
CA GLN B 431 30.50 -4.67 -54.29
C GLN B 431 31.99 -4.77 -54.07
N SER B 432 32.42 -4.80 -52.81
CA SER B 432 33.87 -4.76 -52.51
C SER B 432 34.12 -5.25 -51.10
N LYS B 433 35.35 -5.71 -50.85
CA LYS B 433 35.78 -6.03 -49.50
C LYS B 433 35.62 -4.84 -48.55
N GLU B 434 35.98 -3.65 -49.03
CA GLU B 434 35.89 -2.48 -48.20
C GLU B 434 34.43 -2.22 -47.80
N GLN B 435 33.47 -2.43 -48.72
CA GLN B 435 32.07 -2.17 -48.42
C GLN B 435 31.55 -3.20 -47.46
N LEU B 436 31.94 -4.45 -47.64
CA LEU B 436 31.56 -5.50 -46.67
C LEU B 436 32.11 -5.21 -45.31
N CYS B 437 33.39 -4.79 -45.25
CA CYS B 437 34.00 -4.58 -43.99
C CYS B 437 33.21 -3.45 -43.26
N HIS B 438 32.87 -2.40 -44.01
CA HIS B 438 32.26 -1.21 -43.39
C HIS B 438 30.89 -1.61 -42.80
N PHE B 439 30.12 -2.39 -43.52
CA PHE B 439 28.82 -2.77 -43.13
C PHE B 439 28.88 -3.75 -41.95
N VAL B 440 29.78 -4.74 -41.95
CA VAL B 440 29.90 -5.63 -40.76
C VAL B 440 30.39 -4.86 -39.52
N THR B 441 31.31 -3.92 -39.71
CA THR B 441 31.76 -3.08 -38.64
C THR B 441 30.55 -2.35 -38.04
N MET B 442 29.72 -1.75 -38.89
CA MET B 442 28.47 -1.06 -38.43
C MET B 442 27.58 -2.04 -37.66
N CYS B 443 27.44 -3.26 -38.17
CA CYS B 443 26.65 -4.28 -37.49
C CYS B 443 27.16 -4.59 -36.10
N ILE B 444 28.44 -4.87 -35.99
CA ILE B 444 29.05 -5.18 -34.68
C ILE B 444 28.99 -3.99 -33.74
N PHE B 445 29.26 -2.79 -34.25
CA PHE B 445 29.23 -1.66 -33.39
C PHE B 445 27.81 -1.45 -32.84
N THR B 446 26.79 -1.64 -33.67
CA THR B 446 25.41 -1.44 -33.31
C THR B 446 25.02 -2.37 -32.12
N CYS B 447 25.51 -3.61 -32.17
CA CYS B 447 25.23 -4.59 -31.19
C CYS B 447 26.04 -4.46 -29.88
N THR B 448 26.96 -3.64 -29.90
CA THR B 448 27.93 -3.57 -28.82
C THR B 448 28.11 -2.13 -28.32
N GLY B 449 29.01 -1.31 -28.75
CA GLY B 449 29.18 0.06 -28.34
C GLY B 449 28.03 1.00 -28.61
N GLN B 450 27.27 0.85 -29.72
CA GLN B 450 26.09 1.70 -29.89
C GLN B 450 25.07 1.56 -28.69
N HIS B 451 24.84 0.32 -28.31
CA HIS B 451 23.97 0.02 -27.21
C HIS B 451 24.62 0.40 -25.89
N SER B 452 25.91 0.06 -25.67
CA SER B 452 26.54 0.37 -24.42
C SER B 452 26.61 1.85 -24.03
N SER B 453 26.96 2.67 -24.97
CA SER B 453 27.05 4.13 -24.77
C SER B 453 25.66 4.75 -24.47
N ASN B 454 24.58 4.08 -24.91
CA ASN B 454 23.23 4.54 -24.58
C ASN B 454 22.50 3.81 -23.46
N HIS B 455 23.07 2.74 -22.89
CA HIS B 455 22.42 1.96 -21.86
C HIS B 455 23.06 2.20 -20.54
N LEU B 456 24.41 2.28 -20.51
CA LEU B 456 25.17 2.26 -19.26
C LEU B 456 24.98 3.49 -18.39
N GLY B 457 24.56 4.59 -18.96
CA GLY B 457 24.31 5.78 -18.19
C GLY B 457 23.09 5.78 -17.29
N GLN B 458 22.11 4.90 -17.57
CA GLN B 458 20.88 5.00 -16.86
C GLN B 458 21.13 4.89 -15.36
N LEU B 459 21.93 3.91 -14.95
CA LEU B 459 22.17 3.77 -13.54
C LEU B 459 22.77 4.99 -12.87
N ASP B 460 23.58 5.76 -13.61
CA ASP B 460 24.30 6.91 -13.05
C ASP B 460 23.53 8.17 -13.06
N TRP B 461 22.69 8.35 -14.07
CA TRP B 461 22.08 9.70 -14.34
C TRP B 461 20.51 9.73 -14.11
N TYR B 462 19.92 8.56 -14.09
CA TYR B 462 18.42 8.42 -14.09
C TYR B 462 17.84 8.00 -12.77
N THR B 463 18.67 7.64 -11.81
CA THR B 463 18.20 7.19 -10.49
C THR B 463 17.85 8.38 -9.59
N TRP B 464 18.48 9.53 -9.83
CA TRP B 464 18.10 10.80 -9.27
C TRP B 464 17.10 11.41 -10.18
N VAL B 465 15.85 11.13 -9.86
CA VAL B 465 14.75 11.47 -10.80
C VAL B 465 14.67 12.89 -11.29
N PRO B 466 14.93 13.92 -10.44
CA PRO B 466 14.84 15.27 -10.94
C PRO B 466 15.81 15.57 -12.11
N ASN B 467 16.88 14.77 -12.20
CA ASN B 467 17.79 14.87 -13.36
C ASN B 467 17.28 14.23 -14.63
N ALA B 468 16.21 13.43 -14.61
CA ALA B 468 15.72 12.82 -15.86
C ALA B 468 14.23 12.40 -15.67
N PRO B 469 13.32 13.40 -15.57
CA PRO B 469 11.93 13.04 -15.23
C PRO B 469 11.21 12.25 -16.29
N CYS B 470 10.70 11.09 -15.91
CA CYS B 470 9.99 10.22 -16.83
C CYS B 470 8.73 10.89 -17.38
N THR B 471 8.17 11.81 -16.61
CA THR B 471 6.99 12.48 -17.04
C THR B 471 6.95 13.85 -16.37
N MET B 472 6.04 14.67 -16.86
CA MET B 472 5.82 15.98 -16.26
C MET B 472 4.31 16.24 -16.18
N ARG B 473 3.86 16.90 -15.10
CA ARG B 473 2.39 16.90 -14.79
C ARG B 473 1.70 18.29 -14.86
N LEU B 474 2.44 19.29 -15.26
CA LEU B 474 1.90 20.61 -15.62
C LEU B 474 2.45 21.00 -16.94
N PRO B 475 1.79 21.93 -17.67
CA PRO B 475 2.31 22.33 -18.94
C PRO B 475 3.60 23.11 -18.76
N PRO B 476 4.45 23.12 -19.80
CA PRO B 476 5.68 23.87 -19.75
C PRO B 476 5.37 25.38 -19.47
N PRO B 477 6.20 26.03 -18.70
CA PRO B 477 5.93 27.48 -18.37
C PRO B 477 5.97 28.37 -19.60
N THR B 478 5.01 29.31 -19.63
CA THR B 478 5.00 30.33 -20.63
C THR B 478 5.23 31.70 -19.98
N THR B 479 5.57 31.72 -18.70
CA THR B 479 5.89 32.95 -17.97
C THR B 479 7.09 32.67 -17.14
N LYS B 480 7.59 33.71 -16.50
CA LYS B 480 8.69 33.63 -15.57
C LYS B 480 8.37 33.80 -14.09
N ASP B 481 7.31 33.16 -13.63
CA ASP B 481 6.93 33.29 -12.19
C ASP B 481 6.83 31.97 -11.40
N ALA B 482 7.41 30.88 -11.93
CA ALA B 482 7.45 29.62 -11.15
C ALA B 482 8.13 29.78 -9.82
N THR B 483 7.61 29.04 -8.85
CA THR B 483 8.20 28.90 -7.59
C THR B 483 8.41 27.40 -7.31
N LEU B 484 8.92 27.08 -6.13
CA LEU B 484 9.15 25.69 -5.72
C LEU B 484 7.90 24.83 -5.79
N GLU B 485 6.74 25.40 -5.39
CA GLU B 485 5.49 24.62 -5.51
C GLU B 485 5.20 24.23 -6.99
N THR B 486 5.50 25.09 -7.93
CA THR B 486 5.33 24.85 -9.35
C THR B 486 6.27 23.71 -9.82
N VAL B 487 7.49 23.70 -9.29
CA VAL B 487 8.45 22.63 -9.68
C VAL B 487 8.02 21.29 -9.12
N MET B 488 7.54 21.26 -7.87
CA MET B 488 7.12 20.01 -7.26
C MET B 488 5.86 19.48 -7.98
N ALA B 489 5.00 20.39 -8.45
CA ALA B 489 3.74 19.95 -9.06
C ALA B 489 4.01 19.47 -10.51
N THR B 490 5.09 19.94 -11.14
CA THR B 490 5.43 19.52 -12.50
C THR B 490 6.14 18.22 -12.48
N LEU B 491 7.11 18.05 -11.56
CA LEU B 491 7.95 16.88 -11.47
C LEU B 491 7.09 15.66 -11.10
N PRO B 492 7.56 14.43 -11.45
CA PRO B 492 6.82 13.22 -11.19
C PRO B 492 6.36 13.13 -9.75
N ASN B 493 5.22 12.45 -9.52
CA ASN B 493 4.89 12.12 -8.16
C ASN B 493 5.75 11.00 -7.57
N PHE B 494 5.66 10.69 -6.26
CA PHE B 494 6.55 9.69 -5.71
C PHE B 494 6.47 8.32 -6.30
N HIS B 495 5.28 7.87 -6.70
CA HIS B 495 5.15 6.59 -7.31
C HIS B 495 5.77 6.49 -8.72
N GLN B 496 5.54 7.50 -9.54
CA GLN B 496 6.18 7.64 -10.82
C GLN B 496 7.73 7.60 -10.64
N ALA B 497 8.23 8.38 -9.71
CA ALA B 497 9.68 8.50 -9.54
C ALA B 497 10.23 7.18 -9.04
N SER B 498 9.55 6.54 -8.13
CA SER B 498 10.02 5.22 -7.65
C SER B 498 9.96 4.12 -8.65
N LEU B 499 8.93 4.10 -9.51
CA LEU B 499 8.94 3.08 -10.55
C LEU B 499 10.04 3.38 -11.55
N GLN B 500 10.30 4.66 -11.83
CA GLN B 500 11.44 4.98 -12.68
C GLN B 500 12.76 4.39 -12.10
N MET B 501 13.00 4.64 -10.80
CA MET B 501 14.19 4.04 -10.13
C MET B 501 14.27 2.53 -10.25
N SER B 502 13.14 1.82 -10.09
CA SER B 502 13.15 0.37 -10.09
C SER B 502 13.54 -0.16 -11.45
N ILE B 503 12.96 0.39 -12.48
CA ILE B 503 13.22 -0.11 -13.85
C ILE B 503 14.65 0.26 -14.30
N THR B 504 15.05 1.48 -14.03
CA THR B 504 16.40 1.95 -14.24
C THR B 504 17.43 1.05 -13.58
N TRP B 505 17.20 0.72 -12.32
CA TRP B 505 18.01 -0.17 -11.61
C TRP B 505 17.99 -1.57 -12.20
N GLN B 506 16.84 -2.04 -12.59
N GLN B 506 16.81 -2.07 -12.58
CA GLN B 506 16.73 -3.36 -13.12
CA GLN B 506 16.67 -3.40 -13.19
C GLN B 506 17.59 -3.54 -14.35
C GLN B 506 17.61 -3.55 -14.36
N LEU B 507 17.55 -2.56 -15.24
CA LEU B 507 18.33 -2.59 -16.48
C LEU B 507 19.81 -2.23 -16.30
N GLY B 508 20.06 -1.31 -15.41
CA GLY B 508 21.41 -0.69 -15.26
C GLY B 508 22.31 -1.35 -14.30
N ARG B 509 21.76 -2.20 -13.42
CA ARG B 509 22.54 -2.84 -12.37
C ARG B 509 23.69 -3.65 -12.99
N CYS B 510 24.77 -3.84 -12.24
CA CYS B 510 25.85 -4.76 -12.61
C CYS B 510 25.23 -6.17 -12.93
N GLN B 511 25.61 -6.69 -14.05
CA GLN B 511 25.03 -7.87 -14.65
C GLN B 511 25.92 -9.10 -14.50
N PRO B 512 25.53 -10.01 -13.61
CA PRO B 512 26.45 -11.10 -13.39
C PRO B 512 26.67 -12.05 -14.59
N THR B 513 25.78 -12.12 -15.57
CA THR B 513 25.91 -13.04 -16.69
C THR B 513 26.51 -12.33 -17.92
N MET B 514 26.95 -11.09 -17.77
CA MET B 514 27.44 -10.35 -18.95
C MET B 514 28.68 -11.02 -19.60
N VAL B 515 28.76 -10.99 -20.94
CA VAL B 515 30.00 -11.28 -21.68
C VAL B 515 30.51 -9.92 -22.20
N ALA B 516 31.72 -9.52 -21.79
CA ALA B 516 32.30 -8.30 -22.35
C ALA B 516 32.65 -8.46 -23.85
N LEU B 517 32.87 -7.32 -24.52
CA LEU B 517 33.16 -7.30 -25.90
C LEU B 517 34.37 -8.19 -26.26
N GLY B 518 34.17 -9.10 -27.21
CA GLY B 518 35.21 -9.99 -27.71
C GLY B 518 35.43 -11.20 -26.83
N GLN B 519 34.68 -11.34 -25.74
CA GLN B 519 34.99 -12.42 -24.79
C GLN B 519 34.08 -13.61 -24.89
N HIS B 520 33.36 -13.80 -25.97
CA HIS B 520 32.56 -14.99 -26.12
C HIS B 520 33.55 -16.18 -26.02
N GLU B 521 33.09 -17.25 -25.42
CA GLU B 521 33.88 -18.47 -25.27
C GLU B 521 33.92 -19.37 -26.47
N GLU B 522 32.85 -19.47 -27.26
CA GLU B 522 32.79 -20.40 -28.37
C GLU B 522 33.85 -20.05 -29.39
N GLU B 523 34.43 -21.11 -29.95
CA GLU B 523 35.44 -20.93 -30.98
C GLU B 523 34.76 -21.04 -32.33
N TYR B 524 34.64 -19.96 -33.10
CA TYR B 524 33.95 -20.04 -34.40
C TYR B 524 34.91 -20.30 -35.58
N PHE B 525 36.13 -19.89 -35.46
CA PHE B 525 37.11 -20.04 -36.53
C PHE B 525 38.35 -20.83 -36.00
N SER B 526 38.77 -21.88 -36.71
CA SER B 526 39.89 -22.68 -36.14
C SER B 526 41.32 -22.35 -36.71
N GLY B 527 41.40 -21.73 -37.87
CA GLY B 527 42.70 -21.50 -38.56
C GLY B 527 43.60 -20.61 -37.78
N PRO B 528 44.92 -20.69 -38.04
CA PRO B 528 45.84 -19.85 -37.34
C PRO B 528 45.64 -18.33 -37.66
N GLY B 529 45.20 -18.00 -38.86
CA GLY B 529 45.05 -16.59 -39.24
C GLY B 529 43.88 -16.04 -38.44
N PRO B 530 42.74 -16.71 -38.49
CA PRO B 530 41.60 -16.14 -37.76
C PRO B 530 41.87 -16.05 -36.28
N LYS B 531 42.59 -17.02 -35.72
CA LYS B 531 42.99 -16.92 -34.32
C LYS B 531 43.89 -15.72 -34.02
N ALA B 532 44.85 -15.42 -34.90
CA ALA B 532 45.79 -14.29 -34.66
C ALA B 532 44.95 -12.96 -34.72
N VAL B 533 43.97 -12.95 -35.61
CA VAL B 533 43.10 -11.73 -35.84
C VAL B 533 42.27 -11.47 -34.56
N LEU B 534 41.73 -12.55 -34.02
CA LEU B 534 40.93 -12.43 -32.80
C LEU B 534 41.79 -12.15 -31.64
N THR B 535 42.95 -12.78 -31.56
CA THR B 535 43.91 -12.38 -30.53
C THR B 535 44.32 -10.93 -30.52
N LYS B 536 44.64 -10.40 -31.69
CA LYS B 536 44.93 -8.98 -31.84
C LYS B 536 43.71 -8.08 -31.43
N PHE B 537 42.49 -8.47 -31.78
CA PHE B 537 41.27 -7.71 -31.32
C PHE B 537 41.21 -7.60 -29.84
N ARG B 538 41.40 -8.76 -29.19
CA ARG B 538 41.38 -8.81 -27.78
C ARG B 538 42.48 -7.98 -27.17
N GLU B 539 43.67 -8.05 -27.73
CA GLU B 539 44.75 -7.23 -27.23
C GLU B 539 44.54 -5.70 -27.44
N GLU B 540 43.98 -5.34 -28.58
CA GLU B 540 43.72 -3.89 -28.83
C GLU B 540 42.60 -3.37 -27.92
N LEU B 541 41.62 -4.21 -27.72
CA LEU B 541 40.56 -3.89 -26.71
C LEU B 541 41.10 -3.69 -25.30
N ALA B 542 41.95 -4.59 -24.83
CA ALA B 542 42.51 -4.44 -23.50
C ALA B 542 43.36 -3.17 -23.40
N ALA B 543 44.12 -2.85 -24.45
CA ALA B 543 44.94 -1.64 -24.46
C ALA B 543 44.06 -0.38 -24.44
N LEU B 544 42.97 -0.39 -25.18
CA LEU B 544 42.03 0.75 -25.17
C LEU B 544 41.42 0.88 -23.80
N ASP B 545 40.98 -0.26 -23.21
CA ASP B 545 40.46 -0.23 -21.85
C ASP B 545 41.43 0.42 -20.93
N LYS B 546 42.69 0.06 -21.00
CA LYS B 546 43.66 0.64 -20.12
C LYS B 546 43.88 2.12 -20.32
N ASP B 547 44.00 2.55 -21.57
CA ASP B 547 44.16 3.96 -21.92
C ASP B 547 42.99 4.78 -21.30
N ILE B 548 41.80 4.19 -21.36
CA ILE B 548 40.59 4.92 -20.88
C ILE B 548 40.65 4.96 -19.38
N GLU B 549 41.00 3.84 -18.77
CA GLU B 549 41.11 3.82 -17.30
C GLU B 549 42.11 4.91 -16.79
N VAL B 550 43.20 5.10 -17.51
CA VAL B 550 44.26 6.02 -17.10
C VAL B 550 43.80 7.47 -17.31
N ARG B 551 43.18 7.73 -18.46
CA ARG B 551 42.59 9.07 -18.70
C ARG B 551 41.57 9.35 -17.57
N ASN B 552 40.71 8.39 -17.29
CA ASN B 552 39.60 8.60 -16.30
C ASN B 552 40.07 8.97 -14.86
N ALA B 553 41.23 8.44 -14.45
CA ALA B 553 41.82 8.80 -13.14
C ALA B 553 42.20 10.25 -12.99
N LYS B 554 42.36 10.98 -14.08
CA LYS B 554 42.55 12.42 -13.98
C LYS B 554 41.27 13.21 -14.07
N LEU B 555 40.10 12.54 -14.20
CA LEU B 555 38.85 13.29 -14.41
C LEU B 555 38.00 13.33 -13.12
N ALA B 556 37.35 14.47 -12.88
CA ALA B 556 36.32 14.61 -11.81
C ALA B 556 35.19 13.59 -12.03
N LEU B 557 34.78 13.41 -13.29
CA LEU B 557 33.67 12.54 -13.72
C LEU B 557 34.21 11.58 -14.82
N PRO B 558 34.74 10.43 -14.45
CA PRO B 558 35.11 9.40 -15.41
C PRO B 558 34.01 9.05 -16.40
N TYR B 559 34.40 8.91 -17.70
CA TYR B 559 33.51 8.43 -18.71
C TYR B 559 33.74 6.95 -18.99
N GLU B 560 32.82 6.11 -18.61
CA GLU B 560 33.06 4.68 -18.59
C GLU B 560 32.33 3.84 -19.63
N TYR B 561 31.41 4.45 -20.40
CA TYR B 561 30.43 3.69 -21.17
C TYR B 561 30.88 3.04 -22.49
N LEU B 562 32.13 3.28 -22.90
CA LEU B 562 32.70 2.70 -24.05
C LEU B 562 34.00 1.96 -23.78
N ARG B 563 34.38 1.77 -22.52
CA ARG B 563 35.52 0.94 -22.12
C ARG B 563 35.20 -0.46 -22.52
N PRO B 564 36.09 -1.15 -23.24
CA PRO B 564 35.78 -2.52 -23.66
C PRO B 564 35.42 -3.48 -22.56
N SER B 565 36.00 -3.31 -21.40
CA SER B 565 35.64 -4.12 -20.25
C SER B 565 34.17 -3.95 -19.81
N ARG B 566 33.53 -2.86 -20.21
CA ARG B 566 32.16 -2.59 -19.78
CA ARG B 566 32.16 -2.61 -19.77
C ARG B 566 31.15 -2.84 -20.91
N VAL B 567 31.65 -2.77 -22.14
CA VAL B 567 30.82 -2.83 -23.29
C VAL B 567 30.42 -4.29 -23.40
N GLU B 568 29.14 -4.55 -23.37
CA GLU B 568 28.65 -5.90 -23.58
C GLU B 568 28.78 -6.38 -25.03
N ASN B 569 28.93 -7.68 -25.20
CA ASN B 569 29.21 -8.32 -26.51
C ASN B 569 28.00 -8.44 -27.40
N SER B 570 26.81 -8.15 -26.86
CA SER B 570 25.55 -8.14 -27.58
C SER B 570 24.57 -7.24 -26.83
N VAL B 571 23.40 -7.01 -27.44
CA VAL B 571 22.32 -6.32 -26.76
C VAL B 571 21.52 -7.34 -25.99
N ALA B 572 21.68 -7.32 -24.67
CA ALA B 572 21.15 -8.40 -23.78
C ALA B 572 20.31 -7.88 -22.66
N ILE B 573 20.17 -6.57 -22.56
CA ILE B 573 19.51 -5.98 -21.40
C ILE B 573 19.08 -4.53 -21.77
N GLY C 22 43.79 15.09 8.36
CA GLY C 22 45.27 15.24 8.58
C GLY C 22 46.07 13.94 8.75
N THR C 23 47.38 14.07 8.79
CA THR C 23 48.24 12.90 8.97
C THR C 23 48.11 12.48 10.50
N ALA C 24 47.89 11.19 10.80
CA ALA C 24 47.57 10.76 12.21
C ALA C 24 48.87 10.79 13.01
N ARG C 25 48.76 11.13 14.31
CA ARG C 25 49.92 11.24 15.21
C ARG C 25 49.54 10.67 16.59
N THR C 26 50.25 9.63 17.03
CA THR C 26 50.22 9.20 18.43
C THR C 26 51.07 10.19 19.26
N VAL C 27 50.94 10.10 20.58
CA VAL C 27 51.72 10.93 21.48
C VAL C 27 53.23 10.61 21.36
N VAL C 28 53.53 9.36 21.10
CA VAL C 28 54.93 8.94 20.85
C VAL C 28 55.56 9.67 19.59
N ASP C 29 54.73 10.03 18.61
CA ASP C 29 55.20 10.66 17.36
C ASP C 29 55.46 12.09 17.62
N ASP C 30 54.99 12.61 18.76
CA ASP C 30 55.00 14.07 19.02
C ASP C 30 55.84 14.47 20.23
N PRO C 31 57.12 14.06 20.28
CA PRO C 31 57.86 14.40 21.54
C PRO C 31 58.02 15.86 21.82
N GLN C 32 58.01 16.72 20.81
CA GLN C 32 58.07 18.15 21.06
C GLN C 32 56.75 18.76 21.46
N GLY C 33 55.70 17.94 21.54
CA GLY C 33 54.38 18.44 21.93
C GLY C 33 53.70 19.42 20.98
N LEU C 34 53.95 19.30 19.67
CA LEU C 34 53.39 20.25 18.71
C LEU C 34 51.84 20.15 18.69
N PHE C 35 51.34 18.95 18.98
CA PHE C 35 49.92 18.64 18.93
C PHE C 35 49.32 18.39 20.31
N LYS C 36 50.14 18.52 21.38
CA LYS C 36 49.72 18.30 22.75
C LYS C 36 48.58 19.19 23.25
N LYS C 37 48.68 20.52 23.14
CA LYS C 37 47.63 21.39 23.65
C LYS C 37 46.25 21.04 23.02
N HIS C 38 46.23 20.91 21.71
CA HIS C 38 45.02 20.64 21.06
C HIS C 38 44.46 19.29 21.43
N ARG C 39 45.30 18.26 21.47
CA ARG C 39 44.82 16.91 21.76
C ARG C 39 44.25 16.79 23.18
N GLU C 40 44.84 17.50 24.12
CA GLU C 40 44.45 17.46 25.50
C GLU C 40 43.16 18.21 25.71
N GLU C 41 43.03 19.35 25.05
CA GLU C 41 41.82 20.20 25.12
C GLU C 41 40.63 19.49 24.44
N GLU C 42 40.89 18.78 23.35
CA GLU C 42 39.87 17.93 22.74
C GLU C 42 39.41 16.81 23.68
N LEU C 43 40.33 16.10 24.29
CA LEU C 43 39.96 15.00 25.18
C LEU C 43 39.27 15.55 26.46
N ALA C 44 39.60 16.79 26.89
CA ALA C 44 38.88 17.37 28.08
C ALA C 44 37.38 17.58 27.71
N GLU C 45 37.15 18.02 26.49
CA GLU C 45 35.80 18.29 25.98
C GLU C 45 35.08 16.97 25.78
N ARG C 46 35.75 15.98 25.18
CA ARG C 46 35.09 14.63 24.99
C ARG C 46 34.51 14.10 26.27
N ARG C 47 35.26 14.25 27.32
CA ARG C 47 35.00 13.46 28.51
C ARG C 47 33.86 14.18 29.25
N LYS C 48 33.60 15.45 28.90
CA LYS C 48 32.38 16.18 29.34
C LYS C 48 31.13 15.79 28.53
N LEU C 49 31.30 15.64 27.21
CA LEU C 49 30.20 15.31 26.30
C LEU C 49 29.78 13.84 26.44
N TYR C 50 30.78 12.98 26.52
CA TYR C 50 30.59 11.53 26.51
C TYR C 50 30.93 11.01 27.85
N ARG C 51 29.91 10.84 28.69
CA ARG C 51 30.07 10.33 30.02
C ARG C 51 29.50 8.96 30.14
N TRP C 52 30.00 8.16 31.08
CA TRP C 52 29.35 6.89 31.30
C TRP C 52 28.05 7.03 32.11
N GLY C 53 27.02 6.30 31.70
CA GLY C 53 25.84 6.12 32.50
C GLY C 53 25.66 4.67 32.80
N ASN C 54 24.64 4.38 33.60
CA ASN C 54 24.35 3.00 33.97
C ASN C 54 22.82 2.82 33.98
N TRP C 55 22.26 2.34 32.88
CA TRP C 55 20.83 2.21 32.74
C TRP C 55 20.32 1.24 33.83
N LYS C 56 20.98 0.12 33.99
CA LYS C 56 20.64 -0.79 35.07
C LYS C 56 21.88 -1.32 35.83
N ASP C 57 21.65 -1.55 37.12
CA ASP C 57 22.65 -2.15 38.02
C ASP C 57 23.09 -3.51 37.52
N GLY C 58 24.40 -3.70 37.36
CA GLY C 58 25.02 -5.03 36.88
C GLY C 58 25.17 -5.20 35.37
N LEU C 59 24.78 -4.17 34.66
CA LEU C 59 24.98 -4.14 33.22
C LEU C 59 26.25 -3.37 32.93
N ILE C 60 26.93 -3.78 31.86
CA ILE C 60 28.04 -3.00 31.31
C ILE C 60 27.53 -1.57 31.03
N LEU C 61 28.41 -0.61 31.15
CA LEU C 61 27.98 0.77 31.15
C LEU C 61 27.55 1.21 29.74
N ASN C 62 26.98 2.41 29.59
CA ASN C 62 26.40 2.92 28.34
C ASN C 62 26.59 4.40 28.35
N ILE C 63 26.24 5.05 27.25
CA ILE C 63 26.36 6.46 27.18
C ILE C 63 25.32 7.05 28.20
N ALA C 64 25.72 8.09 28.91
CA ALA C 64 24.82 8.88 29.74
C ALA C 64 24.03 9.85 28.88
N SER C 65 22.75 9.65 28.83
CA SER C 65 21.80 10.46 28.10
C SER C 65 20.42 10.01 28.55
N THR C 66 19.59 10.74 29.04
CA THR C 66 18.25 10.36 29.46
C THR C 66 17.51 9.79 28.26
N GLY C 67 17.45 10.59 27.20
CA GLY C 67 16.90 10.18 25.92
C GLY C 67 17.64 10.81 24.75
N ILE C 68 17.12 10.56 23.57
CA ILE C 68 17.84 10.92 22.33
C ILE C 68 18.06 12.43 22.22
N HIS C 69 17.16 13.21 22.76
CA HIS C 69 17.34 14.66 22.74
C HIS C 69 18.55 15.15 23.54
N ASP C 70 19.06 14.28 24.36
CA ASP C 70 20.20 14.48 25.22
C ASP C 70 21.55 14.28 24.57
N LEU C 71 21.58 13.47 23.53
CA LEU C 71 22.83 12.96 23.02
C LEU C 71 23.69 14.03 22.40
N PRO C 72 24.98 13.81 22.35
CA PRO C 72 25.81 14.79 21.65
C PRO C 72 25.36 14.92 20.16
N VAL C 73 25.40 16.16 19.62
CA VAL C 73 24.86 16.52 18.31
C VAL C 73 25.38 15.58 17.19
N ASP C 74 26.67 15.23 17.25
CA ASP C 74 27.28 14.32 16.29
C ASP C 74 26.84 12.86 16.42
N GLU C 75 26.16 12.46 17.50
CA GLU C 75 25.65 11.04 17.53
C GLU C 75 24.19 10.86 17.05
N ARG C 76 23.55 11.98 16.74
CA ARG C 76 22.14 12.00 16.30
C ARG C 76 21.99 11.48 14.89
N PHE C 77 20.99 10.64 14.72
CA PHE C 77 20.48 10.27 13.36
C PHE C 77 20.43 11.45 12.43
N LEU C 78 21.00 11.31 11.25
CA LEU C 78 20.77 12.31 10.21
C LEU C 78 19.26 12.21 9.77
N GLU C 79 18.82 13.21 9.00
CA GLU C 79 17.44 13.26 8.53
C GLU C 79 16.99 11.94 7.93
N ASP C 80 17.69 11.46 6.91
CA ASP C 80 17.27 10.26 6.22
C ASP C 80 16.97 9.09 7.12
N LYS C 81 17.88 8.87 8.05
CA LYS C 81 17.78 7.77 9.00
C LYS C 81 16.61 7.95 9.94
N ARG C 82 16.43 9.16 10.42
CA ARG C 82 15.35 9.43 11.35
C ARG C 82 13.96 9.18 10.66
N ILE C 83 13.85 9.71 9.48
CA ILE C 83 12.55 9.55 8.75
C ILE C 83 12.30 8.06 8.49
N ASP C 84 13.32 7.38 7.99
CA ASP C 84 13.15 5.97 7.66
C ASP C 84 12.80 5.19 8.89
N PHE C 85 13.49 5.46 10.00
CA PHE C 85 13.22 4.69 11.17
C PHE C 85 11.80 4.94 11.73
N GLU C 86 11.48 6.21 11.86
CA GLU C 86 10.12 6.61 12.33
C GLU C 86 8.97 6.23 11.35
N ALA C 87 9.19 6.39 10.07
CA ALA C 87 8.10 6.08 9.10
C ALA C 87 7.90 4.58 9.09
N SER C 88 9.00 3.79 9.22
CA SER C 88 8.81 2.36 9.22
C SER C 88 8.07 1.84 10.41
N LEU C 89 8.33 2.40 11.58
CA LEU C 89 7.54 2.06 12.74
C LEU C 89 6.04 2.40 12.49
N ALA C 90 5.77 3.60 12.01
CA ALA C 90 4.38 4.02 11.77
C ALA C 90 3.72 3.01 10.80
N LYS C 91 4.42 2.58 9.73
CA LYS C 91 3.85 1.54 8.81
C LYS C 91 3.62 0.19 9.55
N GLY C 92 4.60 -0.22 10.33
CA GLY C 92 4.46 -1.45 11.10
C GLY C 92 3.27 -1.37 12.05
N LEU C 93 3.08 -0.22 12.68
CA LEU C 93 1.96 -0.09 13.63
C LEU C 93 0.60 -0.02 12.91
N ALA C 94 0.57 0.59 11.70
CA ALA C 94 -0.64 0.64 10.86
C ALA C 94 -1.03 -0.75 10.40
N ASP C 95 -0.05 -1.57 9.97
CA ASP C 95 -0.35 -2.96 9.65
C ASP C 95 -0.89 -3.71 10.86
N LEU C 96 -0.28 -3.49 11.99
CA LEU C 96 -0.74 -4.19 13.22
C LEU C 96 -2.22 -3.84 13.48
N ALA C 97 -2.58 -2.59 13.24
CA ALA C 97 -3.93 -2.11 13.56
C ALA C 97 -4.92 -2.77 12.62
N VAL C 98 -4.55 -2.87 11.35
CA VAL C 98 -5.38 -3.54 10.37
C VAL C 98 -5.52 -5.03 10.69
N LYS C 99 -4.41 -5.65 11.10
CA LYS C 99 -4.41 -7.05 11.45
C LYS C 99 -5.29 -7.35 12.66
N ASP C 100 -5.10 -6.58 13.72
CA ASP C 100 -5.90 -6.73 14.95
C ASP C 100 -7.40 -6.56 14.65
N SER C 101 -7.70 -5.55 13.86
CA SER C 101 -9.16 -5.17 13.59
C SER C 101 -9.93 -6.29 12.92
N LEU C 102 -9.28 -7.06 12.04
CA LEU C 102 -9.91 -8.20 11.40
C LEU C 102 -9.89 -9.41 12.30
N ASN C 103 -8.80 -9.62 13.00
CA ASN C 103 -8.64 -10.92 13.73
C ASN C 103 -9.52 -10.98 14.97
N VAL C 104 -9.80 -9.81 15.52
CA VAL C 104 -10.78 -9.72 16.60
C VAL C 104 -12.17 -10.31 16.19
N LEU C 105 -12.53 -10.23 14.89
CA LEU C 105 -13.87 -10.63 14.35
C LEU C 105 -13.92 -12.12 14.00
N MET C 106 -12.82 -12.84 14.21
CA MET C 106 -12.70 -14.17 13.61
C MET C 106 -12.13 -15.13 14.56
N SER C 107 -12.18 -16.42 14.25
CA SER C 107 -11.60 -17.42 15.12
C SER C 107 -10.06 -17.52 15.01
N TRP C 108 -9.45 -18.20 15.97
CA TRP C 108 -8.00 -18.42 16.01
C TRP C 108 -7.76 -19.81 16.58
N ASN C 109 -8.03 -20.82 15.79
CA ASN C 109 -8.14 -22.17 16.31
C ASN C 109 -7.28 -23.22 15.59
N SER C 110 -6.45 -22.78 14.63
CA SER C 110 -5.49 -23.72 14.04
C SER C 110 -4.22 -23.03 13.56
N LEU C 111 -3.25 -23.86 13.19
CA LEU C 111 -1.93 -23.34 12.75
C LEU C 111 -2.07 -22.46 11.49
N ASP C 112 -3.05 -22.75 10.64
CA ASP C 112 -3.33 -21.94 9.43
C ASP C 112 -3.83 -20.59 9.75
N SER C 113 -4.29 -20.34 10.96
CA SER C 113 -4.66 -19.03 11.37
C SER C 113 -3.53 -18.02 11.27
N PHE C 114 -2.30 -18.50 11.50
CA PHE C 114 -1.13 -17.64 11.35
C PHE C 114 -0.90 -17.11 9.94
N ASN C 115 -1.44 -17.80 8.94
CA ASN C 115 -1.48 -17.28 7.55
C ASN C 115 -2.13 -15.91 7.41
N ARG C 116 -3.15 -15.66 8.25
CA ARG C 116 -3.88 -14.42 8.15
C ARG C 116 -3.04 -13.20 8.39
N ILE C 117 -2.05 -13.31 9.30
CA ILE C 117 -1.19 -12.16 9.61
C ILE C 117 0.15 -12.13 8.81
N PHE C 118 0.42 -13.21 8.07
CA PHE C 118 1.60 -13.30 7.16
C PHE C 118 1.29 -12.68 5.80
N TRP C 119 1.32 -11.39 5.81
CA TRP C 119 0.99 -10.65 4.63
C TRP C 119 2.11 -10.66 3.58
N SER C 120 1.77 -10.14 2.39
CA SER C 120 2.72 -9.92 1.31
C SER C 120 3.98 -9.12 1.70
N GLY C 121 4.97 -9.13 0.80
CA GLY C 121 6.27 -8.50 1.07
C GLY C 121 7.22 -9.27 2.01
N GLN C 122 6.98 -10.57 2.21
CA GLN C 122 7.90 -11.39 2.97
C GLN C 122 9.08 -11.83 2.08
N SER C 123 10.25 -12.03 2.73
CA SER C 123 11.43 -12.44 1.99
C SER C 123 11.15 -13.89 1.47
N LYS C 124 11.85 -14.26 0.40
CA LYS C 124 11.76 -15.63 -0.12
C LYS C 124 12.01 -16.74 0.88
N LEU C 125 13.06 -16.53 1.67
CA LEU C 125 13.33 -17.43 2.76
C LEU C 125 12.21 -17.47 3.83
N ALA C 126 11.64 -16.31 4.18
CA ALA C 126 10.47 -16.37 5.12
C ALA C 126 9.31 -17.26 4.52
N GLU C 127 9.09 -17.16 3.20
CA GLU C 127 8.03 -18.01 2.54
C GLU C 127 8.41 -19.47 2.62
N ARG C 128 9.71 -19.80 2.50
CA ARG C 128 10.13 -21.19 2.75
C ARG C 128 9.98 -21.63 4.21
N VAL C 129 10.29 -20.77 5.16
CA VAL C 129 10.01 -21.09 6.58
C VAL C 129 8.52 -21.41 6.80
N ARG C 130 7.66 -20.59 6.20
CA ARG C 130 6.23 -20.81 6.38
C ARG C 130 5.89 -22.19 5.86
N ASP C 131 6.38 -22.54 4.67
CA ASP C 131 6.17 -23.88 4.08
C ASP C 131 6.75 -25.01 4.91
N SER C 132 7.96 -24.81 5.46
CA SER C 132 8.75 -25.97 5.96
C SER C 132 8.99 -26.00 7.43
N TRP C 133 8.50 -24.98 8.14
CA TRP C 133 8.94 -24.79 9.52
C TRP C 133 8.77 -26.02 10.41
N LYS C 134 7.91 -26.96 10.02
CA LYS C 134 7.68 -28.14 10.87
C LYS C 134 8.69 -29.24 10.61
N GLU C 135 9.59 -29.05 9.64
CA GLU C 135 10.54 -30.14 9.29
C GLU C 135 11.68 -30.16 10.30
N ASP C 136 11.99 -31.37 10.74
CA ASP C 136 13.03 -31.56 11.77
C ASP C 136 14.42 -31.01 11.33
N ALA C 137 14.71 -31.10 10.03
CA ALA C 137 15.97 -30.64 9.45
C ALA C 137 16.06 -29.12 9.53
N LEU C 138 14.90 -28.48 9.44
CA LEU C 138 14.85 -27.05 9.35
C LEU C 138 14.99 -26.50 10.77
N PHE C 139 14.40 -27.19 11.75
CA PHE C 139 14.55 -26.91 13.19
C PHE C 139 16.07 -26.91 13.56
N GLY C 140 16.76 -27.96 13.17
CA GLY C 140 18.19 -28.07 13.58
C GLY C 140 19.10 -27.14 12.82
N TYR C 141 18.78 -26.95 11.56
CA TYR C 141 19.58 -26.17 10.65
C TYR C 141 19.79 -24.79 11.20
N GLN C 142 18.77 -24.24 11.88
CA GLN C 142 18.87 -22.85 12.37
C GLN C 142 19.91 -22.75 13.46
N PHE C 143 20.22 -23.87 14.09
CA PHE C 143 21.23 -23.78 15.19
C PHE C 143 22.66 -23.53 14.60
N LEU C 144 22.84 -23.88 13.37
CA LEU C 144 24.07 -23.63 12.59
C LEU C 144 24.03 -22.34 11.88
N ASN C 145 22.93 -22.15 11.15
CA ASN C 145 22.88 -21.15 10.09
C ASN C 145 21.61 -20.19 10.15
N GLY C 146 20.96 -20.15 11.29
CA GLY C 146 19.75 -19.39 11.54
C GLY C 146 20.04 -18.07 12.14
N THR C 147 19.05 -17.53 12.84
CA THR C 147 19.21 -16.20 13.37
C THR C 147 20.26 -16.13 14.54
N ASN C 148 20.40 -17.23 15.22
CA ASN C 148 21.24 -17.31 16.46
C ASN C 148 22.24 -18.46 16.34
N PRO C 149 23.40 -18.16 15.73
CA PRO C 149 24.38 -19.20 15.56
C PRO C 149 25.35 -19.34 16.79
N MET C 150 25.10 -18.62 17.87
CA MET C 150 26.06 -18.48 18.98
C MET C 150 25.93 -19.48 20.14
N LEU C 151 24.91 -20.32 20.08
CA LEU C 151 24.49 -21.09 21.27
C LEU C 151 24.99 -22.52 21.17
N LEU C 152 24.89 -23.10 19.97
CA LEU C 152 25.24 -24.51 19.76
C LEU C 152 26.69 -24.81 20.14
N ARG C 153 26.89 -25.96 20.77
CA ARG C 153 28.24 -26.45 20.99
C ARG C 153 28.40 -27.93 20.69
N HIS C 154 29.63 -28.28 20.40
CA HIS C 154 30.01 -29.65 20.11
C HIS C 154 30.07 -30.31 21.50
N SER C 155 29.53 -31.53 21.61
CA SER C 155 29.42 -32.30 22.85
C SER C 155 30.57 -33.33 22.93
N VAL C 156 31.26 -33.39 24.07
CA VAL C 156 32.28 -34.44 24.32
C VAL C 156 31.85 -35.38 25.48
N GLU C 157 30.71 -35.10 26.06
CA GLU C 157 30.08 -35.95 27.05
C GLU C 157 28.59 -35.48 27.13
N LEU C 158 27.73 -36.33 27.71
CA LEU C 158 26.32 -35.96 27.89
C LEU C 158 26.20 -34.98 29.04
N PRO C 159 25.46 -33.88 28.85
CA PRO C 159 25.46 -32.93 29.98
C PRO C 159 24.86 -33.58 31.23
N ALA C 160 25.30 -33.09 32.39
CA ALA C 160 24.87 -33.64 33.70
C ALA C 160 23.32 -33.63 33.82
N ARG C 161 22.72 -32.51 33.43
CA ARG C 161 21.25 -32.38 33.42
C ARG C 161 20.46 -33.40 32.61
N LEU C 162 21.04 -34.04 31.61
CA LEU C 162 20.29 -34.99 30.79
C LEU C 162 20.27 -36.28 31.57
N LYS C 163 19.15 -36.60 32.21
CA LYS C 163 18.88 -37.93 32.85
C LYS C 163 17.74 -38.66 32.12
N PHE C 164 17.76 -39.97 32.17
CA PHE C 164 16.84 -40.71 31.39
C PHE C 164 15.77 -41.42 32.19
N PRO C 165 14.55 -41.32 31.74
CA PRO C 165 13.48 -42.15 32.26
C PRO C 165 13.63 -43.57 31.77
N PRO C 166 12.55 -44.33 31.94
CA PRO C 166 12.53 -45.78 32.00
C PRO C 166 13.02 -46.52 30.78
N GLY C 167 12.26 -46.47 29.72
CA GLY C 167 12.61 -47.24 28.56
C GLY C 167 13.75 -46.49 27.94
N MET C 168 13.73 -46.34 26.64
CA MET C 168 14.74 -45.52 26.04
C MET C 168 16.19 -45.83 26.46
N GLU C 169 16.55 -47.09 26.40
CA GLU C 169 17.91 -47.49 26.41
C GLU C 169 18.46 -47.18 25.07
N GLU C 170 17.59 -47.27 24.10
CA GLU C 170 18.05 -47.17 22.69
C GLU C 170 18.48 -45.74 22.33
N LEU C 171 17.82 -44.77 22.96
CA LEU C 171 18.25 -43.39 22.85
C LEU C 171 19.68 -43.27 23.42
N GLN C 172 19.92 -43.86 24.58
CA GLN C 172 21.26 -43.76 25.21
C GLN C 172 22.35 -44.38 24.33
N ALA C 173 21.98 -45.43 23.58
CA ALA C 173 22.87 -46.11 22.63
C ALA C 173 23.29 -45.14 21.53
N GLN C 174 22.29 -44.54 20.88
CA GLN C 174 22.56 -43.70 19.74
C GLN C 174 23.22 -42.41 20.18
N LEU C 175 22.88 -41.91 21.37
CA LEU C 175 23.62 -40.78 21.93
C LEU C 175 25.14 -41.11 22.07
N GLU C 176 25.47 -42.33 22.53
CA GLU C 176 26.88 -42.79 22.63
C GLU C 176 27.57 -42.91 21.26
N LYS C 177 26.91 -43.58 20.31
CA LYS C 177 27.47 -43.76 18.94
C LYS C 177 27.85 -42.40 18.31
N GLU C 178 26.97 -41.41 18.50
CA GLU C 178 27.23 -40.08 18.02
C GLU C 178 28.45 -39.46 18.75
N LEU C 179 28.49 -39.58 20.09
CA LEU C 179 29.63 -39.08 20.91
C LEU C 179 30.93 -39.70 20.38
N GLN C 180 30.92 -41.02 20.26
CA GLN C 180 32.05 -41.81 19.73
C GLN C 180 32.56 -41.35 18.38
N GLY C 181 31.64 -40.92 17.51
CA GLY C 181 31.95 -40.52 16.14
C GLY C 181 32.20 -39.03 16.03
N GLY C 182 32.10 -38.29 17.15
CA GLY C 182 32.32 -36.82 17.20
C GLY C 182 31.25 -36.04 16.44
N THR C 183 30.00 -36.51 16.49
CA THR C 183 28.91 -35.93 15.69
C THR C 183 27.69 -35.50 16.55
N LEU C 184 27.86 -35.41 17.87
CA LEU C 184 26.81 -34.96 18.73
C LEU C 184 27.08 -33.51 19.15
N PHE C 185 26.03 -32.70 19.03
CA PHE C 185 26.02 -31.28 19.37
C PHE C 185 24.89 -31.01 20.34
N GLU C 186 24.87 -29.88 21.02
CA GLU C 186 23.86 -29.59 22.01
C GLU C 186 23.55 -28.12 22.02
N ALA C 187 22.31 -27.81 22.40
CA ALA C 187 21.93 -26.43 22.68
C ALA C 187 21.32 -26.38 24.07
N ASP C 188 22.00 -25.75 25.01
CA ASP C 188 21.59 -25.74 26.38
C ASP C 188 21.16 -24.32 26.81
N PHE C 189 19.89 -24.19 27.24
CA PHE C 189 19.28 -22.87 27.47
C PHE C 189 19.25 -22.52 28.96
N SER C 190 20.23 -23.01 29.69
CA SER C 190 20.30 -22.90 31.14
C SER C 190 20.37 -21.45 31.59
N LEU C 191 20.86 -20.58 30.75
CA LEU C 191 20.82 -19.19 31.14
C LEU C 191 19.39 -18.74 31.52
N LEU C 192 18.33 -19.37 30.99
CA LEU C 192 16.94 -19.05 31.41
C LEU C 192 16.49 -19.48 32.85
N ASP C 193 17.31 -20.34 33.47
CA ASP C 193 17.00 -20.91 34.78
C ASP C 193 16.84 -19.80 35.79
N GLY C 194 15.67 -19.77 36.41
CA GLY C 194 15.41 -18.83 37.49
C GLY C 194 14.98 -17.45 37.00
N ILE C 195 14.77 -17.32 35.67
CA ILE C 195 14.27 -16.04 35.14
C ILE C 195 12.75 -16.03 35.27
N LYS C 196 12.25 -14.94 35.81
CA LYS C 196 10.84 -14.69 36.00
C LYS C 196 10.15 -14.27 34.69
N ALA C 197 8.99 -14.89 34.45
CA ALA C 197 8.19 -14.72 33.27
C ALA C 197 7.28 -13.47 33.33
N ASN C 198 6.91 -12.93 32.16
CA ASN C 198 6.04 -11.76 32.07
C ASN C 198 4.62 -12.15 32.55
N VAL C 199 3.84 -11.13 32.87
CA VAL C 199 2.38 -11.11 33.05
C VAL C 199 1.81 -9.99 32.14
N ILE C 200 1.02 -10.34 31.13
CA ILE C 200 0.54 -9.37 30.14
C ILE C 200 -0.97 -9.23 30.31
N LEU C 201 -1.45 -8.01 30.56
CA LEU C 201 -2.89 -7.80 30.81
C LEU C 201 -3.42 -8.89 31.76
N SER C 202 -2.73 -9.06 32.88
CA SER C 202 -3.03 -10.05 33.90
C SER C 202 -2.95 -11.52 33.49
N SER C 203 -2.55 -11.84 32.27
CA SER C 203 -2.30 -13.24 31.88
C SER C 203 -0.83 -13.63 32.04
N GLN C 204 -0.62 -14.74 32.75
CA GLN C 204 0.67 -15.31 32.95
C GLN C 204 1.28 -15.73 31.63
N GLN C 205 2.53 -15.31 31.40
CA GLN C 205 3.38 -15.93 30.38
C GLN C 205 4.40 -16.87 31.11
N TYR C 206 4.93 -17.80 30.31
CA TYR C 206 5.80 -18.91 30.72
C TYR C 206 7.12 -18.99 29.90
N LEU C 207 8.14 -19.56 30.58
CA LEU C 207 9.53 -19.80 30.10
C LEU C 207 9.86 -21.28 30.34
N ALA C 208 10.57 -21.89 29.42
CA ALA C 208 11.15 -23.24 29.66
C ALA C 208 12.70 -23.07 29.75
N VAL C 209 13.40 -24.12 30.12
CA VAL C 209 14.87 -24.10 30.30
C VAL C 209 15.37 -25.38 29.58
N PRO C 210 15.21 -25.43 28.24
CA PRO C 210 15.38 -26.68 27.51
C PRO C 210 16.83 -27.07 27.26
N LEU C 211 16.97 -28.30 26.85
CA LEU C 211 18.25 -28.81 26.34
C LEU C 211 17.85 -29.61 25.15
N VAL C 212 18.54 -29.43 24.03
CA VAL C 212 18.36 -30.22 22.81
C VAL C 212 19.68 -30.82 22.41
N MET C 213 19.64 -32.13 22.18
CA MET C 213 20.78 -32.84 21.65
C MET C 213 20.48 -33.10 20.21
N LEU C 214 21.47 -32.86 19.35
CA LEU C 214 21.32 -33.13 17.91
C LEU C 214 22.46 -33.91 17.29
N LYS C 215 22.19 -34.60 16.21
CA LYS C 215 23.24 -35.28 15.49
C LYS C 215 23.54 -34.61 14.17
N LEU C 216 24.82 -34.61 13.82
CA LEU C 216 25.25 -34.15 12.54
C LEU C 216 25.40 -35.38 11.65
N GLN C 217 24.58 -35.49 10.61
CA GLN C 217 24.64 -36.58 9.64
C GLN C 217 25.64 -36.38 8.49
N PRO C 218 26.02 -37.49 7.81
CA PRO C 218 26.96 -37.46 6.68
C PRO C 218 26.60 -36.45 5.60
N ASP C 219 25.31 -36.35 5.29
CA ASP C 219 24.80 -35.43 4.25
C ASP C 219 24.83 -33.94 4.62
N GLY C 220 25.12 -33.62 5.88
CA GLY C 220 25.25 -32.25 6.36
C GLY C 220 24.07 -31.81 7.25
N LYS C 221 23.04 -32.65 7.30
CA LYS C 221 21.84 -32.33 8.07
C LYS C 221 22.02 -32.49 9.57
N LEU C 222 21.61 -31.47 10.33
CA LEU C 222 21.69 -31.54 11.76
C LEU C 222 20.26 -31.81 12.26
N LEU C 223 20.07 -33.00 12.81
CA LEU C 223 18.76 -33.43 13.33
C LEU C 223 18.64 -33.53 14.84
N PRO C 224 17.51 -33.06 15.38
CA PRO C 224 17.31 -33.23 16.79
C PRO C 224 17.01 -34.71 17.12
N MET C 225 17.59 -35.16 18.22
CA MET C 225 17.48 -36.51 18.74
C MET C 225 16.61 -36.55 20.02
N VAL C 226 16.63 -35.49 20.83
CA VAL C 226 15.85 -35.47 22.08
C VAL C 226 15.73 -34.04 22.58
N ILE C 227 14.59 -33.71 23.18
CA ILE C 227 14.40 -32.42 23.85
C ILE C 227 13.96 -32.66 25.27
N GLN C 228 14.63 -32.00 26.21
CA GLN C 228 14.25 -31.91 27.57
C GLN C 228 13.91 -30.45 27.76
N LEU C 229 12.71 -30.20 28.27
CA LEU C 229 12.21 -28.83 28.39
C LEU C 229 12.56 -28.11 29.69
N GLN C 230 12.86 -28.87 30.73
CA GLN C 230 13.09 -28.27 32.06
C GLN C 230 14.25 -29.01 32.78
N LEU C 231 14.86 -28.30 33.73
CA LEU C 231 15.94 -28.86 34.59
C LEU C 231 15.31 -29.74 35.71
N PRO C 232 15.91 -30.90 35.91
CA PRO C 232 15.55 -31.83 36.98
C PRO C 232 15.71 -31.19 38.32
N ARG C 233 14.82 -31.51 39.23
CA ARG C 233 14.85 -31.00 40.56
C ARG C 233 15.07 -32.22 41.46
N GLU C 234 15.87 -32.07 42.52
CA GLU C 234 16.05 -33.17 43.48
C GLU C 234 14.69 -33.69 43.93
N GLY C 235 13.86 -32.79 44.40
CA GLY C 235 12.52 -33.18 44.80
C GLY C 235 11.60 -33.23 43.61
N SER C 236 11.47 -34.42 43.00
CA SER C 236 10.65 -34.50 41.82
C SER C 236 10.90 -35.73 41.00
N PRO C 237 10.07 -35.88 39.97
CA PRO C 237 10.27 -36.92 38.96
C PRO C 237 10.95 -36.33 37.72
N LEU C 238 11.72 -37.14 37.01
CA LEU C 238 12.45 -36.68 35.87
C LEU C 238 11.55 -35.85 34.98
N PRO C 239 12.08 -34.78 34.39
CA PRO C 239 11.38 -34.11 33.32
C PRO C 239 11.29 -35.11 32.21
N PRO C 240 10.22 -35.10 31.46
CA PRO C 240 10.05 -35.96 30.29
C PRO C 240 11.06 -35.64 29.17
N LEU C 241 11.40 -36.67 28.38
CA LEU C 241 12.28 -36.51 27.23
C LEU C 241 11.55 -36.68 25.90
N PHE C 242 11.29 -35.55 25.24
CA PHE C 242 10.40 -35.57 24.07
C PHE C 242 11.27 -36.02 22.92
N LEU C 243 10.68 -36.78 22.03
CA LEU C 243 11.43 -37.44 20.95
C LEU C 243 10.72 -37.16 19.66
N PRO C 244 11.43 -37.19 18.52
CA PRO C 244 10.79 -37.01 17.20
C PRO C 244 9.88 -38.16 16.82
N THR C 245 9.98 -39.25 17.56
CA THR C 245 9.05 -40.38 17.39
C THR C 245 7.73 -40.19 18.21
N ASP C 246 7.63 -39.14 19.05
CA ASP C 246 6.37 -38.89 19.84
C ASP C 246 5.17 -38.47 18.95
N PRO C 247 3.92 -38.46 19.51
CA PRO C 247 2.78 -38.02 18.69
C PRO C 247 2.96 -36.60 18.16
N PRO C 248 2.60 -36.39 16.89
CA PRO C 248 3.11 -35.23 16.18
C PRO C 248 2.85 -33.90 16.92
N MET C 249 1.76 -33.78 17.70
CA MET C 249 1.54 -32.49 18.39
C MET C 249 2.43 -32.33 19.62
N VAL C 250 2.83 -33.44 20.21
CA VAL C 250 3.66 -33.43 21.39
C VAL C 250 5.07 -32.97 21.00
N TRP C 251 5.65 -33.66 20.02
CA TRP C 251 6.94 -33.23 19.42
C TRP C 251 6.92 -31.75 18.93
N LEU C 252 5.91 -31.40 18.13
CA LEU C 252 5.86 -30.02 17.62
C LEU C 252 5.82 -29.00 18.74
N LEU C 253 4.99 -29.23 19.78
CA LEU C 253 4.95 -28.36 20.92
C LEU C 253 6.35 -28.26 21.60
N ALA C 254 7.01 -29.40 21.74
CA ALA C 254 8.36 -29.43 22.29
C ALA C 254 9.30 -28.49 21.51
N LYS C 255 9.29 -28.59 20.18
CA LYS C 255 10.16 -27.80 19.35
C LYS C 255 9.82 -26.29 19.50
N CYS C 256 8.53 -25.99 19.75
CA CYS C 256 8.09 -24.60 19.74
C CYS C 256 8.69 -23.96 20.95
N TRP C 257 8.74 -24.73 22.04
CA TRP C 257 9.28 -24.27 23.31
C TRP C 257 10.81 -23.94 23.20
N VAL C 258 11.49 -24.76 22.45
CA VAL C 258 12.94 -24.48 22.08
C VAL C 258 13.07 -23.25 21.21
N ARG C 259 12.19 -23.10 20.22
CA ARG C 259 12.23 -21.95 19.35
C ARG C 259 11.90 -20.71 20.17
N SER C 260 10.92 -20.81 21.10
CA SER C 260 10.58 -19.66 21.92
C SER C 260 11.75 -19.29 22.82
N SER C 261 12.36 -20.34 23.33
CA SER C 261 13.49 -20.16 24.21
C SER C 261 14.68 -19.53 23.42
N ASP C 262 14.90 -19.97 22.19
CA ASP C 262 16.01 -19.44 21.39
C ASP C 262 15.72 -17.95 21.13
N PHE C 263 14.46 -17.57 20.99
CA PHE C 263 14.17 -16.18 20.71
C PHE C 263 14.68 -15.31 21.82
N GLN C 264 14.35 -15.77 23.05
CA GLN C 264 14.69 -15.00 24.26
C GLN C 264 16.25 -14.85 24.37
N LEU C 265 16.96 -15.96 24.31
CA LEU C 265 18.42 -15.91 24.45
C LEU C 265 19.12 -15.24 23.24
N HIS C 266 18.54 -15.39 22.03
CA HIS C 266 19.11 -14.78 20.85
C HIS C 266 18.97 -13.27 21.02
N GLU C 267 17.73 -12.81 21.25
CA GLU C 267 17.54 -11.38 21.24
C GLU C 267 18.26 -10.69 22.37
N LEU C 268 18.26 -11.29 23.57
CA LEU C 268 18.88 -10.59 24.71
C LEU C 268 20.42 -10.77 24.80
N HIS C 269 20.85 -12.01 24.68
CA HIS C 269 22.28 -12.33 24.77
C HIS C 269 23.10 -12.06 23.46
N SER C 270 22.75 -12.83 22.43
CA SER C 270 23.46 -12.77 21.11
C SER C 270 23.33 -11.41 20.41
N HIS C 271 22.17 -10.74 20.47
CA HIS C 271 22.00 -9.57 19.67
C HIS C 271 22.13 -8.36 20.53
N LEU C 272 21.23 -8.19 21.55
CA LEU C 272 21.25 -6.91 22.32
C LEU C 272 22.61 -6.80 23.09
N LEU C 273 22.98 -7.79 23.86
CA LEU C 273 24.15 -7.61 24.79
C LEU C 273 25.54 -7.65 24.02
N ARG C 274 25.72 -8.71 23.28
CA ARG C 274 26.97 -8.94 22.57
C ARG C 274 27.09 -8.09 21.33
N GLY C 275 25.96 -7.69 20.69
CA GLY C 275 26.01 -6.88 19.52
C GLY C 275 25.90 -5.44 19.91
N HIS C 276 24.70 -5.07 20.33
CA HIS C 276 24.44 -3.69 20.58
C HIS C 276 25.22 -3.10 21.75
N LEU C 277 25.13 -3.74 22.92
CA LEU C 277 25.57 -3.10 24.18
C LEU C 277 27.14 -3.10 24.24
N MET C 278 27.74 -4.19 23.79
CA MET C 278 29.23 -4.24 23.62
C MET C 278 29.76 -3.14 22.69
N ALA C 279 29.10 -2.98 21.55
CA ALA C 279 29.51 -1.99 20.56
C ALA C 279 29.46 -0.59 21.16
N GLU C 280 28.47 -0.35 22.01
CA GLU C 280 28.33 0.94 22.65
C GLU C 280 29.50 1.17 23.68
N VAL C 281 29.87 0.14 24.33
CA VAL C 281 30.98 0.28 25.32
C VAL C 281 32.32 0.63 24.56
N ILE C 282 32.55 -0.08 23.44
CA ILE C 282 33.73 0.19 22.62
C ILE C 282 33.67 1.57 22.20
N ALA C 283 32.46 2.01 21.79
CA ALA C 283 32.37 3.38 21.34
C ALA C 283 32.58 4.48 22.38
N VAL C 284 31.90 4.40 23.50
CA VAL C 284 32.03 5.41 24.53
C VAL C 284 33.49 5.46 25.07
N ALA C 285 34.09 4.33 25.28
CA ALA C 285 35.55 4.26 25.71
C ALA C 285 36.51 4.95 24.73
N THR C 286 36.24 4.72 23.42
CA THR C 286 37.05 5.27 22.39
C THR C 286 36.78 6.75 22.34
N MET C 287 35.51 7.18 22.37
CA MET C 287 35.27 8.62 22.43
C MET C 287 36.00 9.31 23.62
N ARG C 288 36.04 8.65 24.74
CA ARG C 288 36.56 9.23 25.95
C ARG C 288 38.09 9.31 25.97
N CYS C 289 38.78 8.46 25.17
CA CYS C 289 40.19 8.30 25.31
C CYS C 289 41.08 8.62 24.11
N LEU C 290 40.53 8.50 22.88
CA LEU C 290 41.38 8.62 21.66
C LEU C 290 41.00 9.84 20.91
N PRO C 291 41.89 10.80 20.87
CA PRO C 291 41.51 12.02 20.22
C PRO C 291 41.45 11.87 18.70
N SER C 292 40.95 12.89 18.02
CA SER C 292 40.58 12.68 16.62
C SER C 292 41.85 12.55 15.71
N ILE C 293 42.99 13.09 16.19
CA ILE C 293 44.29 12.99 15.53
C ILE C 293 44.90 11.59 15.60
N HIS C 294 44.35 10.74 16.46
CA HIS C 294 44.92 9.44 16.73
C HIS C 294 44.58 8.47 15.64
N PRO C 295 45.59 7.73 15.15
CA PRO C 295 45.31 6.65 14.12
C PRO C 295 44.23 5.65 14.43
N ILE C 296 44.16 5.17 15.65
CA ILE C 296 43.24 4.04 15.96
C ILE C 296 41.85 4.63 16.18
N PHE C 297 41.78 5.89 16.61
CA PHE C 297 40.50 6.61 16.57
C PHE C 297 40.02 6.65 15.10
N LYS C 298 40.87 7.19 14.22
CA LYS C 298 40.50 7.30 12.81
C LYS C 298 40.04 5.95 12.23
N LEU C 299 40.64 4.85 12.66
CA LEU C 299 40.29 3.52 12.16
C LEU C 299 38.97 3.01 12.68
N LEU C 300 38.68 3.39 13.93
CA LEU C 300 37.54 2.86 14.59
C LEU C 300 36.26 3.64 14.28
N ILE C 301 36.33 4.95 14.13
CA ILE C 301 35.18 5.87 14.25
C ILE C 301 34.00 5.59 13.25
N PRO C 302 34.30 5.33 11.95
CA PRO C 302 33.11 4.92 11.13
C PRO C 302 32.25 3.77 11.68
N HIS C 303 32.86 2.86 12.42
CA HIS C 303 32.24 1.63 12.87
C HIS C 303 31.32 1.91 14.16
N PHE C 304 31.26 3.14 14.58
CA PHE C 304 30.37 3.53 15.68
C PHE C 304 29.06 4.19 15.24
N ARG C 305 28.92 4.44 13.95
CA ARG C 305 27.86 5.27 13.47
C ARG C 305 26.46 4.83 13.95
N TYR C 306 25.74 5.74 14.57
CA TYR C 306 24.38 5.47 15.04
C TYR C 306 24.21 4.48 16.21
N THR C 307 25.28 3.91 16.73
CA THR C 307 25.12 2.90 17.76
C THR C 307 24.55 3.52 19.12
N MET C 308 24.98 4.71 19.52
CA MET C 308 24.51 5.27 20.79
C MET C 308 23.00 5.66 20.61
N GLU C 309 22.61 6.29 19.50
CA GLU C 309 21.16 6.63 19.36
C GLU C 309 20.29 5.40 19.27
N ILE C 310 20.68 4.39 18.49
CA ILE C 310 19.82 3.23 18.34
C ILE C 310 19.67 2.61 19.69
N ASN C 311 20.74 2.55 20.44
CA ASN C 311 20.62 1.94 21.78
C ASN C 311 19.81 2.76 22.81
N VAL C 312 19.91 4.08 22.81
CA VAL C 312 19.10 4.94 23.70
C VAL C 312 17.61 4.78 23.29
N ARG C 313 17.37 4.68 21.98
CA ARG C 313 15.97 4.35 21.55
C ARG C 313 15.50 3.00 22.08
N ALA C 314 16.37 2.00 22.10
CA ALA C 314 16.01 0.68 22.54
C ALA C 314 15.70 0.76 24.04
N ARG C 315 16.46 1.57 24.75
CA ARG C 315 16.36 1.63 26.19
C ARG C 315 15.13 2.38 26.62
N ASN C 316 14.64 3.22 25.74
CA ASN C 316 13.50 4.02 25.99
C ASN C 316 12.19 3.50 25.40
N GLY C 317 12.25 2.40 24.65
CA GLY C 317 11.22 1.98 23.73
C GLY C 317 11.14 0.49 23.44
N LEU C 318 12.18 -0.26 23.76
CA LEU C 318 12.16 -1.67 23.44
C LEU C 318 12.23 -2.51 24.67
N VAL C 319 13.23 -2.28 25.49
CA VAL C 319 13.44 -3.03 26.71
C VAL C 319 13.08 -2.22 27.95
N SER C 320 12.51 -1.05 27.74
CA SER C 320 12.11 -0.10 28.75
C SER C 320 10.83 -0.53 29.52
N ASP C 321 10.61 0.00 30.73
CA ASP C 321 9.27 -0.18 31.40
C ASP C 321 8.07 0.15 30.46
N LEU C 322 7.17 -0.79 30.30
CA LEU C 322 5.99 -0.61 29.41
C LEU C 322 6.37 -0.71 27.92
N GLY C 323 7.64 -1.03 27.64
CA GLY C 323 8.08 -1.12 26.26
C GLY C 323 7.70 -2.44 25.62
N ILE C 324 8.28 -2.69 24.45
CA ILE C 324 7.82 -3.73 23.59
C ILE C 324 7.98 -5.04 24.34
N PHE C 325 9.07 -5.26 25.06
CA PHE C 325 9.25 -6.58 25.67
C PHE C 325 8.16 -6.79 26.75
N ASP C 326 7.92 -5.72 27.49
CA ASP C 326 6.94 -5.74 28.56
C ASP C 326 5.55 -6.03 27.91
N GLN C 327 5.33 -5.57 26.67
CA GLN C 327 3.98 -5.67 26.03
C GLN C 327 3.73 -7.08 25.56
N VAL C 328 4.74 -7.79 25.06
CA VAL C 328 4.48 -9.06 24.34
C VAL C 328 5.49 -10.20 24.49
N VAL C 329 6.62 -9.96 25.16
CA VAL C 329 7.65 -11.01 25.30
C VAL C 329 7.60 -11.64 26.68
N SER C 330 7.81 -12.96 26.69
CA SER C 330 7.75 -13.74 27.92
C SER C 330 8.79 -13.41 29.00
N THR C 331 9.98 -12.92 28.61
CA THR C 331 10.98 -12.52 29.58
C THR C 331 10.76 -11.04 29.92
N GLY C 332 9.77 -10.43 29.29
CA GLY C 332 9.46 -9.02 29.57
C GLY C 332 9.01 -8.86 31.03
N GLY C 333 9.02 -7.65 31.51
CA GLY C 333 8.59 -7.38 32.89
C GLY C 333 9.73 -7.24 33.90
N GLY C 334 10.97 -7.46 33.46
CA GLY C 334 12.13 -7.41 34.36
C GLY C 334 13.06 -8.61 34.28
N GLY C 335 12.51 -9.80 34.08
CA GLY C 335 13.35 -10.96 33.90
C GLY C 335 14.35 -10.75 32.71
N HIS C 336 13.95 -9.95 31.73
CA HIS C 336 14.90 -9.67 30.60
C HIS C 336 16.15 -8.93 31.12
N VAL C 337 15.95 -8.04 32.11
CA VAL C 337 17.03 -7.21 32.65
C VAL C 337 17.91 -8.13 33.52
N GLU C 338 17.28 -9.10 34.16
CA GLU C 338 18.04 -10.02 35.01
C GLU C 338 18.94 -10.92 34.21
N LEU C 339 18.43 -11.36 33.07
CA LEU C 339 19.21 -12.15 32.11
C LEU C 339 20.44 -11.43 31.51
N LEU C 340 20.23 -10.19 31.10
CA LEU C 340 21.31 -9.28 30.69
C LEU C 340 22.41 -9.07 31.76
N ARG C 341 21.98 -8.75 32.99
CA ARG C 341 22.84 -8.75 34.18
C ARG C 341 23.67 -10.04 34.30
N ARG C 342 23.03 -11.20 34.17
CA ARG C 342 23.80 -12.44 34.40
C ARG C 342 24.75 -12.67 33.28
N ALA C 343 24.27 -12.44 32.03
CA ALA C 343 25.11 -12.64 30.86
C ALA C 343 26.33 -11.69 30.86
N ALA C 344 26.16 -10.45 31.33
CA ALA C 344 27.18 -9.41 31.34
C ALA C 344 28.35 -9.79 32.22
N ALA C 345 28.05 -10.48 33.34
CA ALA C 345 29.02 -11.08 34.24
C ALA C 345 29.81 -12.23 33.61
N LEU C 346 29.20 -12.97 32.68
CA LEU C 346 29.87 -14.12 32.07
C LEU C 346 30.60 -13.88 30.72
N LEU C 347 30.64 -12.61 30.25
CA LEU C 347 31.27 -12.30 28.91
C LEU C 347 32.78 -12.45 28.96
N THR C 348 33.31 -13.20 27.99
CA THR C 348 34.75 -13.28 27.81
C THR C 348 35.25 -12.66 26.47
N TYR C 349 36.46 -12.09 26.50
CA TYR C 349 37.08 -11.62 25.29
C TYR C 349 37.12 -12.67 24.20
N SER C 350 37.45 -13.89 24.55
CA SER C 350 37.58 -14.89 23.50
C SER C 350 36.30 -15.18 22.74
N SER C 351 35.15 -15.14 23.43
CA SER C 351 33.87 -15.41 22.74
C SER C 351 33.57 -14.37 21.64
N PHE C 352 34.24 -13.21 21.66
CA PHE C 352 34.09 -12.19 20.64
C PHE C 352 35.03 -12.32 19.42
N CYS C 353 35.85 -13.38 19.38
CA CYS C 353 36.95 -13.55 18.40
C CYS C 353 36.59 -14.87 17.81
N PRO C 354 36.04 -14.93 16.57
CA PRO C 354 35.63 -16.23 15.98
C PRO C 354 36.64 -17.41 15.92
N PRO C 355 37.93 -17.15 15.72
CA PRO C 355 38.88 -18.24 15.75
C PRO C 355 38.79 -18.93 17.09
N ASP C 356 38.66 -18.17 18.16
CA ASP C 356 38.55 -18.72 19.48
C ASP C 356 37.18 -19.26 19.86
N ASP C 357 36.16 -18.44 19.68
CA ASP C 357 34.75 -18.92 19.87
C ASP C 357 34.54 -20.22 19.13
N LEU C 358 34.87 -20.27 17.86
CA LEU C 358 34.52 -21.43 17.06
C LEU C 358 35.32 -22.66 17.39
N ALA C 359 36.59 -22.48 17.73
CA ALA C 359 37.41 -23.57 18.24
C ALA C 359 36.78 -24.10 19.54
N ASP C 360 36.48 -23.17 20.48
CA ASP C 360 35.98 -23.53 21.82
C ASP C 360 34.65 -24.26 21.75
N ARG C 361 33.78 -23.82 20.83
CA ARG C 361 32.51 -24.54 20.61
C ARG C 361 32.60 -25.71 19.67
N GLY C 362 33.73 -25.96 19.01
CA GLY C 362 33.89 -27.16 18.18
C GLY C 362 33.24 -27.14 16.83
N LEU C 363 33.26 -25.97 16.18
CA LEU C 363 32.59 -25.77 14.89
C LEU C 363 33.59 -25.57 13.73
N LEU C 364 34.86 -25.32 14.06
CA LEU C 364 35.91 -25.39 13.02
C LEU C 364 35.75 -26.75 12.38
N GLY C 365 35.77 -26.78 11.06
CA GLY C 365 35.71 -28.03 10.30
C GLY C 365 34.33 -28.58 9.97
N VAL C 366 33.28 -28.00 10.56
CA VAL C 366 31.93 -28.45 10.28
C VAL C 366 31.46 -27.77 9.04
N GLU C 367 31.44 -28.55 7.99
CA GLU C 367 31.24 -27.99 6.71
C GLU C 367 29.84 -27.41 6.56
N SER C 368 28.89 -27.98 7.28
CA SER C 368 27.48 -27.59 7.34
C SER C 368 27.31 -26.19 7.93
N SER C 369 28.34 -25.68 8.60
CA SER C 369 28.27 -24.39 9.27
C SER C 369 28.82 -23.31 8.38
N PHE C 370 27.91 -22.59 7.72
CA PHE C 370 28.32 -21.53 6.85
C PHE C 370 28.59 -20.32 7.68
N TYR C 371 27.93 -20.24 8.85
CA TYR C 371 28.25 -19.22 9.81
C TYR C 371 29.79 -19.30 10.07
N ALA C 372 30.26 -20.48 10.44
CA ALA C 372 31.70 -20.71 10.84
C ALA C 372 32.67 -20.32 9.69
N GLN C 373 32.45 -20.89 8.53
CA GLN C 373 33.24 -20.54 7.30
C GLN C 373 33.30 -19.07 7.01
N ASP C 374 32.14 -18.42 7.05
CA ASP C 374 32.08 -17.02 6.74
C ASP C 374 32.58 -16.13 7.84
N ALA C 375 32.28 -16.50 9.09
CA ALA C 375 32.80 -15.74 10.22
C ALA C 375 34.36 -15.72 10.20
N LEU C 376 34.95 -16.87 9.96
CA LEU C 376 36.42 -17.01 9.84
C LEU C 376 37.03 -16.19 8.73
N ARG C 377 36.50 -16.30 7.55
CA ARG C 377 37.00 -15.50 6.49
C ARG C 377 36.82 -14.02 6.71
N LEU C 378 35.69 -13.65 7.29
CA LEU C 378 35.45 -12.27 7.41
C LEU C 378 36.43 -11.71 8.45
N TRP C 379 36.61 -12.43 9.57
CA TRP C 379 37.62 -12.10 10.58
C TRP C 379 38.99 -11.89 9.93
N GLU C 380 39.39 -12.82 9.14
CA GLU C 380 40.71 -12.73 8.44
C GLU C 380 40.85 -11.50 7.56
N VAL C 381 39.78 -11.16 6.80
CA VAL C 381 39.87 -10.01 5.95
C VAL C 381 39.96 -8.78 6.75
N ILE C 382 39.15 -8.67 7.82
CA ILE C 382 39.26 -7.53 8.68
C ILE C 382 40.67 -7.42 9.36
N SER C 383 41.14 -8.55 9.81
CA SER C 383 42.43 -8.58 10.53
C SER C 383 43.64 -8.11 9.66
N ARG C 384 43.62 -8.49 8.38
CA ARG C 384 44.60 -7.99 7.38
C ARG C 384 44.48 -6.53 7.19
N TYR C 385 43.23 -6.03 7.13
CA TYR C 385 43.00 -4.59 7.10
C TYR C 385 43.57 -3.81 8.33
N VAL C 386 43.25 -4.31 9.52
CA VAL C 386 43.72 -3.73 10.78
C VAL C 386 45.29 -3.73 10.84
N GLU C 387 45.86 -4.83 10.47
CA GLU C 387 47.32 -5.04 10.51
C GLU C 387 47.99 -4.06 9.58
N GLY C 388 47.32 -3.83 8.43
CA GLY C 388 47.82 -2.86 7.46
C GLY C 388 47.86 -1.48 8.00
N ILE C 389 46.78 -1.06 8.69
CA ILE C 389 46.67 0.29 9.14
C ILE C 389 47.59 0.47 10.39
N VAL C 390 47.62 -0.53 11.26
CA VAL C 390 48.46 -0.44 12.46
C VAL C 390 49.96 -0.37 12.04
N SER C 391 50.36 -1.21 11.11
CA SER C 391 51.80 -1.24 10.64
C SER C 391 52.23 0.06 9.99
N LEU C 392 51.31 0.79 9.39
CA LEU C 392 51.63 2.10 8.96
C LEU C 392 51.96 2.98 10.11
N HIS C 393 51.39 2.79 11.29
CA HIS C 393 51.54 3.83 12.30
C HIS C 393 52.35 3.44 13.50
N TYR C 394 52.52 2.14 13.67
CA TYR C 394 53.29 1.53 14.73
C TYR C 394 54.33 0.54 14.16
N LYS C 395 55.59 0.95 14.27
CA LYS C 395 56.71 0.17 13.67
C LYS C 395 57.33 -0.83 14.60
N THR C 396 57.21 -0.57 15.90
CA THR C 396 57.75 -1.44 16.94
C THR C 396 56.72 -1.63 18.05
N ASP C 397 56.93 -2.68 18.79
CA ASP C 397 56.19 -2.90 20.02
C ASP C 397 56.31 -1.78 21.02
N GLU C 398 57.49 -1.20 21.11
CA GLU C 398 57.68 -0.17 22.07
C GLU C 398 56.79 1.08 21.75
N SER C 399 56.52 1.33 20.47
CA SER C 399 55.74 2.47 20.05
C SER C 399 54.24 2.28 20.48
N VAL C 400 53.84 1.05 20.69
CA VAL C 400 52.50 0.70 21.26
C VAL C 400 52.52 0.88 22.82
N LYS C 401 53.57 0.32 23.45
CA LYS C 401 53.78 0.42 24.92
C LYS C 401 53.76 1.85 25.39
N GLU C 402 54.43 2.71 24.65
CA GLU C 402 54.56 4.09 25.07
C GLU C 402 53.36 5.02 24.79
N ASP C 403 52.38 4.49 24.04
CA ASP C 403 51.26 5.28 23.65
C ASP C 403 50.35 5.28 24.88
N PHE C 404 50.40 6.35 25.65
CA PHE C 404 49.58 6.42 26.89
C PHE C 404 48.06 6.62 26.63
N GLU C 405 47.72 7.22 25.50
CA GLU C 405 46.29 7.32 25.10
C GLU C 405 45.74 5.91 24.92
N LEU C 406 46.46 5.04 24.23
CA LEU C 406 46.05 3.68 23.97
C LEU C 406 45.89 2.86 25.24
N GLN C 407 46.87 3.01 26.14
CA GLN C 407 46.81 2.25 27.39
C GLN C 407 45.63 2.74 28.22
N ALA C 408 45.36 4.07 28.24
CA ALA C 408 44.21 4.64 29.03
C ALA C 408 42.87 4.16 28.43
N TRP C 409 42.85 4.00 27.11
CA TRP C 409 41.75 3.43 26.35
C TRP C 409 41.37 2.05 26.77
N CYS C 410 42.33 1.14 26.76
CA CYS C 410 42.06 -0.27 27.06
CA CYS C 410 42.30 -0.28 27.12
C CYS C 410 41.83 -0.48 28.56
N ARG C 411 42.24 0.48 29.40
CA ARG C 411 41.90 0.44 30.80
C ARG C 411 40.48 0.86 30.95
N GLU C 412 40.15 2.01 30.39
CA GLU C 412 38.84 2.55 30.61
C GLU C 412 37.77 1.65 30.12
N PHE C 413 38.02 0.95 29.01
CA PHE C 413 37.13 -0.04 28.42
C PHE C 413 36.94 -1.18 29.37
N THR C 414 38.02 -1.79 29.80
CA THR C 414 37.92 -3.08 30.52
C THR C 414 37.59 -2.90 32.02
N GLU C 415 38.15 -1.85 32.62
CA GLU C 415 37.90 -1.54 34.04
C GLU C 415 36.56 -0.85 34.33
N ILE C 416 36.25 0.20 33.59
CA ILE C 416 35.11 1.05 33.88
C ILE C 416 33.94 0.52 33.06
N GLY C 417 34.08 0.50 31.73
CA GLY C 417 32.91 0.11 30.93
C GLY C 417 32.42 -1.32 31.13
N LEU C 418 33.31 -2.26 31.18
CA LEU C 418 32.95 -3.70 31.39
C LEU C 418 33.00 -4.13 32.90
N LEU C 419 33.09 -3.12 33.80
CA LEU C 419 32.96 -3.32 35.27
C LEU C 419 34.09 -4.23 35.73
N GLY C 420 35.33 -3.93 35.36
CA GLY C 420 36.48 -4.80 35.70
C GLY C 420 36.52 -6.24 35.15
N ALA C 421 36.71 -6.38 33.83
CA ALA C 421 36.61 -7.66 33.17
C ALA C 421 37.96 -8.26 32.84
N GLN C 422 39.03 -7.69 33.44
CA GLN C 422 40.40 -8.17 33.20
C GLN C 422 40.55 -9.67 33.40
N ASP C 423 39.91 -10.22 34.43
CA ASP C 423 40.04 -11.68 34.67
C ASP C 423 39.26 -12.50 33.66
N ARG C 424 38.47 -11.83 32.82
CA ARG C 424 37.72 -12.52 31.76
C ARG C 424 38.34 -12.33 30.36
N GLY C 425 39.64 -11.98 30.29
CA GLY C 425 40.33 -11.91 28.98
C GLY C 425 40.47 -10.53 28.32
N PHE C 426 39.70 -9.56 28.77
CA PHE C 426 39.79 -8.21 28.27
C PHE C 426 41.10 -7.49 28.72
N PRO C 427 41.65 -6.66 27.87
CA PRO C 427 42.98 -6.20 28.16
C PRO C 427 42.96 -4.97 29.02
N VAL C 428 44.01 -4.79 29.82
CA VAL C 428 44.18 -3.53 30.53
C VAL C 428 45.44 -2.85 30.05
N SER C 429 46.12 -3.49 29.11
CA SER C 429 47.25 -2.87 28.48
C SER C 429 47.50 -3.47 27.11
N LEU C 430 48.13 -2.70 26.23
CA LEU C 430 48.43 -3.24 24.91
C LEU C 430 49.92 -3.02 24.78
N GLN C 431 50.64 -4.12 24.60
CA GLN C 431 52.10 -4.18 24.81
C GLN C 431 52.87 -4.60 23.57
N SER C 432 52.16 -4.75 22.47
CA SER C 432 52.76 -5.07 21.19
C SER C 432 51.81 -4.77 20.04
N LYS C 433 52.42 -4.61 18.85
CA LYS C 433 51.72 -4.55 17.58
C LYS C 433 50.70 -5.69 17.43
N GLU C 434 51.10 -6.93 17.62
CA GLU C 434 50.17 -8.03 17.45
C GLU C 434 48.93 -7.98 18.42
N GLN C 435 49.18 -7.62 19.67
CA GLN C 435 48.13 -7.47 20.64
C GLN C 435 47.21 -6.28 20.26
N LEU C 436 47.78 -5.15 19.84
CA LEU C 436 46.99 -4.07 19.30
C LEU C 436 46.12 -4.53 18.11
N CYS C 437 46.71 -5.19 17.12
CA CYS C 437 45.93 -5.74 15.99
C CYS C 437 44.78 -6.61 16.46
N HIS C 438 45.03 -7.51 17.40
CA HIS C 438 43.98 -8.48 17.76
C HIS C 438 42.80 -7.74 18.43
N PHE C 439 43.10 -6.85 19.37
CA PHE C 439 42.03 -6.13 20.05
C PHE C 439 41.21 -5.24 19.06
N VAL C 440 41.89 -4.53 18.16
CA VAL C 440 41.21 -3.63 17.26
C VAL C 440 40.36 -4.46 16.27
N THR C 441 40.80 -5.65 15.92
CA THR C 441 40.10 -6.53 15.13
C THR C 441 38.82 -6.98 15.84
N MET C 442 38.95 -7.44 17.08
CA MET C 442 37.78 -7.77 17.93
C MET C 442 36.83 -6.61 17.93
N CYS C 443 37.29 -5.38 18.04
CA CYS C 443 36.40 -4.22 18.10
C CYS C 443 35.62 -4.00 16.82
N ILE C 444 36.32 -4.06 15.67
CA ILE C 444 35.64 -3.85 14.37
C ILE C 444 34.76 -5.03 14.09
N PHE C 445 35.17 -6.25 14.39
CA PHE C 445 34.27 -7.34 14.12
C PHE C 445 32.98 -7.29 14.98
N THR C 446 33.13 -6.90 16.24
CA THR C 446 31.98 -6.70 17.11
C THR C 446 30.94 -5.79 16.47
N CYS C 447 31.40 -4.63 16.00
CA CYS C 447 30.55 -3.66 15.45
C CYS C 447 29.96 -4.00 14.12
N THR C 448 30.35 -5.12 13.50
CA THR C 448 30.02 -5.37 12.07
C THR C 448 29.49 -6.76 11.99
N GLY C 449 30.33 -7.71 11.73
CA GLY C 449 29.93 -9.07 11.59
C GLY C 449 29.31 -9.78 12.80
N GLN C 450 29.73 -9.39 14.01
CA GLN C 450 29.12 -9.95 15.20
C GLN C 450 27.60 -9.59 15.21
N HIS C 451 27.30 -8.34 14.95
CA HIS C 451 25.91 -7.84 14.90
C HIS C 451 25.13 -8.36 13.71
N SER C 452 25.68 -8.23 12.49
CA SER C 452 24.96 -8.59 11.26
C SER C 452 24.61 -10.04 11.28
N SER C 453 25.45 -10.91 11.81
CA SER C 453 25.14 -12.34 11.84
C SER C 453 24.10 -12.73 12.90
N ASN C 454 23.80 -11.79 13.82
CA ASN C 454 22.78 -11.99 14.79
C ASN C 454 21.53 -11.10 14.62
N HIS C 455 21.53 -10.19 13.62
CA HIS C 455 20.48 -9.25 13.39
C HIS C 455 19.72 -9.62 12.12
N LEU C 456 20.48 -9.95 11.04
CA LEU C 456 19.88 -10.13 9.69
C LEU C 456 18.95 -11.29 9.54
N GLY C 457 19.09 -12.36 10.31
CA GLY C 457 18.16 -13.47 10.22
C GLY C 457 16.71 -13.16 10.70
N GLN C 458 16.50 -12.06 11.45
CA GLN C 458 15.18 -11.75 12.04
C GLN C 458 14.11 -11.67 10.93
N LEU C 459 14.40 -10.94 9.85
CA LEU C 459 13.45 -10.85 8.71
C LEU C 459 13.02 -12.25 8.13
N ASP C 460 13.95 -13.21 8.09
CA ASP C 460 13.74 -14.48 7.42
C ASP C 460 13.13 -15.57 8.24
N TRP C 461 13.48 -15.60 9.51
CA TRP C 461 13.10 -16.64 10.43
C TRP C 461 12.10 -16.21 11.53
N TYR C 462 11.97 -14.90 11.78
CA TYR C 462 11.10 -14.50 12.92
C TYR C 462 9.73 -13.93 12.54
N THR C 463 9.50 -13.73 11.25
CA THR C 463 8.22 -13.18 10.78
C THR C 463 7.13 -14.23 10.74
N TRP C 464 7.53 -15.51 10.58
CA TRP C 464 6.63 -16.61 10.77
C TRP C 464 6.70 -17.07 12.21
N VAL C 465 5.70 -16.63 12.97
CA VAL C 465 5.82 -16.51 14.40
C VAL C 465 5.91 -17.87 15.12
N PRO C 466 5.26 -18.87 14.61
CA PRO C 466 5.48 -20.14 15.25
C PRO C 466 6.91 -20.66 15.18
N ASN C 467 7.72 -20.16 14.24
CA ASN C 467 9.17 -20.50 14.22
C ASN C 467 9.99 -19.76 15.26
N ALA C 468 9.40 -18.76 15.92
CA ALA C 468 10.15 -18.12 16.96
C ALA C 468 9.21 -17.39 17.89
N PRO C 469 8.47 -18.13 18.71
CA PRO C 469 7.46 -17.37 19.55
C PRO C 469 8.00 -16.36 20.61
N CYS C 470 7.64 -15.07 20.51
CA CYS C 470 8.16 -14.11 21.46
C CYS C 470 7.66 -14.35 22.85
N THR C 471 6.50 -14.99 22.97
CA THR C 471 6.01 -15.39 24.29
C THR C 471 5.30 -16.73 24.21
N MET C 472 4.97 -17.27 25.38
CA MET C 472 4.12 -18.47 25.43
C MET C 472 3.13 -18.34 26.60
N ARG C 473 1.93 -18.87 26.41
CA ARG C 473 0.76 -18.54 27.28
C ARG C 473 0.26 -19.69 28.18
N LEU C 474 0.90 -20.85 28.08
CA LEU C 474 0.73 -21.92 29.06
C LEU C 474 2.07 -22.51 29.51
N PRO C 475 2.10 -23.15 30.74
CA PRO C 475 3.27 -23.91 31.17
C PRO C 475 3.76 -24.92 30.11
N PRO C 476 5.09 -25.09 30.04
CA PRO C 476 5.62 -26.17 29.21
C PRO C 476 5.04 -27.51 29.64
N PRO C 477 4.86 -28.42 28.70
CA PRO C 477 4.22 -29.70 29.04
C PRO C 477 5.14 -30.55 29.89
N THR C 478 4.54 -31.20 30.89
CA THR C 478 5.21 -32.18 31.75
C THR C 478 4.84 -33.64 31.36
N THR C 479 4.12 -33.80 30.26
CA THR C 479 3.50 -35.09 29.90
C THR C 479 3.49 -35.16 28.38
N LYS C 480 3.00 -36.28 27.83
CA LYS C 480 2.94 -36.47 26.39
C LYS C 480 1.55 -36.54 25.73
N ASP C 481 0.66 -35.59 26.07
CA ASP C 481 -0.73 -35.68 25.57
C ASP C 481 -1.20 -34.44 24.83
N ALA C 482 -0.28 -33.52 24.52
CA ALA C 482 -0.61 -32.24 23.89
C ALA C 482 -1.55 -32.50 22.73
N THR C 483 -2.56 -31.64 22.59
CA THR C 483 -3.35 -31.54 21.34
C THR C 483 -3.07 -30.22 20.58
N LEU C 484 -3.68 -30.11 19.40
CA LEU C 484 -3.63 -28.90 18.60
C LEU C 484 -4.17 -27.74 19.46
N GLU C 485 -5.21 -28.01 20.23
CA GLU C 485 -5.79 -27.01 21.13
C GLU C 485 -4.73 -26.48 22.09
N THR C 486 -3.96 -27.40 22.66
CA THR C 486 -2.88 -27.02 23.58
C THR C 486 -1.82 -26.10 22.92
N VAL C 487 -1.46 -26.50 21.70
CA VAL C 487 -0.48 -25.79 20.87
C VAL C 487 -0.99 -24.39 20.67
N MET C 488 -2.28 -24.23 20.40
CA MET C 488 -2.82 -22.92 20.05
C MET C 488 -2.89 -21.98 21.21
N ALA C 489 -3.24 -22.49 22.40
CA ALA C 489 -3.34 -21.62 23.59
C ALA C 489 -1.98 -21.41 24.21
N THR C 490 -0.98 -22.18 23.74
CA THR C 490 0.44 -21.91 24.14
C THR C 490 1.07 -20.80 23.29
N LEU C 491 0.91 -20.91 21.99
CA LEU C 491 1.53 -19.93 21.10
C LEU C 491 0.91 -18.53 21.26
N PRO C 492 1.64 -17.51 20.85
CA PRO C 492 1.15 -16.15 20.93
C PRO C 492 -0.27 -15.93 20.36
N ASN C 493 -1.04 -15.07 21.01
CA ASN C 493 -2.28 -14.62 20.43
C ASN C 493 -2.02 -13.73 19.23
N PHE C 494 -3.06 -13.29 18.54
CA PHE C 494 -2.79 -12.63 17.27
C PHE C 494 -2.12 -11.32 17.49
N HIS C 495 -2.36 -10.68 18.65
CA HIS C 495 -1.87 -9.29 18.81
C HIS C 495 -0.34 -9.42 19.00
N GLN C 496 0.04 -10.36 19.86
CA GLN C 496 1.41 -10.50 20.25
C GLN C 496 2.19 -10.84 19.02
N ALA C 497 1.66 -11.84 18.28
CA ALA C 497 2.26 -12.25 17.01
C ALA C 497 2.38 -11.11 16.03
N SER C 498 1.33 -10.31 15.87
CA SER C 498 1.43 -9.25 14.91
C SER C 498 2.45 -8.22 15.32
N LEU C 499 2.54 -7.87 16.60
CA LEU C 499 3.54 -6.91 17.02
C LEU C 499 4.99 -7.47 16.76
N GLN C 500 5.19 -8.75 17.06
CA GLN C 500 6.40 -9.42 16.67
C GLN C 500 6.72 -9.19 15.21
N MET C 501 5.72 -9.35 14.30
CA MET C 501 6.04 -9.26 12.90
C MET C 501 6.33 -7.83 12.57
N SER C 502 5.66 -6.86 13.23
CA SER C 502 5.89 -5.44 12.92
C SER C 502 7.31 -5.00 13.21
N ILE C 503 7.80 -5.39 14.37
CA ILE C 503 9.08 -4.89 14.82
C ILE C 503 10.22 -5.66 14.19
N THR C 504 10.06 -6.98 14.01
CA THR C 504 10.96 -7.75 13.15
C THR C 504 11.16 -7.25 11.75
N TRP C 505 10.06 -6.91 11.07
CA TRP C 505 10.16 -6.24 9.82
C TRP C 505 10.89 -4.88 9.98
N GLN C 506 10.48 -4.05 10.95
CA GLN C 506 11.03 -2.70 11.04
C GLN C 506 12.56 -2.78 11.15
N LEU C 507 13.03 -3.73 11.95
CA LEU C 507 14.48 -3.91 12.21
C LEU C 507 15.19 -4.70 11.11
N GLY C 508 14.51 -5.77 10.67
CA GLY C 508 15.05 -6.78 9.76
C GLY C 508 15.02 -6.46 8.26
N ARG C 509 14.22 -5.48 7.84
CA ARG C 509 13.97 -5.20 6.42
C ARG C 509 15.26 -4.61 5.84
N CYS C 510 15.33 -4.60 4.50
CA CYS C 510 16.34 -3.82 3.72
C CYS C 510 16.42 -2.39 4.32
N GLN C 511 17.63 -1.96 4.66
CA GLN C 511 17.88 -0.66 5.27
C GLN C 511 18.29 0.37 4.26
N PRO C 512 17.36 1.29 3.95
CA PRO C 512 17.58 2.32 2.97
C PRO C 512 18.75 3.22 3.27
N THR C 513 19.20 3.31 4.52
CA THR C 513 20.29 4.22 4.87
C THR C 513 21.60 3.51 5.23
N MET C 514 21.61 2.21 5.13
CA MET C 514 22.82 1.43 5.51
C MET C 514 24.12 1.80 4.72
N VAL C 515 25.24 1.68 5.42
CA VAL C 515 26.56 1.75 4.85
C VAL C 515 27.09 0.32 5.05
N ALA C 516 27.41 -0.36 3.93
CA ALA C 516 27.97 -1.68 3.98
C ALA C 516 29.41 -1.64 4.52
N LEU C 517 29.83 -2.78 4.98
CA LEU C 517 31.21 -3.01 5.51
C LEU C 517 32.30 -2.45 4.58
N GLY C 518 33.06 -1.53 5.12
CA GLY C 518 34.11 -0.86 4.42
C GLY C 518 33.74 0.24 3.48
N GLN C 519 32.45 0.55 3.35
CA GLN C 519 32.01 1.53 2.37
C GLN C 519 31.80 2.93 2.91
N HIS C 520 32.34 3.22 4.09
CA HIS C 520 32.28 4.57 4.57
C HIS C 520 32.94 5.49 3.59
N GLU C 521 32.28 6.63 3.42
CA GLU C 521 32.51 7.61 2.38
C GLU C 521 33.60 8.51 2.91
N GLU C 522 33.45 8.91 4.17
CA GLU C 522 34.37 9.83 4.82
C GLU C 522 35.80 9.25 4.85
N GLU C 523 36.78 10.14 4.73
CA GLU C 523 38.18 9.81 4.65
C GLU C 523 38.76 10.50 5.88
N TYR C 524 38.98 9.69 6.92
CA TYR C 524 39.57 10.14 8.18
C TYR C 524 41.11 10.12 8.04
N PHE C 525 41.63 9.03 7.48
CA PHE C 525 43.03 8.97 7.09
C PHE C 525 43.37 9.76 5.84
N SER C 526 44.66 10.05 5.69
CA SER C 526 45.14 11.05 4.74
C SER C 526 46.13 10.57 3.68
N GLY C 527 46.98 9.61 4.00
CA GLY C 527 47.96 9.21 2.95
C GLY C 527 47.44 8.36 1.79
N PRO C 528 48.29 8.14 0.78
CA PRO C 528 48.13 7.04 -0.15
C PRO C 528 48.38 5.71 0.52
N GLY C 529 49.22 5.66 1.56
CA GLY C 529 49.44 4.40 2.28
C GLY C 529 48.14 3.87 2.90
N PRO C 530 47.43 4.70 3.69
CA PRO C 530 46.14 4.21 4.26
C PRO C 530 45.11 3.94 3.16
N LYS C 531 45.07 4.80 2.16
CA LYS C 531 44.18 4.53 1.04
C LYS C 531 44.41 3.18 0.38
N ALA C 532 45.68 2.79 0.11
CA ALA C 532 46.01 1.49 -0.41
C ALA C 532 45.50 0.32 0.47
N VAL C 533 45.65 0.44 1.79
CA VAL C 533 45.18 -0.62 2.69
C VAL C 533 43.66 -0.74 2.63
N LEU C 534 42.96 0.38 2.59
CA LEU C 534 41.49 0.36 2.48
C LEU C 534 41.03 -0.22 1.11
N THR C 535 41.75 0.15 0.05
CA THR C 535 41.38 -0.32 -1.30
C THR C 535 41.51 -1.81 -1.29
N LYS C 536 42.57 -2.31 -0.68
CA LYS C 536 42.73 -3.76 -0.55
C LYS C 536 41.70 -4.43 0.32
N PHE C 537 41.34 -3.80 1.42
CA PHE C 537 40.22 -4.35 2.23
C PHE C 537 38.96 -4.56 1.37
N ARG C 538 38.65 -3.51 0.65
CA ARG C 538 37.44 -3.47 -0.20
C ARG C 538 37.51 -4.53 -1.29
N GLU C 539 38.70 -4.73 -1.87
CA GLU C 539 38.88 -5.78 -2.88
C GLU C 539 38.70 -7.16 -2.30
N GLU C 540 39.29 -7.40 -1.14
CA GLU C 540 39.11 -8.71 -0.50
C GLU C 540 37.69 -9.03 -0.03
N LEU C 541 37.00 -8.02 0.44
CA LEU C 541 35.58 -8.16 0.87
C LEU C 541 34.75 -8.49 -0.35
N ALA C 542 35.01 -7.77 -1.46
CA ALA C 542 34.28 -8.01 -2.73
C ALA C 542 34.53 -9.44 -3.23
N ALA C 543 35.78 -9.92 -3.18
CA ALA C 543 36.10 -11.30 -3.54
C ALA C 543 35.43 -12.35 -2.68
N LEU C 544 35.41 -12.13 -1.33
CA LEU C 544 34.73 -12.99 -0.39
C LEU C 544 33.19 -13.00 -0.66
N ASP C 545 32.64 -11.84 -0.91
CA ASP C 545 31.22 -11.76 -1.22
C ASP C 545 30.87 -12.61 -2.44
N LYS C 546 31.65 -12.41 -3.52
CA LYS C 546 31.52 -13.25 -4.72
C LYS C 546 31.63 -14.72 -4.42
N ASP C 547 32.66 -15.13 -3.68
CA ASP C 547 32.78 -16.53 -3.33
C ASP C 547 31.59 -17.11 -2.53
N ILE C 548 31.01 -16.29 -1.66
CA ILE C 548 29.84 -16.74 -0.92
C ILE C 548 28.63 -16.82 -1.87
N GLU C 549 28.51 -15.86 -2.76
CA GLU C 549 27.46 -15.88 -3.78
C GLU C 549 27.52 -17.18 -4.55
N VAL C 550 28.70 -17.55 -5.00
CA VAL C 550 28.85 -18.77 -5.78
C VAL C 550 28.61 -20.02 -4.94
N ARG C 551 29.08 -20.07 -3.69
CA ARG C 551 28.70 -21.20 -2.85
C ARG C 551 27.17 -21.18 -2.69
N ASN C 552 26.61 -20.01 -2.46
CA ASN C 552 25.18 -19.91 -2.09
C ASN C 552 24.26 -20.43 -3.19
N ALA C 553 24.66 -20.19 -4.45
CA ALA C 553 23.89 -20.67 -5.62
C ALA C 553 23.84 -22.20 -5.76
N LYS C 554 24.71 -22.93 -5.06
CA LYS C 554 24.63 -24.42 -5.00
C LYS C 554 23.77 -24.93 -3.82
N LEU C 555 23.34 -24.04 -2.92
CA LEU C 555 22.66 -24.49 -1.72
C LEU C 555 21.16 -24.33 -1.88
N ALA C 556 20.41 -25.20 -1.21
CA ALA C 556 18.94 -25.07 -1.14
C ALA C 556 18.53 -23.86 -0.27
N LEU C 557 19.25 -23.62 0.83
CA LEU C 557 19.06 -22.47 1.68
C LEU C 557 20.36 -21.66 1.79
N PRO C 558 20.49 -20.59 0.99
CA PRO C 558 21.68 -19.72 1.00
C PRO C 558 21.92 -18.98 2.30
N TYR C 559 23.18 -18.95 2.74
CA TYR C 559 23.50 -18.28 3.99
C TYR C 559 24.03 -16.90 3.67
N GLU C 560 23.29 -15.86 4.05
CA GLU C 560 23.59 -14.52 3.59
C GLU C 560 24.22 -13.57 4.59
N TYR C 561 24.23 -13.91 5.88
CA TYR C 561 24.32 -12.93 6.95
C TYR C 561 25.70 -12.49 7.31
N LEU C 562 26.71 -13.09 6.67
CA LEU C 562 28.09 -12.59 6.80
C LEU C 562 28.73 -12.25 5.44
N ARG C 563 27.92 -12.09 4.37
CA ARG C 563 28.35 -11.45 3.13
C ARG C 563 28.68 -10.04 3.31
N PRO C 564 29.90 -9.64 2.90
CA PRO C 564 30.24 -8.28 3.04
C PRO C 564 29.28 -7.24 2.45
N SER C 565 28.60 -7.60 1.37
CA SER C 565 27.59 -6.71 0.75
C SER C 565 26.36 -6.50 1.67
N ARG C 566 26.11 -7.46 2.55
CA ARG C 566 25.01 -7.43 3.53
C ARG C 566 25.39 -7.00 4.97
N VAL C 567 26.69 -7.06 5.34
CA VAL C 567 27.12 -6.66 6.70
C VAL C 567 27.21 -5.16 6.78
N GLU C 568 26.57 -4.55 7.81
CA GLU C 568 26.65 -3.11 7.95
C GLU C 568 27.95 -2.70 8.63
N ASN C 569 28.42 -1.52 8.34
CA ASN C 569 29.69 -0.99 8.79
C ASN C 569 29.69 -0.62 10.32
N SER C 570 28.50 -0.55 10.91
CA SER C 570 28.31 -0.23 12.36
C SER C 570 26.99 -0.86 12.84
N VAL C 571 26.74 -0.80 14.15
CA VAL C 571 25.46 -1.24 14.73
C VAL C 571 24.55 -0.07 14.65
N ALA C 572 23.61 -0.13 13.73
CA ALA C 572 22.81 1.01 13.46
C ALA C 572 21.31 0.76 13.49
N ILE C 573 20.93 -0.48 13.75
CA ILE C 573 19.60 -0.88 13.72
C ILE C 573 19.47 -2.14 14.54
N GLY D 22 -36.66 -0.04 44.11
CA GLY D 22 -37.34 1.03 43.35
C GLY D 22 -37.78 2.28 44.16
N THR D 23 -37.61 2.31 45.50
CA THR D 23 -38.10 3.44 46.30
C THR D 23 -36.90 4.21 46.79
N ALA D 24 -36.76 5.47 46.37
CA ALA D 24 -35.51 6.22 46.63
C ALA D 24 -35.49 6.82 48.07
N ARG D 25 -34.32 6.82 48.70
CA ARG D 25 -34.16 7.38 50.02
C ARG D 25 -32.87 8.14 50.18
N THR D 26 -33.00 9.39 50.60
CA THR D 26 -31.87 10.15 51.07
C THR D 26 -31.65 9.66 52.49
N VAL D 27 -30.53 10.08 53.10
CA VAL D 27 -30.23 9.83 54.53
C VAL D 27 -31.31 10.46 55.45
N VAL D 28 -31.84 11.60 55.00
CA VAL D 28 -32.93 12.34 55.65
C VAL D 28 -34.27 11.62 55.64
N ASP D 29 -34.39 10.51 54.93
CA ASP D 29 -35.54 9.66 55.00
C ASP D 29 -35.17 8.36 55.69
N ASP D 30 -34.04 8.41 56.39
CA ASP D 30 -33.24 7.29 56.86
C ASP D 30 -33.03 7.51 58.36
N PRO D 31 -33.77 8.44 58.97
CA PRO D 31 -33.41 8.92 60.32
C PRO D 31 -33.15 7.87 61.43
N GLN D 32 -33.60 6.65 61.20
CA GLN D 32 -33.53 5.58 62.17
C GLN D 32 -32.51 4.51 61.82
N GLY D 33 -31.88 4.60 60.65
CA GLY D 33 -30.94 3.60 60.20
C GLY D 33 -31.26 2.36 59.35
N LEU D 34 -32.46 2.16 58.83
CA LEU D 34 -32.76 0.94 58.08
C LEU D 34 -31.92 0.49 56.81
N PHE D 35 -31.36 1.45 56.07
CA PHE D 35 -30.51 1.31 54.90
C PHE D 35 -29.16 1.91 55.11
N LYS D 36 -28.91 2.38 56.33
CA LYS D 36 -27.68 3.06 56.64
C LYS D 36 -26.41 2.23 56.47
N LYS D 37 -26.42 0.99 56.92
CA LYS D 37 -25.22 0.21 56.88
C LYS D 37 -24.95 -0.17 55.45
N HIS D 38 -26.01 -0.46 54.73
CA HIS D 38 -25.92 -0.86 53.37
C HIS D 38 -25.43 0.26 52.47
N ARG D 39 -25.91 1.46 52.68
CA ARG D 39 -25.49 2.53 51.82
C ARG D 39 -24.06 2.90 52.12
N GLU D 40 -23.72 2.83 53.37
CA GLU D 40 -22.36 3.16 53.76
C GLU D 40 -21.35 2.16 53.19
N GLU D 41 -21.69 0.88 53.27
CA GLU D 41 -20.81 -0.17 52.78
C GLU D 41 -20.64 -0.06 51.23
N GLU D 42 -21.75 0.23 50.55
CA GLU D 42 -21.75 0.40 49.11
C GLU D 42 -20.84 1.52 48.70
N LEU D 43 -20.92 2.68 49.38
CA LEU D 43 -20.04 3.78 49.04
C LEU D 43 -18.57 3.43 49.32
N ALA D 44 -18.29 2.70 50.40
CA ALA D 44 -16.91 2.29 50.69
C ALA D 44 -16.41 1.44 49.54
N GLU D 45 -17.24 0.49 49.10
CA GLU D 45 -16.83 -0.38 47.97
C GLU D 45 -16.70 0.38 46.64
N ARG D 46 -17.64 1.27 46.35
CA ARG D 46 -17.60 2.13 45.16
C ARG D 46 -16.30 2.89 45.04
N ARG D 47 -15.88 3.46 46.14
CA ARG D 47 -14.71 4.30 46.20
C ARG D 47 -13.41 3.53 46.04
N LYS D 48 -13.47 2.22 46.10
CA LYS D 48 -12.36 1.35 45.79
C LYS D 48 -12.35 0.91 44.32
N LEU D 49 -13.51 0.73 43.77
CA LEU D 49 -13.72 0.31 42.36
C LEU D 49 -13.57 1.46 41.38
N TYR D 50 -14.19 2.58 41.73
CA TYR D 50 -14.08 3.82 40.94
C TYR D 50 -13.17 4.84 41.61
N ARG D 51 -11.93 4.96 41.13
CA ARG D 51 -10.97 5.82 41.74
C ARG D 51 -10.66 6.92 40.72
N TRP D 52 -10.27 8.08 41.23
CA TRP D 52 -9.77 9.16 40.36
C TRP D 52 -8.38 8.81 39.78
N GLY D 53 -8.24 8.99 38.45
CA GLY D 53 -6.96 8.94 37.79
C GLY D 53 -6.70 10.27 37.17
N ASN D 54 -5.54 10.42 36.59
CA ASN D 54 -5.07 11.72 36.05
C ASN D 54 -4.16 11.44 34.87
N TRP D 55 -4.80 11.30 33.74
CA TRP D 55 -4.12 10.98 32.50
C TRP D 55 -2.97 11.93 32.17
N LYS D 56 -3.18 13.24 32.31
CA LYS D 56 -2.18 14.25 32.11
C LYS D 56 -2.32 15.34 33.16
N ASP D 57 -1.20 15.78 33.70
CA ASP D 57 -1.24 16.81 34.72
C ASP D 57 -1.91 18.05 34.18
N GLY D 58 -2.79 18.61 35.00
CA GLY D 58 -3.47 19.85 34.63
C GLY D 58 -4.83 19.59 34.00
N LEU D 59 -5.12 18.36 33.55
CA LEU D 59 -6.44 18.01 33.12
C LEU D 59 -7.36 17.69 34.30
N ILE D 60 -8.63 18.00 34.11
CA ILE D 60 -9.65 17.54 35.03
C ILE D 60 -9.58 16.02 35.15
N LEU D 61 -9.98 15.48 36.29
CA LEU D 61 -9.65 14.08 36.57
C LEU D 61 -10.53 13.07 35.80
N ASN D 62 -10.15 11.80 35.80
CA ASN D 62 -10.85 10.82 34.99
C ASN D 62 -10.91 9.54 35.74
N ILE D 63 -11.47 8.49 35.17
CA ILE D 63 -11.49 7.18 35.86
C ILE D 63 -10.08 6.57 35.87
N ALA D 64 -9.71 5.94 36.98
CA ALA D 64 -8.43 5.24 37.04
C ALA D 64 -8.64 3.89 36.38
N SER D 65 -7.91 3.72 35.28
N SER D 65 -7.88 3.62 35.32
CA SER D 65 -7.96 2.55 34.45
CA SER D 65 -7.96 2.35 34.64
C SER D 65 -6.73 2.70 33.56
C SER D 65 -7.08 2.42 33.43
N THR D 66 -5.98 1.64 33.43
CA THR D 66 -4.94 1.70 32.41
C THR D 66 -5.57 1.50 31.01
N GLY D 67 -6.44 0.52 30.88
CA GLY D 67 -7.09 0.23 29.65
C GLY D 67 -8.49 -0.26 29.88
N ILE D 68 -9.20 -0.55 28.82
CA ILE D 68 -10.58 -0.97 28.95
C ILE D 68 -10.68 -2.29 29.71
N HIS D 69 -9.63 -3.09 29.70
CA HIS D 69 -9.68 -4.38 30.40
C HIS D 69 -9.75 -4.21 31.88
N ASP D 70 -9.29 -3.08 32.35
CA ASP D 70 -9.23 -2.68 33.74
C ASP D 70 -10.48 -2.06 34.31
N LEU D 71 -11.45 -1.79 33.47
CA LEU D 71 -12.63 -1.05 33.91
C LEU D 71 -13.54 -1.91 34.79
N PRO D 72 -14.31 -1.24 35.64
CA PRO D 72 -15.34 -2.00 36.33
C PRO D 72 -16.27 -2.70 35.38
N VAL D 73 -16.63 -3.95 35.70
CA VAL D 73 -17.38 -4.77 34.75
C VAL D 73 -18.65 -4.08 34.26
N ASP D 74 -19.37 -3.40 35.14
CA ASP D 74 -20.61 -2.71 34.74
C ASP D 74 -20.42 -1.51 33.78
N GLU D 75 -19.18 -1.11 33.52
CA GLU D 75 -18.94 0.02 32.69
C GLU D 75 -18.66 -0.45 31.26
N ARG D 76 -18.51 -1.77 31.08
CA ARG D 76 -18.06 -2.27 29.82
C ARG D 76 -19.16 -2.24 28.76
N PHE D 77 -18.77 -2.03 27.51
CA PHE D 77 -19.61 -2.20 26.33
C PHE D 77 -20.23 -3.58 26.43
N LEU D 78 -21.54 -3.64 26.26
CA LEU D 78 -22.23 -4.89 26.09
C LEU D 78 -21.82 -5.42 24.73
N GLU D 79 -22.11 -6.73 24.49
CA GLU D 79 -21.72 -7.39 23.26
C GLU D 79 -22.17 -6.65 22.00
N ASP D 80 -23.48 -6.24 21.92
CA ASP D 80 -23.89 -5.50 20.74
C ASP D 80 -23.09 -4.17 20.42
N LYS D 81 -22.93 -3.39 21.33
CA LYS D 81 -22.08 -2.17 21.24
C LYS D 81 -20.66 -2.53 20.86
N ARG D 82 -20.07 -3.51 21.55
CA ARG D 82 -18.68 -3.88 21.24
C ARG D 82 -18.50 -4.38 19.80
N ILE D 83 -19.38 -5.28 19.35
CA ILE D 83 -19.22 -5.89 18.03
C ILE D 83 -19.46 -4.84 16.99
N ASP D 84 -20.43 -3.94 17.21
CA ASP D 84 -20.67 -2.85 16.28
C ASP D 84 -19.49 -1.87 16.14
N PHE D 85 -18.92 -1.53 17.28
CA PHE D 85 -17.82 -0.56 17.28
C PHE D 85 -16.60 -1.27 16.58
N GLU D 86 -16.33 -2.53 16.91
CA GLU D 86 -15.20 -3.33 16.35
C GLU D 86 -15.38 -3.53 14.82
N ALA D 87 -16.57 -3.88 14.38
CA ALA D 87 -16.80 -4.05 12.93
C ALA D 87 -16.69 -2.74 12.19
N SER D 88 -17.16 -1.63 12.77
CA SER D 88 -16.95 -0.30 12.19
C SER D 88 -15.46 0.11 12.03
N LEU D 89 -14.66 -0.14 13.04
CA LEU D 89 -13.24 0.18 13.02
C LEU D 89 -12.59 -0.59 11.88
N ALA D 90 -12.93 -1.87 11.79
CA ALA D 90 -12.41 -2.70 10.74
C ALA D 90 -12.71 -2.15 9.37
N LYS D 91 -13.97 -1.79 9.14
CA LYS D 91 -14.36 -1.22 7.90
C LYS D 91 -13.63 0.08 7.63
N GLY D 92 -13.54 0.97 8.61
CA GLY D 92 -12.87 2.26 8.36
C GLY D 92 -11.42 2.07 8.01
N LEU D 93 -10.73 1.15 8.70
CA LEU D 93 -9.34 0.83 8.33
C LEU D 93 -9.20 0.18 6.97
N ALA D 94 -10.09 -0.72 6.56
CA ALA D 94 -9.99 -1.31 5.23
C ALA D 94 -10.24 -0.32 4.16
N ASP D 95 -11.18 0.61 4.36
CA ASP D 95 -11.49 1.60 3.30
C ASP D 95 -10.33 2.58 3.16
N LEU D 96 -9.77 2.92 4.31
CA LEU D 96 -8.55 3.79 4.33
C LEU D 96 -7.42 3.14 3.52
N ALA D 97 -7.20 1.86 3.75
CA ALA D 97 -6.15 1.16 3.00
C ALA D 97 -6.44 1.13 1.49
N VAL D 98 -7.72 0.91 1.06
CA VAL D 98 -8.02 0.96 -0.34
C VAL D 98 -7.89 2.32 -0.90
N LYS D 99 -8.30 3.34 -0.16
CA LYS D 99 -8.20 4.71 -0.73
C LYS D 99 -6.74 5.12 -0.94
N ASP D 100 -5.94 4.80 0.05
CA ASP D 100 -4.51 5.13 -0.06
C ASP D 100 -3.88 4.36 -1.27
N SER D 101 -4.29 3.12 -1.46
N SER D 101 -4.27 3.08 -1.41
CA SER D 101 -3.70 2.28 -2.52
CA SER D 101 -3.78 2.20 -2.49
C SER D 101 -4.13 2.65 -3.92
C SER D 101 -4.02 2.89 -3.84
N LEU D 102 -5.23 3.40 -4.08
CA LEU D 102 -5.55 4.02 -5.34
C LEU D 102 -4.86 5.37 -5.48
N ASN D 103 -4.83 6.15 -4.40
CA ASN D 103 -4.28 7.52 -4.53
C ASN D 103 -2.77 7.55 -4.77
N VAL D 104 -2.09 6.55 -4.30
CA VAL D 104 -0.64 6.35 -4.63
C VAL D 104 -0.37 6.41 -6.10
N LEU D 105 -1.35 5.94 -6.88
CA LEU D 105 -1.15 5.85 -8.36
C LEU D 105 -1.39 7.08 -9.09
N MET D 106 -1.85 8.14 -8.37
CA MET D 106 -2.36 9.33 -9.02
C MET D 106 -1.77 10.56 -8.42
N SER D 107 -2.19 11.69 -8.98
CA SER D 107 -1.72 12.95 -8.53
C SER D 107 -2.78 13.67 -7.69
N TRP D 108 -2.33 14.41 -6.70
CA TRP D 108 -3.24 15.07 -5.77
C TRP D 108 -3.05 16.54 -5.96
N ASN D 109 -3.63 17.01 -7.00
CA ASN D 109 -3.24 18.32 -7.51
C ASN D 109 -4.42 19.25 -7.79
N SER D 110 -5.62 18.91 -7.37
CA SER D 110 -6.74 19.87 -7.50
C SER D 110 -7.68 19.70 -6.34
N LEU D 111 -8.54 20.71 -6.13
CA LEU D 111 -9.59 20.56 -5.14
C LEU D 111 -10.50 19.41 -5.42
N ASP D 112 -10.71 19.08 -6.69
CA ASP D 112 -11.50 17.91 -7.09
C ASP D 112 -10.84 16.60 -6.66
N SER D 113 -9.56 16.60 -6.36
CA SER D 113 -8.97 15.34 -5.83
C SER D 113 -9.63 14.83 -4.59
N PHE D 114 -10.17 15.73 -3.77
CA PHE D 114 -10.79 15.33 -2.57
C PHE D 114 -12.11 14.56 -2.81
N ASN D 115 -12.65 14.69 -4.01
CA ASN D 115 -13.83 13.93 -4.41
C ASN D 115 -13.54 12.45 -4.45
N ARG D 116 -12.29 12.08 -4.73
CA ARG D 116 -11.89 10.72 -4.90
C ARG D 116 -12.10 9.89 -3.64
N ILE D 117 -11.90 10.50 -2.49
CA ILE D 117 -12.07 9.82 -1.21
C ILE D 117 -13.49 10.07 -0.59
N PHE D 118 -14.29 10.87 -1.24
CA PHE D 118 -15.66 11.20 -0.79
C PHE D 118 -16.60 10.15 -1.35
N TRP D 119 -16.54 8.97 -0.79
CA TRP D 119 -17.25 7.80 -1.36
C TRP D 119 -18.77 7.93 -1.16
N SER D 120 -19.56 7.34 -2.05
CA SER D 120 -21.00 7.47 -1.86
C SER D 120 -21.45 6.92 -0.52
N GLY D 121 -22.61 7.38 -0.07
CA GLY D 121 -23.08 6.98 1.28
C GLY D 121 -22.93 8.18 2.22
N GLN D 122 -22.51 9.32 1.69
CA GLN D 122 -22.36 10.53 2.54
C GLN D 122 -23.77 11.07 2.88
N SER D 123 -23.89 11.89 3.92
CA SER D 123 -25.16 12.43 4.21
C SER D 123 -25.50 13.52 3.21
N LYS D 124 -26.81 13.83 3.14
CA LYS D 124 -27.29 14.88 2.25
C LYS D 124 -26.63 16.20 2.56
N LEU D 125 -26.45 16.48 3.85
CA LEU D 125 -25.75 17.73 4.24
C LEU D 125 -24.27 17.74 3.79
N ALA D 126 -23.59 16.61 3.97
CA ALA D 126 -22.19 16.48 3.51
C ALA D 126 -22.09 16.74 2.02
N GLU D 127 -23.07 16.22 1.25
CA GLU D 127 -23.09 16.50 -0.21
C GLU D 127 -23.25 17.93 -0.54
N ARG D 128 -24.08 18.64 0.25
CA ARG D 128 -24.20 20.10 0.14
C ARG D 128 -22.93 20.83 0.47
N VAL D 129 -22.17 20.34 1.49
CA VAL D 129 -20.89 20.92 1.84
C VAL D 129 -19.87 20.72 0.71
N ARG D 130 -19.85 19.51 0.14
CA ARG D 130 -18.95 19.28 -1.00
C ARG D 130 -19.24 20.26 -2.13
N ASP D 131 -20.52 20.51 -2.38
CA ASP D 131 -20.93 21.42 -3.42
C ASP D 131 -20.74 22.84 -3.09
N SER D 132 -20.86 23.24 -1.84
CA SER D 132 -20.96 24.66 -1.58
C SER D 132 -19.98 25.23 -0.58
N TRP D 133 -19.00 24.41 -0.20
CA TRP D 133 -18.04 24.84 0.83
C TRP D 133 -17.25 26.14 0.63
N LYS D 134 -17.03 26.53 -0.61
CA LYS D 134 -16.34 27.79 -0.95
C LYS D 134 -17.21 29.05 -0.82
N GLU D 135 -18.48 28.89 -0.52
CA GLU D 135 -19.40 30.06 -0.42
C GLU D 135 -19.19 30.72 0.97
N ASP D 136 -18.98 32.01 0.98
CA ASP D 136 -18.81 32.79 2.18
C ASP D 136 -19.95 32.57 3.18
N ALA D 137 -21.17 32.43 2.68
CA ALA D 137 -22.34 32.23 3.53
C ALA D 137 -22.24 30.93 4.31
N LEU D 138 -21.75 29.86 3.67
CA LEU D 138 -21.71 28.56 4.30
C LEU D 138 -20.59 28.56 5.32
N PHE D 139 -19.45 29.21 5.00
CA PHE D 139 -18.37 29.37 5.98
C PHE D 139 -18.95 30.06 7.26
N GLY D 140 -19.61 31.19 7.07
CA GLY D 140 -20.18 31.95 8.23
C GLY D 140 -21.30 31.20 8.96
N TYR D 141 -22.15 30.46 8.23
CA TYR D 141 -23.24 29.66 8.80
C TYR D 141 -22.76 28.71 9.89
N GLN D 142 -21.61 28.09 9.67
CA GLN D 142 -21.15 27.06 10.63
C GLN D 142 -20.84 27.59 12.00
N PHE D 143 -20.51 28.86 12.11
CA PHE D 143 -20.33 29.46 13.40
C PHE D 143 -21.61 29.52 14.30
N LEU D 144 -22.77 29.56 13.65
CA LEU D 144 -24.09 29.50 14.31
C LEU D 144 -24.57 28.05 14.47
N ASN D 145 -24.59 27.29 13.39
CA ASN D 145 -25.40 26.07 13.29
C ASN D 145 -24.57 24.85 12.80
N GLY D 146 -23.25 24.96 12.79
CA GLY D 146 -22.41 23.88 12.27
C GLY D 146 -22.00 22.97 13.38
N THR D 147 -20.79 22.41 13.28
CA THR D 147 -20.35 21.41 14.23
C THR D 147 -19.93 21.98 15.60
N ASN D 148 -19.52 23.24 15.60
CA ASN D 148 -18.99 23.91 16.75
C ASN D 148 -19.67 25.27 16.99
N PRO D 149 -20.83 25.23 17.67
CA PRO D 149 -21.59 26.40 17.99
C PRO D 149 -21.14 27.22 19.23
N MET D 150 -20.00 26.89 19.80
CA MET D 150 -19.64 27.36 21.13
C MET D 150 -18.64 28.55 21.12
N LEU D 151 -18.13 28.93 19.95
CA LEU D 151 -17.07 29.93 19.84
C LEU D 151 -17.52 31.37 19.56
N LEU D 152 -18.47 31.52 18.68
CA LEU D 152 -18.94 32.84 18.23
C LEU D 152 -19.45 33.71 19.41
N ARG D 153 -19.09 34.99 19.38
CA ARG D 153 -19.66 35.98 20.25
C ARG D 153 -20.04 37.29 19.57
N HIS D 154 -21.04 37.95 20.15
CA HIS D 154 -21.46 39.22 19.67
C HIS D 154 -20.38 40.20 20.06
N SER D 155 -20.06 41.16 19.20
CA SER D 155 -18.99 42.12 19.44
C SER D 155 -19.58 43.43 19.89
N VAL D 156 -19.04 44.00 20.95
CA VAL D 156 -19.51 45.30 21.43
C VAL D 156 -18.46 46.44 21.15
N GLU D 157 -17.26 46.02 20.77
CA GLU D 157 -16.17 46.90 20.38
C GLU D 157 -15.25 46.02 19.47
N LEU D 158 -14.34 46.64 18.74
CA LEU D 158 -13.38 45.86 17.96
C LEU D 158 -12.39 45.22 18.90
N PRO D 159 -12.03 43.94 18.65
CA PRO D 159 -10.97 43.39 19.48
C PRO D 159 -9.61 44.19 19.34
N ALA D 160 -8.89 44.31 20.45
CA ALA D 160 -7.62 45.06 20.56
C ALA D 160 -6.55 44.43 19.63
N ARG D 161 -6.64 43.11 19.43
CA ARG D 161 -5.76 42.45 18.44
C ARG D 161 -5.94 42.84 16.97
N LEU D 162 -7.09 43.44 16.61
CA LEU D 162 -7.41 43.75 15.25
C LEU D 162 -6.77 45.11 14.84
N LYS D 163 -5.66 45.03 14.14
CA LYS D 163 -4.87 46.17 13.83
C LYS D 163 -4.79 46.30 12.36
N PHE D 164 -4.92 47.54 11.88
CA PHE D 164 -5.10 47.78 10.45
C PHE D 164 -3.83 48.31 9.79
N PRO D 165 -3.29 47.60 8.78
CA PRO D 165 -2.32 48.25 7.91
C PRO D 165 -2.90 49.51 7.26
N PRO D 166 -2.03 50.38 6.69
CA PRO D 166 -2.62 51.56 6.08
C PRO D 166 -3.39 51.16 4.86
N GLY D 167 -4.24 52.08 4.39
CA GLY D 167 -5.08 51.83 3.20
C GLY D 167 -6.43 51.12 3.38
N MET D 168 -6.87 50.93 4.62
CA MET D 168 -8.06 50.06 4.86
C MET D 168 -9.22 50.80 5.49
N GLU D 169 -9.44 52.04 5.03
CA GLU D 169 -10.44 52.91 5.62
C GLU D 169 -11.84 52.40 5.28
N GLU D 170 -12.01 51.80 4.11
CA GLU D 170 -13.27 51.18 3.75
C GLU D 170 -13.70 50.05 4.73
N LEU D 171 -12.78 49.13 5.02
CA LEU D 171 -13.02 48.07 6.02
C LEU D 171 -13.33 48.67 7.37
N GLN D 172 -12.52 49.62 7.82
CA GLN D 172 -12.79 50.23 9.08
C GLN D 172 -14.16 50.87 9.14
N ALA D 173 -14.58 51.52 8.06
CA ALA D 173 -15.92 52.15 8.05
C ALA D 173 -17.06 51.06 7.99
N GLN D 174 -16.81 49.94 7.32
CA GLN D 174 -17.83 48.91 7.34
C GLN D 174 -17.94 48.23 8.73
N LEU D 175 -16.81 48.05 9.42
CA LEU D 175 -16.78 47.41 10.70
C LEU D 175 -17.54 48.33 11.71
N GLU D 176 -17.17 49.63 11.75
CA GLU D 176 -17.96 50.65 12.47
C GLU D 176 -19.47 50.69 12.16
N LYS D 177 -19.90 50.59 10.92
CA LYS D 177 -21.32 50.53 10.61
C LYS D 177 -21.99 49.31 11.29
N GLU D 178 -21.33 48.14 11.28
CA GLU D 178 -21.94 46.93 11.85
C GLU D 178 -21.99 47.04 13.37
N LEU D 179 -20.98 47.70 13.94
CA LEU D 179 -20.94 47.91 15.37
C LEU D 179 -22.10 48.82 15.82
N GLN D 180 -22.34 49.90 15.05
CA GLN D 180 -23.43 50.86 15.34
C GLN D 180 -24.80 50.16 15.23
N GLY D 181 -24.91 49.25 14.28
CA GLY D 181 -26.11 48.48 14.04
C GLY D 181 -26.32 47.26 14.96
N GLY D 182 -25.33 46.92 15.80
CA GLY D 182 -25.38 45.82 16.71
C GLY D 182 -25.33 44.47 15.99
N THR D 183 -24.78 44.46 14.78
CA THR D 183 -24.75 43.24 13.90
C THR D 183 -23.30 42.69 13.59
N LEU D 184 -22.32 43.12 14.37
CA LEU D 184 -20.91 42.64 14.34
C LEU D 184 -20.70 41.48 15.37
N PHE D 185 -20.22 40.33 14.84
CA PHE D 185 -19.86 39.16 15.61
C PHE D 185 -18.37 38.80 15.37
N GLU D 186 -17.80 37.96 16.24
CA GLU D 186 -16.38 37.57 16.15
C GLU D 186 -16.21 36.11 16.56
N ALA D 187 -15.29 35.46 15.87
CA ALA D 187 -14.72 34.17 16.26
C ALA D 187 -13.22 34.41 16.42
N ASP D 188 -12.80 34.33 17.67
CA ASP D 188 -11.44 34.61 18.14
C ASP D 188 -10.86 33.28 18.66
N PHE D 189 -9.79 32.83 18.00
CA PHE D 189 -9.16 31.54 18.22
C PHE D 189 -7.89 31.69 19.03
N SER D 190 -7.86 32.71 19.90
CA SER D 190 -6.72 32.92 20.81
C SER D 190 -6.26 31.82 21.72
N LEU D 191 -7.11 30.83 22.00
CA LEU D 191 -6.70 29.62 22.73
C LEU D 191 -5.60 28.82 22.00
N LEU D 192 -5.41 29.09 20.71
CA LEU D 192 -4.35 28.46 19.97
C LEU D 192 -2.97 29.15 20.17
N ASP D 193 -2.97 30.30 20.85
CA ASP D 193 -1.75 31.08 20.97
C ASP D 193 -0.75 30.34 21.87
N GLY D 194 0.43 30.12 21.37
CA GLY D 194 1.50 29.48 22.10
C GLY D 194 1.48 27.96 22.02
N ILE D 195 0.55 27.43 21.27
CA ILE D 195 0.43 25.98 21.17
C ILE D 195 1.41 25.47 20.13
N LYS D 196 2.18 24.47 20.46
CA LYS D 196 3.20 23.89 19.53
C LYS D 196 2.51 22.94 18.54
N ALA D 197 2.87 23.11 17.28
CA ALA D 197 2.34 22.32 16.17
C ALA D 197 3.01 20.97 16.11
N ASN D 198 2.30 20.03 15.56
CA ASN D 198 2.78 18.68 15.36
C ASN D 198 3.94 18.69 14.31
N VAL D 199 4.81 17.72 14.46
CA VAL D 199 5.76 17.34 13.41
C VAL D 199 5.54 15.83 13.18
N ILE D 200 5.08 15.51 11.99
CA ILE D 200 4.71 14.18 11.66
C ILE D 200 5.81 13.56 10.73
N LEU D 201 6.50 12.58 11.26
CA LEU D 201 7.60 11.94 10.50
C LEU D 201 8.54 12.96 9.86
N SER D 202 8.98 13.91 10.67
CA SER D 202 9.79 15.10 10.29
C SER D 202 9.19 16.11 9.35
N SER D 203 7.93 15.96 8.94
CA SER D 203 7.22 16.98 8.15
C SER D 203 6.52 17.95 9.11
N GLN D 204 6.93 19.19 9.10
CA GLN D 204 6.39 20.14 10.01
C GLN D 204 4.90 20.38 9.67
N GLN D 205 4.06 20.50 10.70
CA GLN D 205 2.67 20.95 10.50
C GLN D 205 2.58 22.35 11.14
N TYR D 206 1.51 23.08 10.83
CA TYR D 206 1.41 24.46 11.19
C TYR D 206 -0.01 24.81 11.65
N LEU D 207 -0.03 25.74 12.61
CA LEU D 207 -1.24 26.30 13.23
C LEU D 207 -1.27 27.83 13.01
N ALA D 208 -2.46 28.39 12.98
CA ALA D 208 -2.67 29.83 12.97
C ALA D 208 -3.37 30.11 14.31
N VAL D 209 -3.61 31.39 14.57
CA VAL D 209 -4.35 31.87 15.72
C VAL D 209 -5.32 32.96 15.18
N PRO D 210 -6.36 32.56 14.41
CA PRO D 210 -7.09 33.55 13.67
C PRO D 210 -8.10 34.38 14.49
N LEU D 211 -8.52 35.46 13.86
CA LEU D 211 -9.70 36.25 14.27
C LEU D 211 -10.51 36.46 13.02
N VAL D 212 -11.82 36.22 13.09
CA VAL D 212 -12.71 36.49 12.04
C VAL D 212 -13.80 37.42 12.52
N MET D 213 -14.07 38.47 11.78
CA MET D 213 -15.17 39.35 12.05
C MET D 213 -16.18 39.06 11.05
N LEU D 214 -17.44 39.00 11.53
CA LEU D 214 -18.54 38.63 10.74
C LEU D 214 -19.74 39.58 10.96
N LYS D 215 -20.50 39.77 9.88
CA LYS D 215 -21.71 40.55 9.91
C LYS D 215 -22.95 39.72 9.73
N LEU D 216 -23.93 39.98 10.60
CA LEU D 216 -25.19 39.29 10.57
C LEU D 216 -26.12 40.17 9.69
N GLN D 217 -26.53 39.64 8.58
CA GLN D 217 -27.36 40.41 7.66
C GLN D 217 -28.80 40.34 8.05
N PRO D 218 -29.62 41.21 7.46
CA PRO D 218 -31.04 41.15 7.73
C PRO D 218 -31.73 39.89 7.23
N ASP D 219 -31.25 39.25 6.17
CA ASP D 219 -31.81 37.96 5.75
C ASP D 219 -31.34 36.77 6.58
N GLY D 220 -30.59 37.02 7.64
CA GLY D 220 -30.22 35.93 8.54
C GLY D 220 -28.83 35.32 8.26
N LYS D 221 -28.21 35.63 7.15
CA LYS D 221 -26.89 35.10 6.83
C LYS D 221 -25.83 35.74 7.66
N LEU D 222 -24.83 34.97 8.06
CA LEU D 222 -23.69 35.51 8.78
C LEU D 222 -22.44 35.48 7.82
N LEU D 223 -21.93 36.64 7.44
CA LEU D 223 -20.94 36.73 6.37
C LEU D 223 -19.59 37.24 6.94
N PRO D 224 -18.48 36.59 6.53
CA PRO D 224 -17.18 37.03 7.01
C PRO D 224 -16.76 38.37 6.35
N MET D 225 -16.24 39.31 7.11
CA MET D 225 -15.83 40.59 6.57
C MET D 225 -14.33 40.70 6.41
N VAL D 226 -13.61 40.11 7.35
CA VAL D 226 -12.17 40.15 7.44
C VAL D 226 -11.65 38.93 8.28
N ILE D 227 -10.54 38.37 7.84
CA ILE D 227 -9.75 37.34 8.57
C ILE D 227 -8.31 37.80 8.88
N GLN D 228 -7.93 37.83 10.13
CA GLN D 228 -6.55 37.98 10.55
C GLN D 228 -6.07 36.59 11.04
N LEU D 229 -5.01 36.06 10.43
CA LEU D 229 -4.53 34.68 10.78
C LEU D 229 -3.58 34.55 11.97
N GLN D 230 -2.95 35.65 12.39
CA GLN D 230 -1.99 35.63 13.49
C GLN D 230 -2.13 36.85 14.35
N LEU D 231 -1.65 36.73 15.56
CA LEU D 231 -1.62 37.85 16.53
C LEU D 231 -0.54 38.85 16.15
N PRO D 232 -0.83 40.15 16.32
CA PRO D 232 0.27 41.06 16.03
C PRO D 232 1.31 40.99 17.11
N ARG D 233 2.52 41.21 16.66
CA ARG D 233 3.69 41.23 17.48
C ARG D 233 4.40 42.62 17.44
N GLU D 234 4.79 43.08 18.60
CA GLU D 234 5.58 44.31 18.75
C GLU D 234 6.85 44.30 17.94
N GLY D 235 7.48 43.16 17.82
CA GLY D 235 8.67 43.09 17.03
C GLY D 235 8.47 43.14 15.53
N SER D 236 7.23 43.34 15.11
CA SER D 236 6.90 42.95 13.78
C SER D 236 5.95 43.77 12.96
N PRO D 237 5.95 43.42 11.69
CA PRO D 237 5.01 43.85 10.69
C PRO D 237 3.67 43.31 11.02
N LEU D 238 2.67 44.16 10.92
CA LEU D 238 1.30 43.75 11.19
C LEU D 238 0.88 42.56 10.34
N PRO D 239 0.17 41.58 10.96
CA PRO D 239 -0.42 40.54 10.12
C PRO D 239 -1.33 41.12 9.03
N PRO D 240 -1.32 40.52 7.86
CA PRO D 240 -2.18 40.96 6.82
C PRO D 240 -3.65 40.71 7.19
N LEU D 241 -4.56 41.49 6.57
CA LEU D 241 -6.00 41.28 6.67
C LEU D 241 -6.55 40.74 5.42
N PHE D 242 -6.99 39.49 5.45
CA PHE D 242 -7.60 38.88 4.32
C PHE D 242 -9.07 39.31 4.20
N LEU D 243 -9.53 39.47 2.98
CA LEU D 243 -10.84 40.10 2.67
C LEU D 243 -11.51 39.35 1.59
N PRO D 244 -12.85 39.32 1.60
CA PRO D 244 -13.57 38.58 0.58
C PRO D 244 -13.29 39.10 -0.86
N THR D 245 -12.75 40.31 -0.95
CA THR D 245 -12.37 40.90 -2.23
C THR D 245 -10.95 40.50 -2.70
N ASP D 246 -10.22 39.74 -1.90
CA ASP D 246 -8.86 39.29 -2.28
C ASP D 246 -8.89 38.31 -3.45
N PRO D 247 -7.70 38.06 -4.08
CA PRO D 247 -7.72 37.01 -5.12
C PRO D 247 -8.39 35.74 -4.60
N PRO D 248 -9.11 35.02 -5.45
CA PRO D 248 -9.93 33.93 -4.96
C PRO D 248 -9.15 32.85 -4.19
N MET D 249 -7.95 32.46 -4.64
CA MET D 249 -7.22 31.44 -3.90
C MET D 249 -6.68 31.90 -2.56
N VAL D 250 -6.39 33.18 -2.47
CA VAL D 250 -5.94 33.79 -1.27
C VAL D 250 -7.04 33.78 -0.16
N TRP D 251 -8.21 34.19 -0.58
CA TRP D 251 -9.34 34.23 0.36
C TRP D 251 -9.72 32.85 0.70
N LEU D 252 -9.74 31.95 -0.28
CA LEU D 252 -10.03 30.58 -0.02
C LEU D 252 -9.06 30.00 0.99
N LEU D 253 -7.76 30.23 0.80
CA LEU D 253 -6.77 29.72 1.74
C LEU D 253 -6.96 30.33 3.16
N ALA D 254 -7.20 31.65 3.30
CA ALA D 254 -7.49 32.26 4.61
C ALA D 254 -8.65 31.55 5.33
N LYS D 255 -9.74 31.27 4.62
CA LYS D 255 -10.82 30.54 5.19
C LYS D 255 -10.44 29.13 5.56
N CYS D 256 -9.72 28.41 4.68
CA CYS D 256 -9.31 27.08 5.10
C CYS D 256 -8.60 27.08 6.43
N TRP D 257 -7.75 28.10 6.63
CA TRP D 257 -7.03 28.24 7.85
C TRP D 257 -7.97 28.45 9.09
N VAL D 258 -9.01 29.22 8.90
CA VAL D 258 -9.97 29.43 10.02
C VAL D 258 -10.67 28.07 10.27
N ARG D 259 -11.05 27.40 9.21
CA ARG D 259 -11.73 26.12 9.32
C ARG D 259 -10.83 25.05 10.03
N SER D 260 -9.56 24.99 9.71
CA SER D 260 -8.60 24.08 10.37
C SER D 260 -8.44 24.44 11.83
N SER D 261 -8.33 25.73 12.14
CA SER D 261 -8.32 26.17 13.52
C SER D 261 -9.59 25.80 14.27
N ASP D 262 -10.73 25.94 13.61
CA ASP D 262 -12.04 25.54 14.24
C ASP D 262 -12.01 24.05 14.52
N PHE D 263 -11.48 23.23 13.58
CA PHE D 263 -11.33 21.82 13.85
C PHE D 263 -10.61 21.53 15.18
N GLN D 264 -9.50 22.25 15.44
CA GLN D 264 -8.69 22.04 16.63
C GLN D 264 -9.46 22.39 17.92
N LEU D 265 -10.07 23.53 17.92
CA LEU D 265 -10.81 24.06 19.09
C LEU D 265 -12.09 23.34 19.29
N HIS D 266 -12.81 23.01 18.21
CA HIS D 266 -14.00 22.21 18.36
C HIS D 266 -13.68 20.85 18.96
N GLU D 267 -12.78 20.09 18.31
CA GLU D 267 -12.52 18.73 18.77
C GLU D 267 -11.94 18.62 20.16
N LEU D 268 -11.01 19.49 20.51
CA LEU D 268 -10.37 19.41 21.83
C LEU D 268 -11.18 20.09 22.98
N HIS D 269 -11.68 21.31 22.75
CA HIS D 269 -12.39 22.04 23.77
C HIS D 269 -13.91 21.81 23.77
N SER D 270 -14.61 22.05 22.65
CA SER D 270 -16.05 21.92 22.64
C SER D 270 -16.52 20.48 22.76
N HIS D 271 -15.77 19.53 22.18
CA HIS D 271 -16.25 18.12 22.11
C HIS D 271 -15.62 17.25 23.17
N LEU D 272 -14.29 17.06 23.12
CA LEU D 272 -13.60 16.22 24.04
C LEU D 272 -13.69 16.78 25.52
N LEU D 273 -13.27 18.02 25.74
CA LEU D 273 -13.12 18.49 27.09
C LEU D 273 -14.52 18.74 27.70
N ARG D 274 -15.30 19.54 27.03
CA ARG D 274 -16.66 19.96 27.53
C ARG D 274 -17.74 18.90 27.40
N GLY D 275 -17.66 17.98 26.41
CA GLY D 275 -18.59 16.87 26.34
C GLY D 275 -18.10 15.67 27.09
N HIS D 276 -17.13 14.99 26.47
CA HIS D 276 -16.63 13.76 26.99
C HIS D 276 -16.00 13.81 28.41
N LEU D 277 -15.02 14.67 28.61
CA LEU D 277 -14.25 14.58 29.84
C LEU D 277 -15.12 15.15 30.99
N MET D 278 -15.90 16.18 30.74
CA MET D 278 -16.82 16.69 31.80
C MET D 278 -17.85 15.61 32.19
N ALA D 279 -18.45 14.93 31.19
CA ALA D 279 -19.45 13.90 31.46
C ALA D 279 -18.79 12.86 32.34
N GLU D 280 -17.53 12.58 32.06
CA GLU D 280 -16.81 11.58 32.87
C GLU D 280 -16.57 12.04 34.33
N VAL D 281 -16.25 13.31 34.52
CA VAL D 281 -16.08 13.81 35.88
C VAL D 281 -17.41 13.68 36.62
N ILE D 282 -18.48 14.13 35.99
CA ILE D 282 -19.79 13.90 36.62
C ILE D 282 -20.00 12.45 36.98
N ALA D 283 -19.76 11.54 36.03
CA ALA D 283 -20.03 10.17 36.26
C ALA D 283 -19.20 9.56 37.44
N VAL D 284 -17.93 9.85 37.51
CA VAL D 284 -17.08 9.24 38.49
C VAL D 284 -17.38 9.85 39.87
N ALA D 285 -17.66 11.17 39.95
CA ALA D 285 -18.02 11.80 41.23
C ALA D 285 -19.30 11.18 41.77
N THR D 286 -20.26 11.00 40.88
CA THR D 286 -21.50 10.40 41.24
C THR D 286 -21.32 8.93 41.67
N MET D 287 -20.53 8.15 40.96
CA MET D 287 -20.34 6.80 41.37
C MET D 287 -19.61 6.75 42.77
N ARG D 288 -18.70 7.71 43.00
CA ARG D 288 -17.97 7.75 44.28
C ARG D 288 -18.79 8.25 45.47
N CYS D 289 -19.89 8.97 45.24
CA CYS D 289 -20.50 9.75 46.30
C CYS D 289 -21.98 9.52 46.59
N LEU D 290 -22.75 8.98 45.63
CA LEU D 290 -24.22 8.85 45.76
C LEU D 290 -24.55 7.34 45.68
N PRO D 291 -25.14 6.79 46.75
CA PRO D 291 -25.43 5.35 46.69
C PRO D 291 -26.61 5.05 45.77
N SER D 292 -26.83 3.77 45.45
CA SER D 292 -27.86 3.37 44.45
C SER D 292 -29.28 3.71 44.86
N ILE D 293 -29.52 3.75 46.14
CA ILE D 293 -30.83 4.09 46.69
C ILE D 293 -31.16 5.59 46.57
N HIS D 294 -30.16 6.40 46.30
CA HIS D 294 -30.36 7.84 46.35
C HIS D 294 -31.11 8.33 45.12
N PRO D 295 -32.06 9.23 45.32
CA PRO D 295 -32.85 9.68 44.21
C PRO D 295 -32.06 10.38 43.11
N ILE D 296 -31.01 11.10 43.48
CA ILE D 296 -30.23 11.83 42.51
C ILE D 296 -29.28 10.84 41.79
N PHE D 297 -28.87 9.78 42.45
CA PHE D 297 -28.16 8.69 41.71
C PHE D 297 -29.06 8.10 40.64
N LYS D 298 -30.30 7.76 41.06
CA LYS D 298 -31.29 7.19 40.16
C LYS D 298 -31.64 8.12 38.95
N LEU D 299 -31.69 9.40 39.23
CA LEU D 299 -31.95 10.40 38.20
C LEU D 299 -30.82 10.54 37.14
N LEU D 300 -29.58 10.38 37.56
CA LEU D 300 -28.42 10.67 36.71
C LEU D 300 -27.92 9.42 36.04
N ILE D 301 -28.05 8.27 36.71
CA ILE D 301 -27.34 7.07 36.27
C ILE D 301 -27.49 6.62 34.81
N PRO D 302 -28.69 6.69 34.19
CA PRO D 302 -28.71 6.24 32.77
C PRO D 302 -27.93 7.17 31.82
N HIS D 303 -27.71 8.40 32.26
CA HIS D 303 -26.91 9.41 31.51
C HIS D 303 -25.41 9.24 31.55
N PHE D 304 -24.89 8.19 32.18
CA PHE D 304 -23.48 7.88 32.21
C PHE D 304 -23.11 6.73 31.29
N ARG D 305 -24.08 6.11 30.62
CA ARG D 305 -23.85 4.85 29.95
C ARG D 305 -22.76 4.94 28.90
N TYR D 306 -21.74 4.13 29.08
CA TYR D 306 -20.64 3.94 28.16
C TYR D 306 -19.63 5.08 28.13
N THR D 307 -19.76 6.07 28.97
CA THR D 307 -18.87 7.23 28.95
C THR D 307 -17.44 6.87 29.34
N MET D 308 -17.31 6.09 30.40
CA MET D 308 -15.97 5.67 30.84
C MET D 308 -15.24 4.81 29.80
N GLU D 309 -15.91 3.78 29.24
CA GLU D 309 -15.27 3.00 28.22
C GLU D 309 -14.91 3.84 27.02
N ILE D 310 -15.82 4.67 26.46
CA ILE D 310 -15.47 5.38 25.23
C ILE D 310 -14.27 6.34 25.46
N ASN D 311 -14.23 6.97 26.64
CA ASN D 311 -13.12 7.85 26.96
C ASN D 311 -11.80 7.13 27.23
N VAL D 312 -11.87 5.95 27.79
CA VAL D 312 -10.65 5.21 28.01
C VAL D 312 -10.10 4.80 26.59
N ARG D 313 -10.99 4.43 25.64
CA ARG D 313 -10.61 4.07 24.29
C ARG D 313 -9.98 5.30 23.62
N ALA D 314 -10.56 6.47 23.90
CA ALA D 314 -10.04 7.71 23.34
C ALA D 314 -8.64 7.96 23.87
N ARG D 315 -8.40 7.66 25.14
CA ARG D 315 -7.11 8.06 25.73
C ARG D 315 -6.06 7.04 25.37
N ASN D 316 -6.50 5.88 24.95
CA ASN D 316 -5.61 4.89 24.46
C ASN D 316 -5.33 4.83 22.94
N GLY D 317 -6.10 5.51 22.11
CA GLY D 317 -5.90 5.45 20.69
C GLY D 317 -6.13 6.72 19.90
N LEU D 318 -6.87 7.64 20.49
CA LEU D 318 -7.21 8.87 19.83
C LEU D 318 -6.25 10.01 20.12
N VAL D 319 -6.11 10.33 21.38
CA VAL D 319 -5.25 11.47 21.86
C VAL D 319 -4.03 10.96 22.65
N SER D 320 -3.82 9.66 22.55
CA SER D 320 -2.65 8.94 23.08
C SER D 320 -1.36 9.24 22.30
N ASP D 321 -0.22 8.90 22.89
CA ASP D 321 1.02 8.88 22.13
C ASP D 321 0.90 7.99 20.89
N LEU D 322 1.43 8.45 19.76
CA LEU D 322 1.36 7.74 18.50
C LEU D 322 -0.07 7.43 18.06
N GLY D 323 -1.06 7.99 18.75
CA GLY D 323 -2.47 7.80 18.37
C GLY D 323 -2.87 8.73 17.23
N ILE D 324 -4.18 8.81 17.01
CA ILE D 324 -4.69 9.51 15.83
C ILE D 324 -4.26 10.95 15.74
N PHE D 325 -4.40 11.71 16.85
CA PHE D 325 -3.96 13.14 16.78
C PHE D 325 -2.50 13.27 16.44
N ASP D 326 -1.67 12.43 17.02
CA ASP D 326 -0.24 12.43 16.70
C ASP D 326 0.05 12.07 15.28
N GLN D 327 -0.78 11.20 14.67
CA GLN D 327 -0.56 10.73 13.33
C GLN D 327 -0.92 11.77 12.26
N VAL D 328 -1.97 12.56 12.48
CA VAL D 328 -2.48 13.41 11.42
C VAL D 328 -2.98 14.78 11.76
N VAL D 329 -3.02 15.20 13.04
CA VAL D 329 -3.70 16.49 13.40
C VAL D 329 -2.66 17.52 13.67
N SER D 330 -2.86 18.79 13.28
CA SER D 330 -1.88 19.82 13.54
C SER D 330 -1.57 20.14 15.01
N THR D 331 -2.49 19.88 15.96
CA THR D 331 -2.19 20.08 17.36
C THR D 331 -1.68 18.80 17.98
N GLY D 332 -1.65 17.71 17.26
CA GLY D 332 -1.09 16.45 17.77
C GLY D 332 0.39 16.59 18.13
N GLY D 333 0.87 15.67 18.93
CA GLY D 333 2.26 15.60 19.34
C GLY D 333 2.52 16.24 20.69
N GLY D 334 1.47 16.75 21.35
CA GLY D 334 1.58 17.30 22.71
C GLY D 334 0.94 18.65 22.88
N GLY D 335 0.84 19.46 21.84
CA GLY D 335 0.18 20.72 21.88
C GLY D 335 -1.32 20.56 22.21
N HIS D 336 -1.87 19.44 21.77
CA HIS D 336 -3.27 19.12 22.10
C HIS D 336 -3.48 18.97 23.58
N VAL D 337 -2.54 18.35 24.27
CA VAL D 337 -2.59 18.20 25.74
C VAL D 337 -2.38 19.55 26.46
N GLU D 338 -1.47 20.39 25.98
CA GLU D 338 -1.38 21.75 26.46
C GLU D 338 -2.68 22.57 26.32
N LEU D 339 -3.31 22.50 25.18
CA LEU D 339 -4.55 23.17 24.95
C LEU D 339 -5.60 22.76 25.93
N LEU D 340 -5.70 21.45 26.14
CA LEU D 340 -6.65 20.86 27.08
C LEU D 340 -6.40 21.30 28.53
N ARG D 341 -5.16 21.30 28.94
CA ARG D 341 -4.72 21.82 30.20
C ARG D 341 -5.16 23.28 30.41
N ARG D 342 -4.82 24.13 29.48
CA ARG D 342 -5.21 25.54 29.50
C ARG D 342 -6.72 25.76 29.51
N ALA D 343 -7.43 25.05 28.66
CA ALA D 343 -8.88 25.18 28.58
C ALA D 343 -9.55 24.72 29.90
N ALA D 344 -8.98 23.69 30.52
CA ALA D 344 -9.57 23.06 31.72
C ALA D 344 -9.49 24.07 32.87
N ALA D 345 -8.43 24.90 32.87
CA ALA D 345 -8.23 25.88 33.90
C ALA D 345 -9.23 27.01 33.78
N LEU D 346 -9.82 27.17 32.61
CA LEU D 346 -10.70 28.29 32.32
C LEU D 346 -12.22 27.96 32.28
N LEU D 347 -12.57 26.70 32.49
CA LEU D 347 -13.94 26.30 32.44
C LEU D 347 -14.76 26.95 33.55
N THR D 348 -15.92 27.46 33.17
CA THR D 348 -16.86 28.09 34.08
C THR D 348 -18.20 27.35 34.08
N TYR D 349 -18.82 27.36 35.25
CA TYR D 349 -20.11 26.71 35.40
C TYR D 349 -21.14 27.33 34.44
N SER D 350 -21.21 28.65 34.31
CA SER D 350 -22.18 29.31 33.44
C SER D 350 -22.04 28.86 31.97
N SER D 351 -20.83 28.56 31.54
CA SER D 351 -20.60 28.15 30.16
C SER D 351 -21.26 26.78 29.79
N PHE D 352 -21.59 26.00 30.83
CA PHE D 352 -22.35 24.75 30.67
C PHE D 352 -23.84 24.88 30.76
N CYS D 353 -24.33 26.14 30.92
CA CYS D 353 -25.76 26.36 31.05
C CYS D 353 -26.24 27.29 29.94
N PRO D 354 -26.88 26.77 28.88
CA PRO D 354 -27.28 27.58 27.76
C PRO D 354 -27.93 28.96 28.09
N PRO D 355 -28.80 29.08 29.10
CA PRO D 355 -29.29 30.39 29.32
C PRO D 355 -28.21 31.39 29.71
N ASP D 356 -27.17 30.93 30.40
CA ASP D 356 -26.10 31.86 30.74
C ASP D 356 -25.06 31.99 29.61
N ASP D 357 -24.69 30.83 29.03
CA ASP D 357 -23.72 30.85 27.91
C ASP D 357 -24.24 31.74 26.80
N LEU D 358 -25.50 31.55 26.43
CA LEU D 358 -26.04 32.23 25.31
C LEU D 358 -26.21 33.74 25.55
N ALA D 359 -26.56 34.12 26.77
CA ALA D 359 -26.65 35.56 27.14
C ALA D 359 -25.25 36.19 27.16
N ASP D 360 -24.26 35.49 27.70
CA ASP D 360 -22.88 36.01 27.82
C ASP D 360 -22.22 36.16 26.45
N ARG D 361 -22.60 35.33 25.48
CA ARG D 361 -22.04 35.47 24.10
C ARG D 361 -22.93 36.31 23.18
N GLY D 362 -24.08 36.78 23.67
CA GLY D 362 -24.88 37.70 22.92
C GLY D 362 -25.68 37.05 21.83
N LEU D 363 -26.06 35.80 22.03
CA LEU D 363 -26.78 35.05 21.02
C LEU D 363 -28.27 34.88 21.33
N LEU D 364 -28.73 35.27 22.52
CA LEU D 364 -30.19 35.23 22.75
C LEU D 364 -30.96 36.13 21.81
N GLY D 365 -32.07 35.66 21.29
CA GLY D 365 -32.79 36.45 20.31
C GLY D 365 -32.15 36.62 18.94
N VAL D 366 -31.01 35.95 18.66
CA VAL D 366 -30.47 35.96 17.28
C VAL D 366 -31.20 34.80 16.64
N GLU D 367 -32.20 35.10 15.79
CA GLU D 367 -33.07 34.02 15.34
C GLU D 367 -32.35 33.04 14.37
N SER D 368 -31.26 33.53 13.77
CA SER D 368 -30.45 32.71 12.86
C SER D 368 -29.69 31.63 13.58
N SER D 369 -29.58 31.72 14.91
CA SER D 369 -29.02 30.61 15.70
C SER D 369 -30.07 29.62 16.04
N PHE D 370 -30.15 28.56 15.24
CA PHE D 370 -30.98 27.43 15.59
C PHE D 370 -30.47 26.64 16.76
N TYR D 371 -29.16 26.70 16.96
CA TYR D 371 -28.55 26.04 18.08
C TYR D 371 -29.12 26.72 19.35
N ALA D 372 -29.11 28.03 19.39
CA ALA D 372 -29.62 28.79 20.56
C ALA D 372 -31.09 28.47 20.84
N GLN D 373 -31.90 28.46 19.78
CA GLN D 373 -33.34 28.22 19.91
C GLN D 373 -33.59 26.89 20.53
N ASP D 374 -32.91 25.87 20.03
CA ASP D 374 -33.09 24.51 20.49
C ASP D 374 -32.44 24.16 21.85
N ALA D 375 -31.24 24.70 22.09
CA ALA D 375 -30.54 24.52 23.34
C ALA D 375 -31.38 25.07 24.50
N LEU D 376 -31.92 26.25 24.35
CA LEU D 376 -32.74 26.80 25.42
C LEU D 376 -34.02 25.98 25.64
N ARG D 377 -34.67 25.53 24.56
CA ARG D 377 -35.82 24.71 24.72
C ARG D 377 -35.49 23.37 25.36
N LEU D 378 -34.38 22.74 24.96
CA LEU D 378 -34.11 21.42 25.49
C LEU D 378 -33.73 21.57 26.98
N TRP D 379 -32.99 22.62 27.29
CA TRP D 379 -32.67 22.94 28.68
C TRP D 379 -33.91 23.05 29.55
N GLU D 380 -34.90 23.78 29.05
CA GLU D 380 -36.13 24.01 29.79
C GLU D 380 -36.88 22.70 30.04
N VAL D 381 -36.93 21.85 29.01
CA VAL D 381 -37.61 20.58 29.14
C VAL D 381 -36.93 19.70 30.16
N ILE D 382 -35.61 19.67 30.08
CA ILE D 382 -34.85 18.91 31.08
C ILE D 382 -35.07 19.53 32.47
N SER D 383 -35.09 20.87 32.54
CA SER D 383 -35.27 21.53 33.83
C SER D 383 -36.58 21.06 34.54
N ARG D 384 -37.66 21.00 33.77
CA ARG D 384 -38.97 20.68 34.39
C ARG D 384 -38.99 19.27 34.86
N TYR D 385 -38.30 18.37 34.13
CA TYR D 385 -38.19 16.99 34.52
C TYR D 385 -37.41 16.87 35.81
N VAL D 386 -36.25 17.56 35.89
CA VAL D 386 -35.42 17.51 37.08
C VAL D 386 -36.21 18.09 38.27
N GLU D 387 -36.87 19.20 38.07
CA GLU D 387 -37.63 19.82 39.15
C GLU D 387 -38.70 18.87 39.68
N GLY D 388 -39.38 18.20 38.76
CA GLY D 388 -40.39 17.17 39.05
C GLY D 388 -39.85 16.15 40.01
N ILE D 389 -38.78 15.48 39.60
CA ILE D 389 -38.15 14.47 40.43
C ILE D 389 -37.65 15.04 41.78
N VAL D 390 -36.94 16.17 41.73
CA VAL D 390 -36.41 16.76 42.95
C VAL D 390 -37.53 17.08 43.97
N SER D 391 -38.63 17.63 43.47
CA SER D 391 -39.77 17.98 44.33
C SER D 391 -40.45 16.79 45.02
N LEU D 392 -40.46 15.63 44.38
CA LEU D 392 -40.94 14.44 45.04
C LEU D 392 -40.07 13.86 46.07
N HIS D 393 -38.79 14.28 46.15
CA HIS D 393 -37.87 13.67 47.08
C HIS D 393 -37.32 14.62 48.07
N TYR D 394 -37.44 15.90 47.82
CA TYR D 394 -36.99 16.92 48.74
C TYR D 394 -38.15 17.87 49.00
N LYS D 395 -38.69 17.89 50.22
CA LYS D 395 -39.89 18.73 50.44
C LYS D 395 -39.51 20.16 50.63
N THR D 396 -38.35 20.38 51.17
CA THR D 396 -37.99 21.75 51.51
C THR D 396 -36.53 22.02 51.17
N ASP D 397 -36.15 23.30 51.15
CA ASP D 397 -34.75 23.63 51.05
C ASP D 397 -33.91 22.98 52.15
N GLU D 398 -34.49 22.82 53.34
CA GLU D 398 -33.76 22.29 54.47
CA GLU D 398 -33.71 22.27 54.45
C GLU D 398 -33.44 20.80 54.20
N SER D 399 -34.35 20.11 53.55
CA SER D 399 -34.05 18.72 53.25
C SER D 399 -32.91 18.56 52.24
N VAL D 400 -32.59 19.59 51.44
CA VAL D 400 -31.41 19.54 50.57
C VAL D 400 -30.16 19.72 51.40
N LYS D 401 -30.16 20.77 52.23
CA LYS D 401 -29.02 21.04 53.13
C LYS D 401 -28.65 19.93 54.00
N GLU D 402 -29.67 19.25 54.52
CA GLU D 402 -29.45 18.15 55.39
C GLU D 402 -28.97 16.89 54.73
N ASP D 403 -28.96 16.81 53.39
CA ASP D 403 -28.51 15.60 52.72
C ASP D 403 -26.99 15.61 52.58
N PHE D 404 -26.29 15.01 53.56
CA PHE D 404 -24.83 15.13 53.62
C PHE D 404 -24.13 14.38 52.49
N GLU D 405 -24.76 13.31 51.96
CA GLU D 405 -24.21 12.65 50.76
C GLU D 405 -24.16 13.63 49.58
N LEU D 406 -25.28 14.31 49.34
CA LEU D 406 -25.38 15.24 48.26
C LEU D 406 -24.35 16.33 48.40
N GLN D 407 -24.20 16.85 49.62
CA GLN D 407 -23.21 17.92 49.82
C GLN D 407 -21.79 17.47 49.53
N ALA D 408 -21.44 16.26 49.99
CA ALA D 408 -20.10 15.74 49.75
C ALA D 408 -19.88 15.46 48.23
N TRP D 409 -20.96 15.06 47.53
CA TRP D 409 -20.87 14.77 46.11
C TRP D 409 -20.57 16.01 45.32
N CYS D 410 -21.20 17.12 45.70
CA CYS D 410 -21.01 18.39 45.03
CA CYS D 410 -20.90 18.22 44.80
C CYS D 410 -19.59 18.88 45.17
N ARG D 411 -19.15 18.76 46.42
CA ARG D 411 -17.83 19.25 46.83
C ARG D 411 -16.70 18.40 46.26
N GLU D 412 -16.82 17.09 46.26
CA GLU D 412 -15.83 16.27 45.60
C GLU D 412 -15.76 16.54 44.09
N PHE D 413 -16.89 16.60 43.41
CA PHE D 413 -16.91 17.00 42.00
C PHE D 413 -16.06 18.26 41.67
N THR D 414 -16.34 19.35 42.38
CA THR D 414 -15.73 20.63 42.12
C THR D 414 -14.35 20.75 42.65
N GLU D 415 -14.11 20.25 43.87
CA GLU D 415 -12.73 20.39 44.47
C GLU D 415 -11.72 19.39 43.99
N ILE D 416 -12.12 18.12 43.78
CA ILE D 416 -11.21 17.09 43.32
C ILE D 416 -11.28 16.88 41.79
N GLY D 417 -12.46 16.58 41.28
CA GLY D 417 -12.57 16.22 39.87
C GLY D 417 -12.24 17.39 39.01
N LEU D 418 -12.75 18.55 39.37
CA LEU D 418 -12.47 19.76 38.59
C LEU D 418 -11.29 20.61 39.06
N LEU D 419 -10.46 20.09 39.94
CA LEU D 419 -9.15 20.72 40.28
C LEU D 419 -9.29 22.01 41.11
N GLY D 420 -10.37 22.16 41.87
CA GLY D 420 -10.58 23.42 42.58
C GLY D 420 -11.29 24.50 41.84
N ALA D 421 -12.53 24.24 41.39
CA ALA D 421 -13.18 25.14 40.42
C ALA D 421 -14.25 25.99 41.05
N GLN D 422 -14.28 26.03 42.37
CA GLN D 422 -15.26 26.86 43.06
C GLN D 422 -15.19 28.33 42.63
N ASP D 423 -14.00 28.87 42.40
CA ASP D 423 -13.96 30.30 41.97
C ASP D 423 -14.40 30.53 40.54
N ARG D 424 -14.68 29.45 39.81
CA ARG D 424 -15.28 29.59 38.51
C ARG D 424 -16.74 29.14 38.48
N GLY D 425 -17.41 29.19 39.63
CA GLY D 425 -18.89 29.10 39.74
C GLY D 425 -19.43 27.69 39.98
N PHE D 426 -18.56 26.69 39.97
CA PHE D 426 -19.02 25.32 40.24
C PHE D 426 -19.38 25.16 41.74
N PRO D 427 -20.48 24.47 42.03
CA PRO D 427 -20.93 24.48 43.43
C PRO D 427 -20.16 23.50 44.32
N VAL D 428 -19.99 23.89 45.57
CA VAL D 428 -19.36 22.99 46.54
C VAL D 428 -20.37 22.65 47.65
N SER D 429 -21.51 23.32 47.62
CA SER D 429 -22.62 23.04 48.46
C SER D 429 -23.90 23.38 47.66
N LEU D 430 -24.99 22.76 48.10
CA LEU D 430 -26.31 22.93 47.51
C LEU D 430 -27.24 23.29 48.68
N GLN D 431 -27.69 24.54 48.65
CA GLN D 431 -28.29 25.17 49.82
C GLN D 431 -29.80 25.39 49.65
N SER D 432 -30.38 24.89 48.54
CA SER D 432 -31.80 24.94 48.24
C SER D 432 -32.24 23.93 47.17
N LYS D 433 -33.55 23.80 47.03
CA LYS D 433 -34.12 23.00 45.96
C LYS D 433 -33.77 23.61 44.61
N GLU D 434 -33.76 24.91 44.52
CA GLU D 434 -33.43 25.55 43.30
C GLU D 434 -32.00 25.29 42.87
N GLN D 435 -31.05 25.35 43.79
CA GLN D 435 -29.65 25.18 43.43
C GLN D 435 -29.45 23.73 43.00
N LEU D 436 -30.10 22.77 43.67
CA LEU D 436 -29.94 21.37 43.28
C LEU D 436 -30.50 21.12 41.87
N CYS D 437 -31.69 21.68 41.59
CA CYS D 437 -32.29 21.52 40.30
C CYS D 437 -31.38 22.05 39.20
N HIS D 438 -30.80 23.23 39.41
CA HIS D 438 -29.97 23.87 38.41
C HIS D 438 -28.71 23.01 38.13
N PHE D 439 -28.03 22.52 39.18
CA PHE D 439 -26.83 21.73 39.06
C PHE D 439 -27.16 20.35 38.34
N VAL D 440 -28.21 19.65 38.80
CA VAL D 440 -28.62 18.39 38.13
C VAL D 440 -29.03 18.61 36.66
N THR D 441 -29.73 19.72 36.36
CA THR D 441 -30.03 20.06 34.97
C THR D 441 -28.75 20.25 34.18
N MET D 442 -27.81 20.99 34.72
CA MET D 442 -26.51 21.10 34.08
C MET D 442 -25.85 19.74 33.83
N CYS D 443 -25.88 18.86 34.79
CA CYS D 443 -25.27 17.59 34.65
C CYS D 443 -25.92 16.78 33.52
N ILE D 444 -27.24 16.73 33.51
CA ILE D 444 -27.94 15.98 32.47
C ILE D 444 -27.73 16.60 31.05
N PHE D 445 -27.83 17.91 30.93
CA PHE D 445 -27.55 18.57 29.68
C PHE D 445 -26.14 18.30 29.16
N THR D 446 -25.17 18.26 30.05
CA THR D 446 -23.79 18.03 29.66
C THR D 446 -23.61 16.61 29.04
N CYS D 447 -24.28 15.65 29.56
CA CYS D 447 -24.22 14.28 29.13
C CYS D 447 -25.05 14.02 27.88
N THR D 448 -25.93 14.97 27.51
CA THR D 448 -26.89 14.73 26.48
C THR D 448 -26.73 15.82 25.39
N GLY D 449 -27.43 16.93 25.53
CA GLY D 449 -27.42 17.97 24.55
C GLY D 449 -26.10 18.65 24.32
N GLN D 450 -25.32 18.86 25.38
CA GLN D 450 -24.02 19.48 25.22
C GLN D 450 -23.15 18.66 24.28
N HIS D 451 -23.19 17.36 24.47
CA HIS D 451 -22.38 16.47 23.66
C HIS D 451 -22.99 16.34 22.26
N SER D 452 -24.34 16.16 22.13
CA SER D 452 -24.95 15.95 20.79
C SER D 452 -24.74 17.14 19.87
N SER D 453 -24.89 18.36 20.42
CA SER D 453 -24.70 19.53 19.66
C SER D 453 -23.26 19.70 19.16
N ASN D 454 -22.27 19.06 19.79
CA ASN D 454 -20.88 19.18 19.38
C ASN D 454 -20.36 17.84 18.72
N HIS D 455 -21.13 16.77 18.76
CA HIS D 455 -20.74 15.52 18.08
C HIS D 455 -21.41 15.28 16.73
N LEU D 456 -22.73 15.55 16.65
CA LEU D 456 -23.50 15.17 15.52
C LEU D 456 -23.14 15.91 14.20
N GLY D 457 -22.50 17.06 14.27
CA GLY D 457 -22.09 17.76 13.09
C GLY D 457 -20.97 17.08 12.31
N GLN D 458 -20.19 16.22 12.98
CA GLN D 458 -18.94 15.76 12.39
C GLN D 458 -19.26 15.07 11.04
N LEU D 459 -20.25 14.20 11.04
CA LEU D 459 -20.61 13.44 9.79
C LEU D 459 -20.99 14.35 8.66
N ASP D 460 -21.59 15.50 8.98
CA ASP D 460 -22.11 16.39 7.94
C ASP D 460 -21.08 17.38 7.42
N TRP D 461 -20.19 17.79 8.32
CA TRP D 461 -19.29 18.95 8.04
C TRP D 461 -17.79 18.57 7.89
N TYR D 462 -17.38 17.43 8.43
CA TYR D 462 -16.01 17.08 8.49
C TYR D 462 -15.62 15.96 7.49
N THR D 463 -16.58 15.35 6.78
CA THR D 463 -16.22 14.36 5.79
C THR D 463 -15.66 14.96 4.49
N TRP D 464 -16.02 16.22 4.16
CA TRP D 464 -15.45 16.97 3.10
C TRP D 464 -14.31 17.71 3.70
N VAL D 465 -13.15 17.09 3.61
CA VAL D 465 -12.01 17.54 4.41
C VAL D 465 -11.61 19.00 4.18
N PRO D 466 -11.67 19.56 2.94
CA PRO D 466 -11.33 20.94 2.86
C PRO D 466 -12.17 21.90 3.75
N ASN D 467 -13.36 21.44 4.07
CA ASN D 467 -14.22 22.26 4.99
C ASN D 467 -13.74 22.17 6.48
N ALA D 468 -12.88 21.20 6.83
CA ALA D 468 -12.42 21.08 8.21
C ALA D 468 -11.03 20.39 8.28
N PRO D 469 -9.98 21.10 7.89
CA PRO D 469 -8.74 20.34 7.74
C PRO D 469 -8.09 19.96 9.04
N CYS D 470 -7.85 18.67 9.27
CA CYS D 470 -7.29 18.26 10.54
C CYS D 470 -5.90 18.80 10.75
N THR D 471 -5.17 19.03 9.65
CA THR D 471 -3.80 19.60 9.73
C THR D 471 -3.56 20.56 8.55
N MET D 472 -2.49 21.33 8.60
CA MET D 472 -2.03 22.19 7.54
C MET D 472 -0.49 22.03 7.47
N ARG D 473 0.05 22.08 6.24
CA ARG D 473 1.40 21.57 5.96
C ARG D 473 2.29 22.62 5.42
N LEU D 474 1.83 23.86 5.41
CA LEU D 474 2.66 25.06 5.11
C LEU D 474 2.31 26.16 6.08
N PRO D 475 3.20 27.15 6.27
CA PRO D 475 2.82 28.17 7.26
C PRO D 475 1.66 29.03 6.75
N PRO D 476 0.89 29.65 7.65
CA PRO D 476 -0.16 30.50 7.22
C PRO D 476 0.41 31.62 6.35
N PRO D 477 -0.30 32.02 5.30
CA PRO D 477 0.15 33.05 4.38
C PRO D 477 0.38 34.40 5.04
N THR D 478 1.46 35.02 4.66
CA THR D 478 1.81 36.36 5.11
C THR D 478 1.77 37.31 3.89
N THR D 479 1.34 36.86 2.72
CA THR D 479 1.27 37.69 1.53
C THR D 479 -0.03 37.33 0.88
N LYS D 480 -0.34 37.97 -0.23
CA LYS D 480 -1.53 37.68 -0.99
C LYS D 480 -1.22 37.08 -2.40
N ASP D 481 -0.28 36.13 -2.43
CA ASP D 481 0.24 35.48 -3.65
C ASP D 481 -0.22 34.02 -3.87
N ALA D 482 -1.02 33.44 -2.97
CA ALA D 482 -1.36 32.02 -3.10
C ALA D 482 -1.95 31.64 -4.42
N THR D 483 -1.68 30.44 -4.89
CA THR D 483 -2.26 29.87 -6.11
C THR D 483 -2.85 28.53 -5.71
N LEU D 484 -3.45 27.80 -6.64
CA LEU D 484 -3.99 26.51 -6.36
C LEU D 484 -2.91 25.61 -5.78
N GLU D 485 -1.67 25.74 -6.26
CA GLU D 485 -0.62 24.84 -5.78
C GLU D 485 -0.34 25.09 -4.30
N THR D 486 -0.39 26.37 -3.85
CA THR D 486 -0.20 26.71 -2.45
C THR D 486 -1.26 26.07 -1.55
N VAL D 487 -2.53 26.20 -1.99
CA VAL D 487 -3.66 25.58 -1.32
C VAL D 487 -3.51 24.07 -1.26
N MET D 488 -3.16 23.38 -2.34
CA MET D 488 -3.00 21.92 -2.23
C MET D 488 -1.83 21.53 -1.33
N ALA D 489 -0.79 22.35 -1.31
CA ALA D 489 0.38 22.08 -0.50
C ALA D 489 0.09 22.27 1.01
N THR D 490 -0.83 23.16 1.35
CA THR D 490 -1.19 23.43 2.70
C THR D 490 -2.15 22.41 3.22
N LEU D 491 -3.22 22.10 2.46
CA LEU D 491 -4.19 21.11 2.87
C LEU D 491 -3.66 19.67 3.11
N PRO D 492 -4.34 18.89 3.98
CA PRO D 492 -3.93 17.55 4.30
C PRO D 492 -3.62 16.76 3.01
N ASN D 493 -2.62 15.91 3.13
CA ASN D 493 -2.41 14.91 2.07
C ASN D 493 -3.51 13.91 2.04
N PHE D 494 -3.52 13.03 1.04
CA PHE D 494 -4.60 12.11 0.93
C PHE D 494 -4.72 11.12 2.04
N HIS D 495 -3.59 10.74 2.64
CA HIS D 495 -3.67 9.84 3.77
C HIS D 495 -4.34 10.48 5.04
N GLN D 496 -3.85 11.64 5.39
CA GLN D 496 -4.42 12.41 6.50
C GLN D 496 -5.91 12.64 6.28
N ALA D 497 -6.27 13.12 5.09
CA ALA D 497 -7.68 13.39 4.73
C ALA D 497 -8.54 12.11 4.82
N SER D 498 -8.00 10.99 4.37
CA SER D 498 -8.71 9.74 4.53
C SER D 498 -8.85 9.26 5.89
N LEU D 499 -7.79 9.40 6.74
CA LEU D 499 -7.91 9.04 8.09
C LEU D 499 -8.94 9.93 8.80
N GLN D 500 -8.95 11.21 8.48
CA GLN D 500 -9.96 12.09 9.05
C GLN D 500 -11.37 11.58 8.71
N MET D 501 -11.56 11.17 7.46
CA MET D 501 -12.87 10.61 7.07
C MET D 501 -13.21 9.35 7.82
N SER D 502 -12.22 8.46 7.98
CA SER D 502 -12.53 7.17 8.58
C SER D 502 -12.99 7.33 10.07
N ILE D 503 -12.29 8.17 10.83
CA ILE D 503 -12.62 8.37 12.19
C ILE D 503 -13.90 9.21 12.38
N THR D 504 -14.08 10.26 11.60
CA THR D 504 -15.38 10.97 11.55
C THR D 504 -16.59 10.02 11.25
N TRP D 505 -16.44 9.09 10.33
CA TRP D 505 -17.46 8.15 10.01
C TRP D 505 -17.63 7.23 11.18
N GLN D 506 -16.56 6.78 11.82
CA GLN D 506 -16.70 5.82 12.90
C GLN D 506 -17.50 6.40 14.06
N LEU D 507 -17.30 7.68 14.28
CA LEU D 507 -18.01 8.39 15.35
C LEU D 507 -19.42 8.93 14.98
N GLY D 508 -19.58 9.30 13.71
CA GLY D 508 -20.73 10.03 13.20
C GLY D 508 -21.81 9.18 12.60
N ARG D 509 -21.46 7.95 12.24
CA ARG D 509 -22.31 7.01 11.57
C ARG D 509 -23.54 6.69 12.39
N CYS D 510 -24.60 6.24 11.74
CA CYS D 510 -25.84 5.85 12.45
C CYS D 510 -25.47 4.80 13.49
N GLN D 511 -25.97 4.95 14.70
CA GLN D 511 -25.57 4.15 15.82
C GLN D 511 -26.70 3.18 16.16
N PRO D 512 -26.57 1.89 15.76
CA PRO D 512 -27.71 1.00 16.09
C PRO D 512 -27.97 0.73 17.61
N THR D 513 -26.97 0.88 18.46
CA THR D 513 -27.19 0.68 19.90
C THR D 513 -27.54 2.00 20.65
N MET D 514 -27.72 3.08 19.94
CA MET D 514 -28.10 4.36 20.63
C MET D 514 -29.38 4.28 21.42
N VAL D 515 -29.37 4.91 22.60
CA VAL D 515 -30.56 5.17 23.34
C VAL D 515 -30.80 6.69 23.24
N ALA D 516 -31.97 7.13 22.76
CA ALA D 516 -32.27 8.55 22.59
C ALA D 516 -32.66 9.16 23.97
N LEU D 517 -32.64 10.48 24.07
CA LEU D 517 -32.84 11.17 25.32
C LEU D 517 -34.17 10.75 25.96
N GLY D 518 -34.07 10.27 27.18
CA GLY D 518 -35.21 9.90 28.01
C GLY D 518 -35.72 8.50 27.74
N GLN D 519 -35.09 7.78 26.84
CA GLN D 519 -35.60 6.44 26.42
C GLN D 519 -34.96 5.25 27.07
N HIS D 520 -34.23 5.43 28.17
CA HIS D 520 -33.67 4.30 28.84
C HIS D 520 -34.81 3.33 29.28
N GLU D 521 -34.54 2.04 29.18
CA GLU D 521 -35.57 0.99 29.42
C GLU D 521 -35.66 0.62 30.89
N GLU D 522 -34.58 0.83 31.63
CA GLU D 522 -34.52 0.51 33.02
C GLU D 522 -35.42 1.43 33.81
N GLU D 523 -36.15 0.85 34.76
CA GLU D 523 -37.04 1.59 35.62
C GLU D 523 -36.39 1.86 36.97
N TYR D 524 -35.85 3.06 37.18
CA TYR D 524 -35.14 3.39 38.44
C TYR D 524 -36.04 3.83 39.59
N PHE D 525 -37.17 4.43 39.26
CA PHE D 525 -38.17 4.81 40.22
C PHE D 525 -39.46 3.98 40.05
N SER D 526 -39.86 3.26 41.10
CA SER D 526 -41.09 2.47 41.05
C SER D 526 -42.41 3.24 41.35
N GLY D 527 -42.38 4.38 42.01
CA GLY D 527 -43.63 5.06 42.33
C GLY D 527 -44.37 5.64 41.12
N PRO D 528 -45.68 5.83 41.24
CA PRO D 528 -46.44 6.44 40.17
C PRO D 528 -46.18 7.96 40.04
N GLY D 529 -45.76 8.61 41.10
CA GLY D 529 -45.28 9.98 40.98
C GLY D 529 -44.10 10.16 40.04
N PRO D 530 -42.98 9.51 40.36
CA PRO D 530 -41.80 9.59 39.47
C PRO D 530 -42.07 9.11 38.05
N LYS D 531 -42.91 8.09 37.94
CA LYS D 531 -43.37 7.63 36.65
C LYS D 531 -44.14 8.67 35.87
N ALA D 532 -45.08 9.39 36.48
CA ALA D 532 -45.80 10.46 35.81
C ALA D 532 -44.83 11.61 35.32
N VAL D 533 -43.83 11.92 36.16
CA VAL D 533 -42.89 13.00 35.83
C VAL D 533 -42.07 12.59 34.57
N LEU D 534 -41.64 11.33 34.52
CA LEU D 534 -40.89 10.75 33.38
C LEU D 534 -41.74 10.68 32.11
N THR D 535 -43.02 10.26 32.28
CA THR D 535 -43.96 10.32 31.14
C THR D 535 -44.14 11.71 30.57
N LYS D 536 -44.17 12.70 31.44
CA LYS D 536 -44.32 14.09 31.00
C LYS D 536 -43.01 14.58 30.29
N PHE D 537 -41.90 14.08 30.78
CA PHE D 537 -40.57 14.44 30.17
C PHE D 537 -40.58 13.92 28.75
N ARG D 538 -41.02 12.69 28.60
CA ARG D 538 -41.09 12.05 27.29
C ARG D 538 -42.02 12.74 26.34
N GLU D 539 -43.20 13.10 26.80
CA GLU D 539 -44.14 13.86 25.99
C GLU D 539 -43.62 15.21 25.59
N GLU D 540 -43.01 15.94 26.51
CA GLU D 540 -42.46 17.26 26.19
C GLU D 540 -41.29 17.16 25.20
N LEU D 541 -40.48 16.11 25.32
CA LEU D 541 -39.44 15.86 24.30
C LEU D 541 -40.02 15.55 22.91
N ALA D 542 -41.05 14.70 22.87
CA ALA D 542 -41.69 14.34 21.61
C ALA D 542 -42.27 15.59 20.95
N ALA D 543 -42.90 16.44 21.76
CA ALA D 543 -43.42 17.71 21.27
C ALA D 543 -42.33 18.64 20.73
N LEU D 544 -41.22 18.78 21.45
CA LEU D 544 -40.14 19.59 20.95
C LEU D 544 -39.61 18.98 19.66
N ASP D 545 -39.48 17.65 19.60
CA ASP D 545 -38.95 17.02 18.40
C ASP D 545 -39.81 17.43 17.17
N LYS D 546 -41.13 17.37 17.36
CA LYS D 546 -42.07 17.67 16.29
C LYS D 546 -41.97 19.14 15.91
N ASP D 547 -41.83 20.07 16.86
CA ASP D 547 -41.77 21.50 16.53
C ASP D 547 -40.50 21.81 15.70
N ILE D 548 -39.42 21.13 16.03
CA ILE D 548 -38.14 21.28 15.30
C ILE D 548 -38.24 20.69 13.89
N GLU D 549 -38.82 19.49 13.81
CA GLU D 549 -39.06 18.81 12.54
C GLU D 549 -39.87 19.73 11.63
N VAL D 550 -40.95 20.32 12.13
CA VAL D 550 -41.69 21.33 11.36
C VAL D 550 -40.94 22.59 10.96
N ARG D 551 -40.17 23.23 11.87
CA ARG D 551 -39.37 24.37 11.50
C ARG D 551 -38.33 23.92 10.40
N ASN D 552 -37.71 22.76 10.62
CA ASN D 552 -36.68 22.23 9.72
C ASN D 552 -37.18 22.02 8.29
N ALA D 553 -38.38 21.41 8.11
CA ALA D 553 -38.98 21.28 6.73
C ALA D 553 -39.07 22.60 5.90
N LYS D 554 -39.04 23.74 6.53
CA LYS D 554 -39.02 25.02 5.85
C LYS D 554 -37.61 25.60 5.59
N LEU D 555 -36.55 24.93 6.09
CA LEU D 555 -35.21 25.49 5.98
C LEU D 555 -34.46 24.82 4.82
N ALA D 556 -33.60 25.60 4.15
CA ALA D 556 -32.62 25.09 3.16
C ALA D 556 -31.72 24.07 3.83
N LEU D 557 -31.27 24.43 5.03
CA LEU D 557 -30.39 23.59 5.81
C LEU D 557 -30.98 23.26 7.20
N PRO D 558 -31.66 22.11 7.32
CA PRO D 558 -32.23 21.73 8.62
C PRO D 558 -31.20 21.62 9.73
N TYR D 559 -31.53 22.12 10.96
CA TYR D 559 -30.62 22.02 12.12
C TYR D 559 -31.13 20.91 12.96
N GLU D 560 -30.41 19.80 12.98
CA GLU D 560 -30.89 18.57 13.52
C GLU D 560 -30.30 18.19 14.90
N TYR D 561 -29.27 18.89 15.37
CA TYR D 561 -28.37 18.26 16.39
C TYR D 561 -28.87 18.30 17.87
N LEU D 562 -29.92 19.08 18.12
CA LEU D 562 -30.56 19.11 19.42
C LEU D 562 -31.99 18.56 19.45
N ARG D 563 -32.41 17.88 18.39
CA ARG D 563 -33.77 17.32 18.33
C ARG D 563 -33.76 16.18 19.28
N PRO D 564 -34.77 16.05 20.20
CA PRO D 564 -34.64 14.97 21.14
C PRO D 564 -34.50 13.56 20.55
N SER D 565 -35.09 13.35 19.38
CA SER D 565 -34.95 12.03 18.72
C SER D 565 -33.50 11.72 18.28
N ARG D 566 -32.66 12.76 18.25
CA ARG D 566 -31.25 12.58 17.83
C ARG D 566 -30.27 12.69 18.98
N VAL D 567 -30.70 13.32 20.06
CA VAL D 567 -29.86 13.53 21.17
C VAL D 567 -29.72 12.19 21.89
N GLU D 568 -28.48 11.71 22.04
CA GLU D 568 -28.27 10.45 22.81
C GLU D 568 -28.41 10.70 24.33
N ASN D 569 -28.81 9.66 25.05
CA ASN D 569 -29.12 9.74 26.45
C ASN D 569 -27.88 9.82 27.35
N SER D 570 -26.71 9.59 26.77
CA SER D 570 -25.44 9.68 27.43
C SER D 570 -24.32 9.98 26.38
N VAL D 571 -23.09 10.25 26.87
CA VAL D 571 -21.94 10.35 26.02
C VAL D 571 -21.41 8.93 25.79
N ALA D 572 -21.70 8.37 24.63
CA ALA D 572 -21.34 6.98 24.34
C ALA D 572 -20.51 6.77 23.09
N ILE D 573 -20.19 7.83 22.39
CA ILE D 573 -19.44 7.74 21.11
C ILE D 573 -18.73 9.08 20.94
#